data_1D4I
# 
_entry.id   1D4I 
# 
_audit_conform.dict_name       mmcif_pdbx.dic 
_audit_conform.dict_version    5.385 
_audit_conform.dict_location   http://mmcif.pdb.org/dictionaries/ascii/mmcif_pdbx.dic 
# 
loop_
_database_2.database_id 
_database_2.database_code 
_database_2.pdbx_database_accession 
_database_2.pdbx_DOI 
PDB   1D4I         pdb_00001d4i 10.2210/pdb1d4i/pdb 
RCSB  RCSB009782   ?            ?                   
WWPDB D_1000009782 ?            ?                   
# 
loop_
_pdbx_audit_revision_history.ordinal 
_pdbx_audit_revision_history.data_content_type 
_pdbx_audit_revision_history.major_revision 
_pdbx_audit_revision_history.minor_revision 
_pdbx_audit_revision_history.revision_date 
1 'Structure model' 1 0 2002-06-26 
2 'Structure model' 1 1 2008-04-27 
3 'Structure model' 1 2 2011-07-13 
4 'Structure model' 1 3 2024-02-07 
# 
_pdbx_audit_revision_details.ordinal             1 
_pdbx_audit_revision_details.revision_ordinal    1 
_pdbx_audit_revision_details.data_content_type   'Structure model' 
_pdbx_audit_revision_details.provider            repository 
_pdbx_audit_revision_details.type                'Initial release' 
_pdbx_audit_revision_details.description         ? 
_pdbx_audit_revision_details.details             ? 
# 
loop_
_pdbx_audit_revision_group.ordinal 
_pdbx_audit_revision_group.revision_ordinal 
_pdbx_audit_revision_group.data_content_type 
_pdbx_audit_revision_group.group 
1 2 'Structure model' 'Version format compliance' 
2 3 'Structure model' 'Version format compliance' 
3 4 'Structure model' 'Data collection'           
4 4 'Structure model' 'Database references'       
5 4 'Structure model' 'Derived calculations'      
# 
loop_
_pdbx_audit_revision_category.ordinal 
_pdbx_audit_revision_category.revision_ordinal 
_pdbx_audit_revision_category.data_content_type 
_pdbx_audit_revision_category.category 
1 4 'Structure model' chem_comp_atom 
2 4 'Structure model' chem_comp_bond 
3 4 'Structure model' database_2     
4 4 'Structure model' struct_site    
# 
loop_
_pdbx_audit_revision_item.ordinal 
_pdbx_audit_revision_item.revision_ordinal 
_pdbx_audit_revision_item.data_content_type 
_pdbx_audit_revision_item.item 
1 4 'Structure model' '_database_2.pdbx_DOI'                
2 4 'Structure model' '_database_2.pdbx_database_accession' 
3 4 'Structure model' '_struct_site.pdbx_auth_asym_id'      
4 4 'Structure model' '_struct_site.pdbx_auth_comp_id'      
5 4 'Structure model' '_struct_site.pdbx_auth_seq_id'       
# 
_pdbx_database_status.status_code                     REL 
_pdbx_database_status.entry_id                        1D4I 
_pdbx_database_status.recvd_initial_deposition_date   1999-10-04 
_pdbx_database_status.deposit_site                    RCSB 
_pdbx_database_status.process_site                    RCSB 
_pdbx_database_status.status_code_sf                  REL 
_pdbx_database_status.status_code_mr                  ? 
_pdbx_database_status.SG_entry                        ? 
_pdbx_database_status.pdb_format_compatible           Y 
_pdbx_database_status.status_code_cs                  ? 
_pdbx_database_status.status_code_nmr_data            ? 
_pdbx_database_status.methods_development_category    ? 
# 
loop_
_pdbx_database_related.db_name 
_pdbx_database_related.db_id 
_pdbx_database_related.details 
_pdbx_database_related.content_type 
PDB 1AJV 'same protein complexed with the cyclic sulfamide inhibitor aha006' unspecified 
PDB 1AJX 'same protein complexed with the cyclic urea inhibitor aha001'      unspecified 
PDB 1D4H 'same protein complexed with BEA435'                                unspecified 
PDB 1D4I 'same protein complexed with BEA425'                                unspecified 
PDB 1D4J 'same protein complexed with MSL370'                                unspecified 
# 
_audit_author.name           'Unge, T.' 
_audit_author.pdbx_ordinal   1 
# 
_citation.id                        primary 
_citation.title                     'Optimization of P1-P3 groups in symmetric and asymmetric HIV-1 protease inhibitors.' 
_citation.journal_abbrev            Eur.J.Biochem. 
_citation.journal_volume            270 
_citation.page_first                1746 
_citation.page_last                 1758 
_citation.year                      2003 
_citation.journal_id_ASTM           EJBCAI 
_citation.country                   IX 
_citation.journal_id_ISSN           0014-2956 
_citation.journal_id_CSD            0262 
_citation.book_publisher            ? 
_citation.pdbx_database_id_PubMed   12694187 
_citation.pdbx_database_id_DOI      10.1046/j.1432-1033.2003.03533.x 
# 
loop_
_citation_author.citation_id 
_citation_author.name 
_citation_author.ordinal 
_citation_author.identifier_ORCID 
primary 'Andersson, H.O.'  1  ? 
primary 'Fridborg, K.'     2  ? 
primary 'Lowgren, S.'      3  ? 
primary 'Alterman, M.'     4  ? 
primary 'Muhlman, A.'      5  ? 
primary 'Bjorsne, M.'      6  ? 
primary 'Garg, N.'         7  ? 
primary 'Kvarnstrom, I.'   8  ? 
primary 'Schaal, W.'       9  ? 
primary 'Classon, B.'      10 ? 
primary 'Danielsson, U.H.' 11 ? 
primary 'Ahlsen, G.'       12 ? 
primary 'Nillroth, U.'     13 ? 
primary 'Vrang, L.'        14 ? 
primary 'Oberg, B.'        15 ? 
primary 'Samuelsson, B.'   16 ? 
primary 'Hallberg, A.'     17 ? 
primary 'Unge, T.'         18 ? 
# 
loop_
_entity.id 
_entity.type 
_entity.src_method 
_entity.pdbx_description 
_entity.formula_weight 
_entity.pdbx_number_of_molecules 
_entity.pdbx_ec 
_entity.pdbx_mutation 
_entity.pdbx_fragment 
_entity.details 
1 polymer     man 'HIV-1 PROTEASE'                                                                10803.756 2   3.4.23.16 ? ? ? 
2 non-polymer syn '2,5-DIBENZYLOXY-3-HYDROXY-HEXANEDIOIC ACID BIS-[(2-HYDROXY-INDAN-1-YL)-AMIDE]' 636.733   1   ?         ? ? ? 
3 water       nat water                                                                           18.015    133 ?         ? ? ? 
# 
_entity_poly.entity_id                      1 
_entity_poly.type                           'polypeptide(L)' 
_entity_poly.nstd_linkage                   no 
_entity_poly.nstd_monomer                   no 
_entity_poly.pdbx_seq_one_letter_code       
;PQITLWQRPLVTIKIGGQLKEALLDTGADDTVLEEMSLPGRWKPKMIGGIGGFIKVRQYDQILIEICGHKAIGTVLVGPT
PVNIIGRNLLTQIGCTLNF
;
_entity_poly.pdbx_seq_one_letter_code_can   
;PQITLWQRPLVTIKIGGQLKEALLDTGADDTVLEEMSLPGRWKPKMIGGIGGFIKVRQYDQILIEICGHKAIGTVLVGPT
PVNIIGRNLLTQIGCTLNF
;
_entity_poly.pdbx_strand_id                 A,B 
_entity_poly.pdbx_target_identifier         ? 
# 
loop_
_pdbx_entity_nonpoly.entity_id 
_pdbx_entity_nonpoly.name 
_pdbx_entity_nonpoly.comp_id 
2 '2,5-DIBENZYLOXY-3-HYDROXY-HEXANEDIOIC ACID BIS-[(2-HYDROXY-INDAN-1-YL)-AMIDE]' BEG 
3 water                                                                           HOH 
# 
loop_
_entity_poly_seq.entity_id 
_entity_poly_seq.num 
_entity_poly_seq.mon_id 
_entity_poly_seq.hetero 
1 1  PRO n 
1 2  GLN n 
1 3  ILE n 
1 4  THR n 
1 5  LEU n 
1 6  TRP n 
1 7  GLN n 
1 8  ARG n 
1 9  PRO n 
1 10 LEU n 
1 11 VAL n 
1 12 THR n 
1 13 ILE n 
1 14 LYS n 
1 15 ILE n 
1 16 GLY n 
1 17 GLY n 
1 18 GLN n 
1 19 LEU n 
1 20 LYS n 
1 21 GLU n 
1 22 ALA n 
1 23 LEU n 
1 24 LEU n 
1 25 ASP n 
1 26 THR n 
1 27 GLY n 
1 28 ALA n 
1 29 ASP n 
1 30 ASP n 
1 31 THR n 
1 32 VAL n 
1 33 LEU n 
1 34 GLU n 
1 35 GLU n 
1 36 MET n 
1 37 SER n 
1 38 LEU n 
1 39 PRO n 
1 40 GLY n 
1 41 ARG n 
1 42 TRP n 
1 43 LYS n 
1 44 PRO n 
1 45 LYS n 
1 46 MET n 
1 47 ILE n 
1 48 GLY n 
1 49 GLY n 
1 50 ILE n 
1 51 GLY n 
1 52 GLY n 
1 53 PHE n 
1 54 ILE n 
1 55 LYS n 
1 56 VAL n 
1 57 ARG n 
1 58 GLN n 
1 59 TYR n 
1 60 ASP n 
1 61 GLN n 
1 62 ILE n 
1 63 LEU n 
1 64 ILE n 
1 65 GLU n 
1 66 ILE n 
1 67 CYS n 
1 68 GLY n 
1 69 HIS n 
1 70 LYS n 
1 71 ALA n 
1 72 ILE n 
1 73 GLY n 
1 74 THR n 
1 75 VAL n 
1 76 LEU n 
1 77 VAL n 
1 78 GLY n 
1 79 PRO n 
1 80 THR n 
1 81 PRO n 
1 82 VAL n 
1 83 ASN n 
1 84 ILE n 
1 85 ILE n 
1 86 GLY n 
1 87 ARG n 
1 88 ASN n 
1 89 LEU n 
1 90 LEU n 
1 91 THR n 
1 92 GLN n 
1 93 ILE n 
1 94 GLY n 
1 95 CYS n 
1 96 THR n 
1 97 LEU n 
1 98 ASN n 
1 99 PHE n 
# 
_entity_src_gen.entity_id                          1 
_entity_src_gen.pdbx_src_id                        1 
_entity_src_gen.pdbx_alt_source_flag               sample 
_entity_src_gen.pdbx_seq_type                      ? 
_entity_src_gen.pdbx_beg_seq_num                   ? 
_entity_src_gen.pdbx_end_seq_num                   ? 
_entity_src_gen.gene_src_common_name               ? 
_entity_src_gen.gene_src_genus                     Lentivirus 
_entity_src_gen.pdbx_gene_src_gene                 ? 
_entity_src_gen.gene_src_species                   ? 
_entity_src_gen.gene_src_strain                    BH10 
_entity_src_gen.gene_src_tissue                    ? 
_entity_src_gen.gene_src_tissue_fraction           ? 
_entity_src_gen.gene_src_details                   ? 
_entity_src_gen.pdbx_gene_src_fragment             ? 
_entity_src_gen.pdbx_gene_src_scientific_name      'Human immunodeficiency virus' 
_entity_src_gen.pdbx_gene_src_ncbi_taxonomy_id     12721 
_entity_src_gen.pdbx_gene_src_variant              ? 
_entity_src_gen.pdbx_gene_src_cell_line            ? 
_entity_src_gen.pdbx_gene_src_atcc                 ? 
_entity_src_gen.pdbx_gene_src_organ                ? 
_entity_src_gen.pdbx_gene_src_organelle            ? 
_entity_src_gen.pdbx_gene_src_cell                 ? 
_entity_src_gen.pdbx_gene_src_cellular_location    ? 
_entity_src_gen.host_org_common_name               ? 
_entity_src_gen.pdbx_host_org_scientific_name      'Escherichia coli' 
_entity_src_gen.pdbx_host_org_ncbi_taxonomy_id     562 
_entity_src_gen.host_org_genus                     Escherichia 
_entity_src_gen.pdbx_host_org_gene                 ? 
_entity_src_gen.pdbx_host_org_organ                ? 
_entity_src_gen.host_org_species                   ? 
_entity_src_gen.pdbx_host_org_tissue               ? 
_entity_src_gen.pdbx_host_org_tissue_fraction      ? 
_entity_src_gen.pdbx_host_org_strain               ? 
_entity_src_gen.pdbx_host_org_variant              ? 
_entity_src_gen.pdbx_host_org_cell_line            ? 
_entity_src_gen.pdbx_host_org_atcc                 ? 
_entity_src_gen.pdbx_host_org_culture_collection   ? 
_entity_src_gen.pdbx_host_org_cell                 ? 
_entity_src_gen.pdbx_host_org_organelle            ? 
_entity_src_gen.pdbx_host_org_cellular_location    ? 
_entity_src_gen.pdbx_host_org_vector_type          ? 
_entity_src_gen.pdbx_host_org_vector               ? 
_entity_src_gen.host_org_details                   ? 
_entity_src_gen.expression_system_id               ? 
_entity_src_gen.plasmid_name                       PET11C 
_entity_src_gen.plasmid_details                    ? 
_entity_src_gen.pdbx_description                   ? 
# 
loop_
_chem_comp.id 
_chem_comp.type 
_chem_comp.mon_nstd_flag 
_chem_comp.name 
_chem_comp.pdbx_synonyms 
_chem_comp.formula 
_chem_comp.formula_weight 
ALA 'L-peptide linking' y ALANINE                                                                         ?                  
'C3 H7 N O2'     89.093  
ARG 'L-peptide linking' y ARGININE                                                                        ?                  
'C6 H15 N4 O2 1' 175.209 
ASN 'L-peptide linking' y ASPARAGINE                                                                      ?                  
'C4 H8 N2 O3'    132.118 
ASP 'L-peptide linking' y 'ASPARTIC ACID'                                                                 ?                  
'C4 H7 N O4'     133.103 
BEG non-polymer         . '2,5-DIBENZYLOXY-3-HYDROXY-HEXANEDIOIC ACID BIS-[(2-HYDROXY-INDAN-1-YL)-AMIDE]' 'INHIBITOR BEA425' 
'C38 H40 N2 O7'  636.733 
CYS 'L-peptide linking' y CYSTEINE                                                                        ?                  
'C3 H7 N O2 S'   121.158 
GLN 'L-peptide linking' y GLUTAMINE                                                                       ?                  
'C5 H10 N2 O3'   146.144 
GLU 'L-peptide linking' y 'GLUTAMIC ACID'                                                                 ?                  
'C5 H9 N O4'     147.129 
GLY 'peptide linking'   y GLYCINE                                                                         ?                  
'C2 H5 N O2'     75.067  
HIS 'L-peptide linking' y HISTIDINE                                                                       ?                  
'C6 H10 N3 O2 1' 156.162 
HOH non-polymer         . WATER                                                                           ?                  
'H2 O'           18.015  
ILE 'L-peptide linking' y ISOLEUCINE                                                                      ?                  
'C6 H13 N O2'    131.173 
LEU 'L-peptide linking' y LEUCINE                                                                         ?                  
'C6 H13 N O2'    131.173 
LYS 'L-peptide linking' y LYSINE                                                                          ?                  
'C6 H15 N2 O2 1' 147.195 
MET 'L-peptide linking' y METHIONINE                                                                      ?                  
'C5 H11 N O2 S'  149.211 
PHE 'L-peptide linking' y PHENYLALANINE                                                                   ?                  
'C9 H11 N O2'    165.189 
PRO 'L-peptide linking' y PROLINE                                                                         ?                  
'C5 H9 N O2'     115.130 
SER 'L-peptide linking' y SERINE                                                                          ?                  
'C3 H7 N O3'     105.093 
THR 'L-peptide linking' y THREONINE                                                                       ?                  
'C4 H9 N O3'     119.119 
TRP 'L-peptide linking' y TRYPTOPHAN                                                                      ?                  
'C11 H12 N2 O2'  204.225 
TYR 'L-peptide linking' y TYROSINE                                                                        ?                  
'C9 H11 N O3'    181.189 
VAL 'L-peptide linking' y VALINE                                                                          ?                  
'C5 H11 N O2'    117.146 
# 
loop_
_pdbx_poly_seq_scheme.asym_id 
_pdbx_poly_seq_scheme.entity_id 
_pdbx_poly_seq_scheme.seq_id 
_pdbx_poly_seq_scheme.mon_id 
_pdbx_poly_seq_scheme.ndb_seq_num 
_pdbx_poly_seq_scheme.pdb_seq_num 
_pdbx_poly_seq_scheme.auth_seq_num 
_pdbx_poly_seq_scheme.pdb_mon_id 
_pdbx_poly_seq_scheme.auth_mon_id 
_pdbx_poly_seq_scheme.pdb_strand_id 
_pdbx_poly_seq_scheme.pdb_ins_code 
_pdbx_poly_seq_scheme.hetero 
A 1 1  PRO 1  1   1   PRO PRO A . n 
A 1 2  GLN 2  2   2   GLN GLN A . n 
A 1 3  ILE 3  3   3   ILE ILE A . n 
A 1 4  THR 4  4   4   THR THR A . n 
A 1 5  LEU 5  5   5   LEU LEU A . n 
A 1 6  TRP 6  6   6   TRP TRP A . n 
A 1 7  GLN 7  7   7   GLN GLN A . n 
A 1 8  ARG 8  8   8   ARG ARG A . n 
A 1 9  PRO 9  9   9   PRO PRO A . n 
A 1 10 LEU 10 10  10  LEU LEU A . n 
A 1 11 VAL 11 11  11  VAL VAL A . n 
A 1 12 THR 12 12  12  THR THR A . n 
A 1 13 ILE 13 13  13  ILE ILE A . n 
A 1 14 LYS 14 14  14  LYS LYS A . n 
A 1 15 ILE 15 15  15  ILE ILE A . n 
A 1 16 GLY 16 16  16  GLY GLY A . n 
A 1 17 GLY 17 17  17  GLY GLY A . n 
A 1 18 GLN 18 18  18  GLN GLN A . n 
A 1 19 LEU 19 19  19  LEU LEU A . n 
A 1 20 LYS 20 20  20  LYS LYS A . n 
A 1 21 GLU 21 21  21  GLU GLU A . n 
A 1 22 ALA 22 22  22  ALA ALA A . n 
A 1 23 LEU 23 23  23  LEU LEU A . n 
A 1 24 LEU 24 24  24  LEU LEU A . n 
A 1 25 ASP 25 25  25  ASP ASP A . n 
A 1 26 THR 26 26  26  THR THR A . n 
A 1 27 GLY 27 27  27  GLY GLY A . n 
A 1 28 ALA 28 28  28  ALA ALA A . n 
A 1 29 ASP 29 29  29  ASP ASP A . n 
A 1 30 ASP 30 30  30  ASP ASP A . n 
A 1 31 THR 31 31  31  THR THR A . n 
A 1 32 VAL 32 32  32  VAL VAL A . n 
A 1 33 LEU 33 33  33  LEU LEU A . n 
A 1 34 GLU 34 34  34  GLU GLU A . n 
A 1 35 GLU 35 35  35  GLU GLU A . n 
A 1 36 MET 36 36  36  MET MET A . n 
A 1 37 SER 37 37  37  SER SER A . n 
A 1 38 LEU 38 38  38  LEU LEU A . n 
A 1 39 PRO 39 39  39  PRO PRO A . n 
A 1 40 GLY 40 40  40  GLY GLY A . n 
A 1 41 ARG 41 41  41  ARG ARG A . n 
A 1 42 TRP 42 42  42  TRP TRP A . n 
A 1 43 LYS 43 43  43  LYS LYS A . n 
A 1 44 PRO 44 44  44  PRO PRO A . n 
A 1 45 LYS 45 45  45  LYS LYS A . n 
A 1 46 MET 46 46  46  MET MET A . n 
A 1 47 ILE 47 47  47  ILE ILE A . n 
A 1 48 GLY 48 48  48  GLY GLY A . n 
A 1 49 GLY 49 49  49  GLY GLY A . n 
A 1 50 ILE 50 50  50  ILE ILE A . n 
A 1 51 GLY 51 51  51  GLY GLY A . n 
A 1 52 GLY 52 52  52  GLY GLY A . n 
A 1 53 PHE 53 53  53  PHE PHE A . n 
A 1 54 ILE 54 54  54  ILE ILE A . n 
A 1 55 LYS 55 55  55  LYS LYS A . n 
A 1 56 VAL 56 56  56  VAL VAL A . n 
A 1 57 ARG 57 57  57  ARG ARG A . n 
A 1 58 GLN 58 58  58  GLN GLN A . n 
A 1 59 TYR 59 59  59  TYR TYR A . n 
A 1 60 ASP 60 60  60  ASP ASP A . n 
A 1 61 GLN 61 61  61  GLN GLN A . n 
A 1 62 ILE 62 62  62  ILE ILE A . n 
A 1 63 LEU 63 63  63  LEU LEU A . n 
A 1 64 ILE 64 64  64  ILE ILE A . n 
A 1 65 GLU 65 65  65  GLU GLU A . n 
A 1 66 ILE 66 66  66  ILE ILE A . n 
A 1 67 CYS 67 67  67  CYS CYS A . n 
A 1 68 GLY 68 68  68  GLY GLY A . n 
A 1 69 HIS 69 69  69  HIS HIS A . n 
A 1 70 LYS 70 70  70  LYS LYS A . n 
A 1 71 ALA 71 71  71  ALA ALA A . n 
A 1 72 ILE 72 72  72  ILE ILE A . n 
A 1 73 GLY 73 73  73  GLY GLY A . n 
A 1 74 THR 74 74  74  THR THR A . n 
A 1 75 VAL 75 75  75  VAL VAL A . n 
A 1 76 LEU 76 76  76  LEU LEU A . n 
A 1 77 VAL 77 77  77  VAL VAL A . n 
A 1 78 GLY 78 78  78  GLY GLY A . n 
A 1 79 PRO 79 79  79  PRO PRO A . n 
A 1 80 THR 80 80  80  THR THR A . n 
A 1 81 PRO 81 81  81  PRO PRO A . n 
A 1 82 VAL 82 82  82  VAL VAL A . n 
A 1 83 ASN 83 83  83  ASN ASN A . n 
A 1 84 ILE 84 84  84  ILE ILE A . n 
A 1 85 ILE 85 85  85  ILE ILE A . n 
A 1 86 GLY 86 86  86  GLY GLY A . n 
A 1 87 ARG 87 87  87  ARG ARG A . n 
A 1 88 ASN 88 88  88  ASN ASN A . n 
A 1 89 LEU 89 89  89  LEU LEU A . n 
A 1 90 LEU 90 90  90  LEU LEU A . n 
A 1 91 THR 91 91  91  THR THR A . n 
A 1 92 GLN 92 92  92  GLN GLN A . n 
A 1 93 ILE 93 93  93  ILE ILE A . n 
A 1 94 GLY 94 94  94  GLY GLY A . n 
A 1 95 CYS 95 95  95  CYS CYS A . n 
A 1 96 THR 96 96  96  THR THR A . n 
A 1 97 LEU 97 97  97  LEU LEU A . n 
A 1 98 ASN 98 98  98  ASN ASN A . n 
A 1 99 PHE 99 99  99  PHE PHE A . n 
B 1 1  PRO 1  101 101 PRO PRO B . n 
B 1 2  GLN 2  102 102 GLN GLN B . n 
B 1 3  ILE 3  103 103 ILE ILE B . n 
B 1 4  THR 4  104 104 THR THR B . n 
B 1 5  LEU 5  105 105 LEU LEU B . n 
B 1 6  TRP 6  106 106 TRP TRP B . n 
B 1 7  GLN 7  107 107 GLN GLN B . n 
B 1 8  ARG 8  108 108 ARG ARG B . n 
B 1 9  PRO 9  109 109 PRO PRO B . n 
B 1 10 LEU 10 110 110 LEU LEU B . n 
B 1 11 VAL 11 111 111 VAL VAL B . n 
B 1 12 THR 12 112 112 THR THR B . n 
B 1 13 ILE 13 113 113 ILE ILE B . n 
B 1 14 LYS 14 114 114 LYS LYS B . n 
B 1 15 ILE 15 115 115 ILE ILE B . n 
B 1 16 GLY 16 116 116 GLY GLY B . n 
B 1 17 GLY 17 117 117 GLY GLY B . n 
B 1 18 GLN 18 118 118 GLN GLN B . n 
B 1 19 LEU 19 119 119 LEU LEU B . n 
B 1 20 LYS 20 120 120 LYS LYS B . n 
B 1 21 GLU 21 121 121 GLU GLU B . n 
B 1 22 ALA 22 122 122 ALA ALA B . n 
B 1 23 LEU 23 123 123 LEU LEU B . n 
B 1 24 LEU 24 124 124 LEU LEU B . n 
B 1 25 ASP 25 125 125 ASP ASP B . n 
B 1 26 THR 26 126 126 THR THR B . n 
B 1 27 GLY 27 127 127 GLY GLY B . n 
B 1 28 ALA 28 128 128 ALA ALA B . n 
B 1 29 ASP 29 129 129 ASP ASP B . n 
B 1 30 ASP 30 130 130 ASP ASP B . n 
B 1 31 THR 31 131 131 THR THR B . n 
B 1 32 VAL 32 132 132 VAL VAL B . n 
B 1 33 LEU 33 133 133 LEU LEU B . n 
B 1 34 GLU 34 134 134 GLU GLU B . n 
B 1 35 GLU 35 135 135 GLU GLU B . n 
B 1 36 MET 36 136 136 MET MET B . n 
B 1 37 SER 37 137 137 SER SER B . n 
B 1 38 LEU 38 138 138 LEU LEU B . n 
B 1 39 PRO 39 139 139 PRO PRO B . n 
B 1 40 GLY 40 140 140 GLY GLY B . n 
B 1 41 ARG 41 141 141 ARG ARG B . n 
B 1 42 TRP 42 142 142 TRP TRP B . n 
B 1 43 LYS 43 143 143 LYS LYS B . n 
B 1 44 PRO 44 144 144 PRO PRO B . n 
B 1 45 LYS 45 145 145 LYS LYS B . n 
B 1 46 MET 46 146 146 MET MET B . n 
B 1 47 ILE 47 147 147 ILE ILE B . n 
B 1 48 GLY 48 148 148 GLY GLY B . n 
B 1 49 GLY 49 149 149 GLY GLY B . n 
B 1 50 ILE 50 150 150 ILE ILE B . n 
B 1 51 GLY 51 151 151 GLY GLY B . n 
B 1 52 GLY 52 152 152 GLY GLY B . n 
B 1 53 PHE 53 153 153 PHE PHE B . n 
B 1 54 ILE 54 154 154 ILE ILE B . n 
B 1 55 LYS 55 155 155 LYS LYS B . n 
B 1 56 VAL 56 156 156 VAL VAL B . n 
B 1 57 ARG 57 157 157 ARG ARG B . n 
B 1 58 GLN 58 158 158 GLN GLN B . n 
B 1 59 TYR 59 159 159 TYR TYR B . n 
B 1 60 ASP 60 160 160 ASP ASP B . n 
B 1 61 GLN 61 161 161 GLN GLN B . n 
B 1 62 ILE 62 162 162 ILE ILE B . n 
B 1 63 LEU 63 163 163 LEU LEU B . n 
B 1 64 ILE 64 164 164 ILE ILE B . n 
B 1 65 GLU 65 165 165 GLU GLU B . n 
B 1 66 ILE 66 166 166 ILE ILE B . n 
B 1 67 CYS 67 167 167 CYS CYS B . n 
B 1 68 GLY 68 168 168 GLY GLY B . n 
B 1 69 HIS 69 169 169 HIS HIS B . n 
B 1 70 LYS 70 170 170 LYS LYS B . n 
B 1 71 ALA 71 171 171 ALA ALA B . n 
B 1 72 ILE 72 172 172 ILE ILE B . n 
B 1 73 GLY 73 173 173 GLY GLY B . n 
B 1 74 THR 74 174 174 THR THR B . n 
B 1 75 VAL 75 175 175 VAL VAL B . n 
B 1 76 LEU 76 176 176 LEU LEU B . n 
B 1 77 VAL 77 177 177 VAL VAL B . n 
B 1 78 GLY 78 178 178 GLY GLY B . n 
B 1 79 PRO 79 179 179 PRO PRO B . n 
B 1 80 THR 80 180 180 THR THR B . n 
B 1 81 PRO 81 181 181 PRO PRO B . n 
B 1 82 VAL 82 182 182 VAL VAL B . n 
B 1 83 ASN 83 183 183 ASN ASN B . n 
B 1 84 ILE 84 184 184 ILE ILE B . n 
B 1 85 ILE 85 185 185 ILE ILE B . n 
B 1 86 GLY 86 186 186 GLY GLY B . n 
B 1 87 ARG 87 187 187 ARG ARG B . n 
B 1 88 ASN 88 188 188 ASN ASN B . n 
B 1 89 LEU 89 189 189 LEU LEU B . n 
B 1 90 LEU 90 190 190 LEU LEU B . n 
B 1 91 THR 91 191 191 THR THR B . n 
B 1 92 GLN 92 192 192 GLN GLN B . n 
B 1 93 ILE 93 193 193 ILE ILE B . n 
B 1 94 GLY 94 194 194 GLY GLY B . n 
B 1 95 CYS 95 195 195 CYS CYS B . n 
B 1 96 THR 96 196 196 THR THR B . n 
B 1 97 LEU 97 197 197 LEU LEU B . n 
B 1 98 ASN 98 198 198 ASN ASN B . n 
B 1 99 PHE 99 199 199 PHE PHE B . n 
# 
loop_
_pdbx_nonpoly_scheme.asym_id 
_pdbx_nonpoly_scheme.entity_id 
_pdbx_nonpoly_scheme.mon_id 
_pdbx_nonpoly_scheme.ndb_seq_num 
_pdbx_nonpoly_scheme.pdb_seq_num 
_pdbx_nonpoly_scheme.auth_seq_num 
_pdbx_nonpoly_scheme.pdb_mon_id 
_pdbx_nonpoly_scheme.auth_mon_id 
_pdbx_nonpoly_scheme.pdb_strand_id 
_pdbx_nonpoly_scheme.pdb_ins_code 
C 2 BEG 1  501 501 BEG BEG A . 
D 3 HOH 1  301 301 HOH HOH A . 
D 3 HOH 2  303 303 HOH HOH A . 
D 3 HOH 3  312 312 HOH HOH A . 
D 3 HOH 4  313 313 HOH HOH A . 
D 3 HOH 5  318 318 HOH HOH A . 
D 3 HOH 6  319 319 HOH HOH A . 
D 3 HOH 7  320 320 HOH HOH A . 
D 3 HOH 8  321 321 HOH HOH A . 
D 3 HOH 9  322 322 HOH HOH A . 
D 3 HOH 10 323 323 HOH HOH A . 
D 3 HOH 11 326 326 HOH HOH A . 
D 3 HOH 12 327 327 HOH HOH A . 
D 3 HOH 13 329 329 HOH HOH A . 
D 3 HOH 14 337 337 HOH HOH A . 
D 3 HOH 15 338 338 HOH HOH A . 
D 3 HOH 16 339 339 HOH HOH A . 
D 3 HOH 17 340 340 HOH HOH A . 
D 3 HOH 18 345 345 HOH HOH A . 
D 3 HOH 19 346 346 HOH HOH A . 
D 3 HOH 20 350 350 HOH HOH A . 
D 3 HOH 21 352 352 HOH HOH A . 
D 3 HOH 22 354 354 HOH HOH A . 
D 3 HOH 23 355 355 HOH HOH A . 
D 3 HOH 24 356 356 HOH HOH A . 
D 3 HOH 25 358 358 HOH HOH A . 
D 3 HOH 26 359 359 HOH HOH A . 
D 3 HOH 27 360 360 HOH HOH A . 
D 3 HOH 28 361 361 HOH HOH A . 
D 3 HOH 29 364 364 HOH HOH A . 
D 3 HOH 30 365 365 HOH HOH A . 
D 3 HOH 31 368 368 HOH HOH A . 
D 3 HOH 32 369 369 HOH HOH A . 
D 3 HOH 33 371 371 HOH HOH A . 
D 3 HOH 34 372 372 HOH HOH A . 
D 3 HOH 35 373 373 HOH HOH A . 
D 3 HOH 36 381 381 HOH HOH A . 
D 3 HOH 37 382 382 HOH HOH A . 
D 3 HOH 38 385 385 HOH HOH A . 
D 3 HOH 39 391 391 HOH HOH A . 
D 3 HOH 40 394 394 HOH HOH A . 
D 3 HOH 41 396 396 HOH HOH A . 
D 3 HOH 42 398 398 HOH HOH A . 
D 3 HOH 43 399 399 HOH HOH A . 
D 3 HOH 44 403 403 HOH HOH A . 
D 3 HOH 45 406 406 HOH HOH A . 
D 3 HOH 46 407 407 HOH HOH A . 
D 3 HOH 47 408 408 HOH HOH A . 
D 3 HOH 48 409 409 HOH HOH A . 
D 3 HOH 49 416 416 HOH HOH A . 
D 3 HOH 50 418 418 HOH HOH A . 
D 3 HOH 51 421 421 HOH HOH A . 
D 3 HOH 52 426 426 HOH HOH A . 
D 3 HOH 53 430 430 HOH HOH A . 
D 3 HOH 54 433 433 HOH HOH A . 
D 3 HOH 55 434 434 HOH HOH A . 
E 3 HOH 1  302 302 HOH HOH B . 
E 3 HOH 2  304 304 HOH HOH B . 
E 3 HOH 3  305 305 HOH HOH B . 
E 3 HOH 4  306 306 HOH HOH B . 
E 3 HOH 5  307 307 HOH HOH B . 
E 3 HOH 6  308 308 HOH HOH B . 
E 3 HOH 7  309 309 HOH HOH B . 
E 3 HOH 8  310 310 HOH HOH B . 
E 3 HOH 9  311 311 HOH HOH B . 
E 3 HOH 10 314 314 HOH HOH B . 
E 3 HOH 11 315 315 HOH HOH B . 
E 3 HOH 12 316 316 HOH HOH B . 
E 3 HOH 13 317 317 HOH HOH B . 
E 3 HOH 14 324 324 HOH HOH B . 
E 3 HOH 15 325 325 HOH HOH B . 
E 3 HOH 16 328 328 HOH HOH B . 
E 3 HOH 17 330 330 HOH HOH B . 
E 3 HOH 18 331 331 HOH HOH B . 
E 3 HOH 19 332 332 HOH HOH B . 
E 3 HOH 20 333 333 HOH HOH B . 
E 3 HOH 21 334 334 HOH HOH B . 
E 3 HOH 22 335 335 HOH HOH B . 
E 3 HOH 23 336 336 HOH HOH B . 
E 3 HOH 24 341 341 HOH HOH B . 
E 3 HOH 25 342 342 HOH HOH B . 
E 3 HOH 26 343 343 HOH HOH B . 
E 3 HOH 27 344 344 HOH HOH B . 
E 3 HOH 28 347 347 HOH HOH B . 
E 3 HOH 29 348 348 HOH HOH B . 
E 3 HOH 30 349 349 HOH HOH B . 
E 3 HOH 31 351 351 HOH HOH B . 
E 3 HOH 32 353 353 HOH HOH B . 
E 3 HOH 33 357 357 HOH HOH B . 
E 3 HOH 34 362 362 HOH HOH B . 
E 3 HOH 35 363 363 HOH HOH B . 
E 3 HOH 36 367 367 HOH HOH B . 
E 3 HOH 37 370 370 HOH HOH B . 
E 3 HOH 38 374 374 HOH HOH B . 
E 3 HOH 39 375 375 HOH HOH B . 
E 3 HOH 40 376 376 HOH HOH B . 
E 3 HOH 41 377 377 HOH HOH B . 
E 3 HOH 42 378 378 HOH HOH B . 
E 3 HOH 43 379 379 HOH HOH B . 
E 3 HOH 44 380 380 HOH HOH B . 
E 3 HOH 45 383 383 HOH HOH B . 
E 3 HOH 46 384 384 HOH HOH B . 
E 3 HOH 47 386 386 HOH HOH B . 
E 3 HOH 48 387 387 HOH HOH B . 
E 3 HOH 49 388 388 HOH HOH B . 
E 3 HOH 50 389 389 HOH HOH B . 
E 3 HOH 51 390 390 HOH HOH B . 
E 3 HOH 52 392 392 HOH HOH B . 
E 3 HOH 53 393 393 HOH HOH B . 
E 3 HOH 54 395 395 HOH HOH B . 
E 3 HOH 55 397 397 HOH HOH B . 
E 3 HOH 56 400 400 HOH HOH B . 
E 3 HOH 57 401 401 HOH HOH B . 
E 3 HOH 58 402 402 HOH HOH B . 
E 3 HOH 59 404 404 HOH HOH B . 
E 3 HOH 60 405 405 HOH HOH B . 
E 3 HOH 61 410 410 HOH HOH B . 
E 3 HOH 62 411 411 HOH HOH B . 
E 3 HOH 63 412 412 HOH HOH B . 
E 3 HOH 64 413 413 HOH HOH B . 
E 3 HOH 65 414 414 HOH HOH B . 
E 3 HOH 66 415 415 HOH HOH B . 
E 3 HOH 67 417 417 HOH HOH B . 
E 3 HOH 68 419 419 HOH HOH B . 
E 3 HOH 69 420 420 HOH HOH B . 
E 3 HOH 70 422 422 HOH HOH B . 
E 3 HOH 71 423 423 HOH HOH B . 
E 3 HOH 72 424 424 HOH HOH B . 
E 3 HOH 73 425 425 HOH HOH B . 
E 3 HOH 74 427 427 HOH HOH B . 
E 3 HOH 75 428 428 HOH HOH B . 
E 3 HOH 76 429 429 HOH HOH B . 
E 3 HOH 77 431 431 HOH HOH B . 
E 3 HOH 78 432 432 HOH HOH B . 
# 
loop_
_software.name 
_software.classification 
_software.version 
_software.citation_id 
_software.pdbx_ordinal 
DENZO     'data reduction' . ? 1 
SCALEPACK 'data scaling'   . ? 2 
CNS       refinement       . ? 3 
CNS       phasing          . ? 4 
# 
_cell.entry_id           1D4I 
_cell.length_a           58.619 
_cell.length_b           86.315 
_cell.length_c           46.686 
_cell.angle_alpha        90.00 
_cell.angle_beta         90.00 
_cell.angle_gamma        90.00 
_cell.Z_PDB              8 
_cell.pdbx_unique_axis   ? 
# 
_symmetry.entry_id                         1D4I 
_symmetry.space_group_name_H-M             'P 21 21 2' 
_symmetry.pdbx_full_space_group_name_H-M   ? 
_symmetry.cell_setting                     ? 
_symmetry.Int_Tables_number                18 
_symmetry.space_group_name_Hall            ? 
# 
_exptl.entry_id          1D4I 
_exptl.method            'X-RAY DIFFRACTION' 
_exptl.crystals_number   8 
# 
_exptl_crystal.id                    1 
_exptl_crystal.density_meas          ? 
_exptl_crystal.density_Matthews      2.73 
_exptl_crystal.density_percent_sol   54.99 
_exptl_crystal.description           ? 
_exptl_crystal.F_000                 ? 
_exptl_crystal.preparation           ? 
# 
_exptl_crystal_grow.crystal_id      1 
_exptl_crystal_grow.method          'VAPOR DIFFUSION, HANGING DROP' 
_exptl_crystal_grow.temp            277 
_exptl_crystal_grow.temp_details    ? 
_exptl_crystal_grow.pH              5.5 
_exptl_crystal_grow.pdbx_details    'sodium chloride, MES, pH 5.5, VAPOR DIFFUSION, HANGING DROP, temperature 277K' 
_exptl_crystal_grow.pdbx_pH_range   . 
# 
_diffrn.id                     1 
_diffrn.ambient_temp           277.0 
_diffrn.ambient_temp_details   ? 
_diffrn.crystal_id             1 
# 
_diffrn_detector.diffrn_id              1 
_diffrn_detector.detector               'IMAGE PLATE' 
_diffrn_detector.type                   MARRESEARCH 
_diffrn_detector.pdbx_collection_date   1998-10-15 
_diffrn_detector.details                ? 
# 
_diffrn_radiation.diffrn_id                        1 
_diffrn_radiation.wavelength_id                    1 
_diffrn_radiation.pdbx_monochromatic_or_laue_m_l   M 
_diffrn_radiation.monochromator                    ? 
_diffrn_radiation.pdbx_diffrn_protocol             'SINGLE WAVELENGTH' 
_diffrn_radiation.pdbx_scattering_type             x-ray 
# 
_diffrn_radiation_wavelength.id           1 
_diffrn_radiation_wavelength.wavelength   1.375 
_diffrn_radiation_wavelength.wt           1.0 
# 
_diffrn_source.diffrn_id                   1 
_diffrn_source.source                      SYNCHROTRON 
_diffrn_source.type                        'LURE BEAMLINE D41A' 
_diffrn_source.pdbx_synchrotron_site       LURE 
_diffrn_source.pdbx_synchrotron_beamline   D41A 
_diffrn_source.pdbx_wavelength             1.375 
_diffrn_source.pdbx_wavelength_list        ? 
# 
_reflns.entry_id                     1D4I 
_reflns.observed_criterion_sigma_I   1.0 
_reflns.observed_criterion_sigma_F   1.0 
_reflns.d_resolution_low             27.88 
_reflns.d_resolution_high            1.81 
_reflns.number_obs                   21735 
_reflns.number_all                   22257 
_reflns.percent_possible_obs         97.5 
_reflns.pdbx_Rmerge_I_obs            0.092 
_reflns.pdbx_Rsym_value              ? 
_reflns.pdbx_netI_over_sigmaI        7.5 
_reflns.B_iso_Wilson_estimate        11.4 
_reflns.pdbx_redundancy              4.4 
_reflns.R_free_details               ? 
_reflns.limit_h_max                  ? 
_reflns.limit_h_min                  ? 
_reflns.limit_k_max                  ? 
_reflns.limit_k_min                  ? 
_reflns.limit_l_max                  ? 
_reflns.limit_l_min                  ? 
_reflns.observed_criterion_F_max     ? 
_reflns.observed_criterion_F_min     ? 
_reflns.pdbx_chi_squared             ? 
_reflns.pdbx_scaling_rejects         ? 
_reflns.pdbx_diffrn_id               1 
_reflns.pdbx_ordinal                 1 
# 
_reflns_shell.d_res_high             1.81 
_reflns_shell.d_res_low              1.92 
_reflns_shell.percent_possible_all   95.6 
_reflns_shell.Rmerge_I_obs           0.249 
_reflns_shell.pdbx_Rsym_value        ? 
_reflns_shell.meanI_over_sigI_obs    ? 
_reflns_shell.pdbx_redundancy        4.4 
_reflns_shell.percent_possible_obs   ? 
_reflns_shell.number_unique_all      3298 
_reflns_shell.number_measured_all    ? 
_reflns_shell.number_measured_obs    ? 
_reflns_shell.number_unique_obs      ? 
_reflns_shell.pdbx_chi_squared       ? 
_reflns_shell.pdbx_diffrn_id         ? 
_reflns_shell.pdbx_ordinal           1 
# 
_refine.entry_id                                 1D4I 
_refine.ls_number_reflns_obs                     21735 
_refine.ls_number_reflns_all                     22257 
_refine.pdbx_ls_sigma_I                          1.0 
_refine.pdbx_ls_sigma_F                          1.0 
_refine.pdbx_data_cutoff_high_absF               1251177.33 
_refine.pdbx_data_cutoff_low_absF                0.00 
_refine.ls_d_res_low                             27.88 
_refine.ls_d_res_high                            1.81 
_refine.ls_percent_reflns_obs                    97.7 
_refine.ls_R_factor_obs                          0.092 
_refine.ls_R_factor_all                          ? 
_refine.ls_R_factor_R_work                       0.191 
_refine.ls_R_factor_R_free                       0.228 
_refine.ls_R_factor_R_free_error                 0.007 
_refine.ls_R_factor_R_free_error_details         ? 
_refine.ls_percent_reflns_R_free                 5.1 
_refine.ls_number_reflns_R_free                  1115 
_refine.ls_number_parameters                     ? 
_refine.ls_number_restraints                     ? 
_refine.occupancy_min                            ? 
_refine.occupancy_max                            ? 
_refine.B_iso_mean                               21.1 
_refine.aniso_B[1][1]                            4.35 
_refine.aniso_B[2][2]                            -3.76 
_refine.aniso_B[3][3]                            -0.59 
_refine.aniso_B[1][2]                            0.00 
_refine.aniso_B[1][3]                            0.00 
_refine.aniso_B[2][3]                            0.00 
_refine.solvent_model_details                    'FLAT MODEL' 
_refine.solvent_model_param_ksol                 0.363 
_refine.solvent_model_param_bsol                 41.23 
_refine.pdbx_ls_cross_valid_method               THROUGHOUT 
_refine.details                                  'Refined with CNS program system' 
_refine.pdbx_starting_model                      ? 
_refine.pdbx_method_to_determine_struct          ? 
_refine.pdbx_isotropic_thermal_model             RESTRAINED 
_refine.pdbx_stereochemistry_target_values       'Engh & Huber' 
_refine.pdbx_stereochem_target_val_spec_case     ? 
_refine.pdbx_R_Free_selection_details            RANDOM 
_refine.pdbx_overall_ESU_R_Free                  ? 
_refine.overall_SU_B                             ? 
_refine.ls_redundancy_reflns_obs                 ? 
_refine.overall_SU_ML                            ? 
_refine.pdbx_overall_ESU_R                       ? 
_refine.pdbx_data_cutoff_high_rms_absF           1251177.33 
_refine.B_iso_min                                ? 
_refine.B_iso_max                                ? 
_refine.correlation_coeff_Fo_to_Fc               ? 
_refine.overall_SU_R_Cruickshank_DPI             ? 
_refine.overall_SU_R_free                        ? 
_refine.correlation_coeff_Fo_to_Fc_free          ? 
_refine.pdbx_solvent_vdw_probe_radii             ? 
_refine.pdbx_solvent_ion_probe_radii             ? 
_refine.pdbx_solvent_shrinkage_radii             ? 
_refine.ls_wR_factor_R_free                      ? 
_refine.ls_wR_factor_R_work                      ? 
_refine.overall_FOM_free_R_set                   ? 
_refine.overall_FOM_work_R_set                   ? 
_refine.pdbx_refine_id                           'X-RAY DIFFRACTION' 
_refine.pdbx_diffrn_id                           1 
_refine.pdbx_TLS_residual_ADP_flag               ? 
_refine.pdbx_overall_phase_error                 ? 
_refine.pdbx_overall_SU_R_free_Cruickshank_DPI   ? 
_refine.pdbx_overall_SU_R_Blow_DPI               ? 
_refine.pdbx_overall_SU_R_free_Blow_DPI          ? 
# 
_refine_analyze.entry_id                        1D4I 
_refine_analyze.Luzzati_coordinate_error_obs    0.20 
_refine_analyze.Luzzati_sigma_a_obs             0.11 
_refine_analyze.Luzzati_d_res_low_obs           5.00 
_refine_analyze.Luzzati_coordinate_error_free   0.24 
_refine_analyze.Luzzati_sigma_a_free            0.14 
_refine_analyze.Luzzati_d_res_low_free          ? 
_refine_analyze.number_disordered_residues      ? 
_refine_analyze.occupancy_sum_hydrogen          ? 
_refine_analyze.occupancy_sum_non_hydrogen      ? 
_refine_analyze.pdbx_Luzzati_d_res_high_obs     ? 
_refine_analyze.pdbx_refine_id                  'X-RAY DIFFRACTION' 
# 
_refine_hist.pdbx_refine_id                   'X-RAY DIFFRACTION' 
_refine_hist.cycle_id                         LAST 
_refine_hist.pdbx_number_atoms_protein        1516 
_refine_hist.pdbx_number_atoms_nucleic_acid   0 
_refine_hist.pdbx_number_atoms_ligand         47 
_refine_hist.number_atoms_solvent             133 
_refine_hist.number_atoms_total               1696 
_refine_hist.d_res_high                       1.81 
_refine_hist.d_res_low                        27.88 
# 
loop_
_refine_ls_restr.type 
_refine_ls_restr.dev_ideal 
_refine_ls_restr.dev_ideal_target 
_refine_ls_restr.weight 
_refine_ls_restr.number 
_refine_ls_restr.pdbx_refine_id 
_refine_ls_restr.pdbx_restraint_function 
c_bond_d                0.007 ?    ? ? 'X-RAY DIFFRACTION' ? 
c_bond_d_na             ?     ?    ? ? 'X-RAY DIFFRACTION' ? 
c_bond_d_prot           ?     ?    ? ? 'X-RAY DIFFRACTION' ? 
c_angle_d               ?     ?    ? ? 'X-RAY DIFFRACTION' ? 
c_angle_d_na            ?     ?    ? ? 'X-RAY DIFFRACTION' ? 
c_angle_d_prot          ?     ?    ? ? 'X-RAY DIFFRACTION' ? 
c_angle_deg             1.2   ?    ? ? 'X-RAY DIFFRACTION' ? 
c_angle_deg_na          ?     ?    ? ? 'X-RAY DIFFRACTION' ? 
c_angle_deg_prot        ?     ?    ? ? 'X-RAY DIFFRACTION' ? 
c_dihedral_angle_d      25.4  ?    ? ? 'X-RAY DIFFRACTION' ? 
c_dihedral_angle_d_na   ?     ?    ? ? 'X-RAY DIFFRACTION' ? 
c_dihedral_angle_d_prot ?     ?    ? ? 'X-RAY DIFFRACTION' ? 
c_improper_angle_d      0.81  ?    ? ? 'X-RAY DIFFRACTION' ? 
c_improper_angle_d_na   ?     ?    ? ? 'X-RAY DIFFRACTION' ? 
c_improper_angle_d_prot ?     ?    ? ? 'X-RAY DIFFRACTION' ? 
c_mcbond_it             0.78  1.50 ? ? 'X-RAY DIFFRACTION' ? 
c_mcangle_it            1.32  2.00 ? ? 'X-RAY DIFFRACTION' ? 
c_scbond_it             1.36  2.00 ? ? 'X-RAY DIFFRACTION' ? 
c_scangle_it            2.13  2.50 ? ? 'X-RAY DIFFRACTION' ? 
# 
_refine_ls_shell.pdbx_total_number_of_bins_used   6 
_refine_ls_shell.d_res_high                       1.81 
_refine_ls_shell.d_res_low                        1.92 
_refine_ls_shell.number_reflns_R_work             3298 
_refine_ls_shell.R_factor_R_work                  0.213 
_refine_ls_shell.percent_reflns_obs               95.6 
_refine_ls_shell.R_factor_R_free                  0.254 
_refine_ls_shell.R_factor_R_free_error            0.019 
_refine_ls_shell.percent_reflns_R_free            5.3 
_refine_ls_shell.number_reflns_R_free             185 
_refine_ls_shell.redundancy_reflns_obs            ? 
_refine_ls_shell.number_reflns_all                ? 
_refine_ls_shell.number_reflns_obs                ? 
_refine_ls_shell.pdbx_refine_id                   'X-RAY DIFFRACTION' 
_refine_ls_shell.R_factor_all                     ? 
# 
loop_
_pdbx_xplor_file.serial_no 
_pdbx_xplor_file.param_file 
_pdbx_xplor_file.topol_file 
_pdbx_xplor_file.pdbx_refine_id 
1 PROTEIN_REP.PARAM PROTEIN.TOP 'X-RAY DIFFRACTION' 
2 WATER_REP.PARAM   BEA425.TOP  'X-RAY DIFFRACTION' 
3 BEA425.PAR        ?           'X-RAY DIFFRACTION' 
# 
_struct.entry_id                  1D4I 
_struct.title                     'HIV-1 protease in complex with the inhibitor BEA425' 
_struct.pdbx_model_details        ? 
_struct.pdbx_CASP_flag            ? 
_struct.pdbx_model_type_details   ? 
# 
_struct_keywords.entry_id        1D4I 
_struct_keywords.pdbx_keywords   HYDROLASE 
_struct_keywords.text            'DIMER, HYDROLASE' 
# 
loop_
_struct_asym.id 
_struct_asym.pdbx_blank_PDB_chainid_flag 
_struct_asym.pdbx_modified 
_struct_asym.entity_id 
_struct_asym.details 
A N N 1 ? 
B N N 1 ? 
C N N 2 ? 
D N N 3 ? 
E N N 3 ? 
# 
_struct_ref.id                         1 
_struct_ref.db_name                    UNP 
_struct_ref.db_code                    POL_HV1B1 
_struct_ref.entity_id                  1 
_struct_ref.pdbx_db_accession          P03366 
_struct_ref.pdbx_align_begin           ? 
_struct_ref.pdbx_seq_one_letter_code   ? 
_struct_ref.pdbx_db_isoform            ? 
# 
loop_
_struct_ref_seq.align_id 
_struct_ref_seq.ref_id 
_struct_ref_seq.pdbx_PDB_id_code 
_struct_ref_seq.pdbx_strand_id 
_struct_ref_seq.seq_align_beg 
_struct_ref_seq.pdbx_seq_align_beg_ins_code 
_struct_ref_seq.seq_align_end 
_struct_ref_seq.pdbx_seq_align_end_ins_code 
_struct_ref_seq.pdbx_db_accession 
_struct_ref_seq.db_align_beg 
_struct_ref_seq.pdbx_db_align_beg_ins_code 
_struct_ref_seq.db_align_end 
_struct_ref_seq.pdbx_db_align_end_ins_code 
_struct_ref_seq.pdbx_auth_seq_align_beg 
_struct_ref_seq.pdbx_auth_seq_align_end 
1 1 1D4I A 1 ? 99 ? P03366 69 ? 167 ? 1   99  
2 1 1D4I B 1 ? 99 ? P03366 69 ? 167 ? 101 199 
# 
_pdbx_struct_assembly.id                   1 
_pdbx_struct_assembly.details              author_and_software_defined_assembly 
_pdbx_struct_assembly.method_details       PISA 
_pdbx_struct_assembly.oligomeric_details   dimeric 
_pdbx_struct_assembly.oligomeric_count     2 
# 
loop_
_pdbx_struct_assembly_prop.biol_id 
_pdbx_struct_assembly_prop.type 
_pdbx_struct_assembly_prop.value 
_pdbx_struct_assembly_prop.details 
1 'ABSA (A^2)' 5100 ? 
1 MORE         -36  ? 
1 'SSA (A^2)'  9360 ? 
# 
_pdbx_struct_assembly_gen.assembly_id       1 
_pdbx_struct_assembly_gen.oper_expression   1 
_pdbx_struct_assembly_gen.asym_id_list      A,B,C,D,E 
# 
_pdbx_struct_oper_list.id                   1 
_pdbx_struct_oper_list.type                 'identity operation' 
_pdbx_struct_oper_list.name                 1_555 
_pdbx_struct_oper_list.symmetry_operation   x,y,z 
_pdbx_struct_oper_list.matrix[1][1]         1.0000000000 
_pdbx_struct_oper_list.matrix[1][2]         0.0000000000 
_pdbx_struct_oper_list.matrix[1][3]         0.0000000000 
_pdbx_struct_oper_list.vector[1]            0.0000000000 
_pdbx_struct_oper_list.matrix[2][1]         0.0000000000 
_pdbx_struct_oper_list.matrix[2][2]         1.0000000000 
_pdbx_struct_oper_list.matrix[2][3]         0.0000000000 
_pdbx_struct_oper_list.vector[2]            0.0000000000 
_pdbx_struct_oper_list.matrix[3][1]         0.0000000000 
_pdbx_struct_oper_list.matrix[3][2]         0.0000000000 
_pdbx_struct_oper_list.matrix[3][3]         1.0000000000 
_pdbx_struct_oper_list.vector[3]            0.0000000000 
# 
_struct_biol.id                    1 
_struct_biol.details               'The biological assembly is a dimer.' 
_struct_biol.pdbx_parent_biol_id   ? 
# 
loop_
_struct_conf.conf_type_id 
_struct_conf.id 
_struct_conf.pdbx_PDB_helix_id 
_struct_conf.beg_label_comp_id 
_struct_conf.beg_label_asym_id 
_struct_conf.beg_label_seq_id 
_struct_conf.pdbx_beg_PDB_ins_code 
_struct_conf.end_label_comp_id 
_struct_conf.end_label_asym_id 
_struct_conf.end_label_seq_id 
_struct_conf.pdbx_end_PDB_ins_code 
_struct_conf.beg_auth_comp_id 
_struct_conf.beg_auth_asym_id 
_struct_conf.beg_auth_seq_id 
_struct_conf.end_auth_comp_id 
_struct_conf.end_auth_asym_id 
_struct_conf.end_auth_seq_id 
_struct_conf.pdbx_PDB_helix_class 
_struct_conf.details 
_struct_conf.pdbx_PDB_helix_length 
HELX_P HELX_P1 1 GLY A 86 ? THR A 91 ? GLY A 86  THR A 91  1 ? 6 
HELX_P HELX_P2 2 GLN A 92 ? GLY A 94 ? GLN A 92  GLY A 94  5 ? 3 
HELX_P HELX_P3 3 GLY B 86 ? THR B 91 ? GLY B 186 THR B 191 1 ? 6 
# 
_struct_conf_type.id          HELX_P 
_struct_conf_type.criteria    ? 
_struct_conf_type.reference   ? 
# 
loop_
_struct_sheet.id 
_struct_sheet.type 
_struct_sheet.number_strands 
_struct_sheet.details 
A ? 4 ? 
B ? 8 ? 
C ? 8 ? 
# 
loop_
_struct_sheet_order.sheet_id 
_struct_sheet_order.range_id_1 
_struct_sheet_order.range_id_2 
_struct_sheet_order.offset 
_struct_sheet_order.sense 
A 1 2 ? anti-parallel 
A 2 3 ? anti-parallel 
A 3 4 ? anti-parallel 
B 1 2 ? anti-parallel 
B 2 3 ? anti-parallel 
B 3 4 ? parallel      
B 4 5 ? anti-parallel 
B 5 6 ? parallel      
B 6 7 ? anti-parallel 
B 7 8 ? anti-parallel 
C 1 2 ? anti-parallel 
C 2 3 ? anti-parallel 
C 3 4 ? anti-parallel 
C 4 5 ? parallel      
C 5 6 ? anti-parallel 
C 6 7 ? parallel      
C 7 8 ? anti-parallel 
# 
loop_
_struct_sheet_range.sheet_id 
_struct_sheet_range.id 
_struct_sheet_range.beg_label_comp_id 
_struct_sheet_range.beg_label_asym_id 
_struct_sheet_range.beg_label_seq_id 
_struct_sheet_range.pdbx_beg_PDB_ins_code 
_struct_sheet_range.end_label_comp_id 
_struct_sheet_range.end_label_asym_id 
_struct_sheet_range.end_label_seq_id 
_struct_sheet_range.pdbx_end_PDB_ins_code 
_struct_sheet_range.beg_auth_comp_id 
_struct_sheet_range.beg_auth_asym_id 
_struct_sheet_range.beg_auth_seq_id 
_struct_sheet_range.end_auth_comp_id 
_struct_sheet_range.end_auth_asym_id 
_struct_sheet_range.end_auth_seq_id 
A 1 GLN A 2  ? ILE A 3  ? GLN A 2   ILE A 3   
A 2 THR B 96 ? ASN B 98 ? THR B 196 ASN B 198 
A 3 THR A 96 ? ASN A 98 ? THR A 96  ASN A 98  
A 4 GLN B 2  ? ILE B 3  ? GLN B 102 ILE B 103 
B 1 LYS A 43 ? GLY A 49 ? LYS A 43  GLY A 49  
B 2 GLY A 52 ? ILE A 66 ? GLY A 52  ILE A 66  
B 3 HIS A 69 ? VAL A 77 ? HIS A 69  VAL A 77  
B 4 VAL A 32 ? LEU A 33 ? VAL A 32  LEU A 33  
B 5 ILE A 84 ? ILE A 85 ? ILE A 84  ILE A 85  
B 6 GLN A 18 ? LEU A 24 ? GLN A 18  LEU A 24  
B 7 LEU A 10 ? ILE A 15 ? LEU A 10  ILE A 15  
B 8 GLY A 52 ? ILE A 66 ? GLY A 52  ILE A 66  
C 1 LYS B 43 ? GLY B 49 ? LYS B 143 GLY B 149 
C 2 GLY B 52 ? ILE B 66 ? GLY B 152 ILE B 166 
C 3 LEU B 10 ? ILE B 15 ? LEU B 110 ILE B 115 
C 4 GLN B 18 ? LEU B 24 ? GLN B 118 LEU B 124 
C 5 ILE B 84 ? ILE B 85 ? ILE B 184 ILE B 185 
C 6 VAL B 32 ? LEU B 33 ? VAL B 132 LEU B 133 
C 7 HIS B 69 ? VAL B 77 ? HIS B 169 VAL B 177 
C 8 GLY B 52 ? ILE B 66 ? GLY B 152 ILE B 166 
# 
loop_
_pdbx_struct_sheet_hbond.sheet_id 
_pdbx_struct_sheet_hbond.range_id_1 
_pdbx_struct_sheet_hbond.range_id_2 
_pdbx_struct_sheet_hbond.range_1_label_atom_id 
_pdbx_struct_sheet_hbond.range_1_label_comp_id 
_pdbx_struct_sheet_hbond.range_1_label_asym_id 
_pdbx_struct_sheet_hbond.range_1_label_seq_id 
_pdbx_struct_sheet_hbond.range_1_PDB_ins_code 
_pdbx_struct_sheet_hbond.range_1_auth_atom_id 
_pdbx_struct_sheet_hbond.range_1_auth_comp_id 
_pdbx_struct_sheet_hbond.range_1_auth_asym_id 
_pdbx_struct_sheet_hbond.range_1_auth_seq_id 
_pdbx_struct_sheet_hbond.range_2_label_atom_id 
_pdbx_struct_sheet_hbond.range_2_label_comp_id 
_pdbx_struct_sheet_hbond.range_2_label_asym_id 
_pdbx_struct_sheet_hbond.range_2_label_seq_id 
_pdbx_struct_sheet_hbond.range_2_PDB_ins_code 
_pdbx_struct_sheet_hbond.range_2_auth_atom_id 
_pdbx_struct_sheet_hbond.range_2_auth_comp_id 
_pdbx_struct_sheet_hbond.range_2_auth_asym_id 
_pdbx_struct_sheet_hbond.range_2_auth_seq_id 
A 1 2 N ILE A 3  ? N ILE A 3   O LEU B 97 ? O LEU B 197 
A 2 3 O ASN B 98 ? O ASN B 198 N THR A 96 ? N THR A 96  
A 3 4 O LEU A 97 ? O LEU A 97  N ILE B 3  ? N ILE B 103 
B 1 2 N GLY A 49 ? N GLY A 49  O GLY A 52 ? O GLY A 52  
B 2 3 N ILE A 66 ? N ILE A 66  O HIS A 69 ? O HIS A 69  
B 3 4 O LEU A 76 ? O LEU A 76  N LEU A 33 ? N LEU A 33  
B 4 5 O VAL A 32 ? O VAL A 32  N ILE A 84 ? N ILE A 84  
B 5 6 N ILE A 85 ? N ILE A 85  O LEU A 23 ? O LEU A 23  
B 6 7 O ALA A 22 ? O ALA A 22  N VAL A 11 ? N VAL A 11  
B 7 8 O LYS A 14 ? O LYS A 14  N GLU A 65 ? N GLU A 65  
C 1 2 N GLY B 49 ? N GLY B 149 O GLY B 52 ? O GLY B 152 
C 2 3 N GLU B 65 ? N GLU B 165 O LYS B 14 ? O LYS B 114 
C 3 4 N ILE B 15 ? N ILE B 115 O GLN B 18 ? O GLN B 118 
C 4 5 O LEU B 23 ? O LEU B 123 N ILE B 85 ? N ILE B 185 
C 5 6 N ILE B 84 ? N ILE B 184 O VAL B 32 ? O VAL B 132 
C 6 7 N LEU B 33 ? N LEU B 133 O LEU B 76 ? O LEU B 176 
C 7 8 O VAL B 77 ? O VAL B 177 N ARG B 57 ? N ARG B 157 
# 
_struct_site.id                   AC1 
_struct_site.pdbx_evidence_code   Software 
_struct_site.pdbx_auth_asym_id    A 
_struct_site.pdbx_auth_comp_id    BEG 
_struct_site.pdbx_auth_seq_id     501 
_struct_site.pdbx_auth_ins_code   ? 
_struct_site.pdbx_num_residues    24 
_struct_site.details              'BINDING SITE FOR RESIDUE BEG A 501' 
# 
loop_
_struct_site_gen.id 
_struct_site_gen.site_id 
_struct_site_gen.pdbx_num_res 
_struct_site_gen.label_comp_id 
_struct_site_gen.label_asym_id 
_struct_site_gen.label_seq_id 
_struct_site_gen.pdbx_auth_ins_code 
_struct_site_gen.auth_comp_id 
_struct_site_gen.auth_asym_id 
_struct_site_gen.auth_seq_id 
_struct_site_gen.label_atom_id 
_struct_site_gen.label_alt_id 
_struct_site_gen.symmetry 
_struct_site_gen.details 
1  AC1 24 ARG A 8  ? ARG A 8   . ? 1_555 ? 
2  AC1 24 ASP A 25 ? ASP A 25  . ? 1_555 ? 
3  AC1 24 GLY A 27 ? GLY A 27  . ? 1_555 ? 
4  AC1 24 ALA A 28 ? ALA A 28  . ? 1_555 ? 
5  AC1 24 ASP A 29 ? ASP A 29  . ? 1_555 ? 
6  AC1 24 ASP A 30 ? ASP A 30  . ? 1_555 ? 
7  AC1 24 GLY A 48 ? GLY A 48  . ? 1_555 ? 
8  AC1 24 GLY A 49 ? GLY A 49  . ? 1_555 ? 
9  AC1 24 VAL A 82 ? VAL A 82  . ? 1_555 ? 
10 AC1 24 ILE A 84 ? ILE A 84  . ? 1_555 ? 
11 AC1 24 HOH D .  ? HOH A 356 . ? 1_555 ? 
12 AC1 24 HOH D .  ? HOH A 361 . ? 1_555 ? 
13 AC1 24 ARG B 8  ? ARG B 108 . ? 1_555 ? 
14 AC1 24 LEU B 23 ? LEU B 123 . ? 1_555 ? 
15 AC1 24 ASP B 25 ? ASP B 125 . ? 1_555 ? 
16 AC1 24 GLY B 27 ? GLY B 127 . ? 1_555 ? 
17 AC1 24 ALA B 28 ? ALA B 128 . ? 1_555 ? 
18 AC1 24 ASP B 29 ? ASP B 129 . ? 1_555 ? 
19 AC1 24 ASP B 30 ? ASP B 130 . ? 1_555 ? 
20 AC1 24 GLY B 48 ? GLY B 148 . ? 1_555 ? 
21 AC1 24 GLY B 49 ? GLY B 149 . ? 1_555 ? 
22 AC1 24 PRO B 81 ? PRO B 181 . ? 1_555 ? 
23 AC1 24 VAL B 82 ? VAL B 182 . ? 1_555 ? 
24 AC1 24 ILE B 84 ? ILE B 184 . ? 1_555 ? 
# 
_pdbx_validate_torsion.id              1 
_pdbx_validate_torsion.PDB_model_num   1 
_pdbx_validate_torsion.auth_comp_id    PRO 
_pdbx_validate_torsion.auth_asym_id    A 
_pdbx_validate_torsion.auth_seq_id     79 
_pdbx_validate_torsion.PDB_ins_code    ? 
_pdbx_validate_torsion.label_alt_id    ? 
_pdbx_validate_torsion.phi             -71.51 
_pdbx_validate_torsion.psi             49.88 
# 
loop_
_chem_comp_atom.comp_id 
_chem_comp_atom.atom_id 
_chem_comp_atom.type_symbol 
_chem_comp_atom.pdbx_aromatic_flag 
_chem_comp_atom.pdbx_stereo_config 
_chem_comp_atom.pdbx_ordinal 
ALA N    N N N 1   
ALA CA   C N S 2   
ALA C    C N N 3   
ALA O    O N N 4   
ALA CB   C N N 5   
ALA OXT  O N N 6   
ALA H    H N N 7   
ALA H2   H N N 8   
ALA HA   H N N 9   
ALA HB1  H N N 10  
ALA HB2  H N N 11  
ALA HB3  H N N 12  
ALA HXT  H N N 13  
ARG N    N N N 14  
ARG CA   C N S 15  
ARG C    C N N 16  
ARG O    O N N 17  
ARG CB   C N N 18  
ARG CG   C N N 19  
ARG CD   C N N 20  
ARG NE   N N N 21  
ARG CZ   C N N 22  
ARG NH1  N N N 23  
ARG NH2  N N N 24  
ARG OXT  O N N 25  
ARG H    H N N 26  
ARG H2   H N N 27  
ARG HA   H N N 28  
ARG HB2  H N N 29  
ARG HB3  H N N 30  
ARG HG2  H N N 31  
ARG HG3  H N N 32  
ARG HD2  H N N 33  
ARG HD3  H N N 34  
ARG HE   H N N 35  
ARG HH11 H N N 36  
ARG HH12 H N N 37  
ARG HH21 H N N 38  
ARG HH22 H N N 39  
ARG HXT  H N N 40  
ASN N    N N N 41  
ASN CA   C N S 42  
ASN C    C N N 43  
ASN O    O N N 44  
ASN CB   C N N 45  
ASN CG   C N N 46  
ASN OD1  O N N 47  
ASN ND2  N N N 48  
ASN OXT  O N N 49  
ASN H    H N N 50  
ASN H2   H N N 51  
ASN HA   H N N 52  
ASN HB2  H N N 53  
ASN HB3  H N N 54  
ASN HD21 H N N 55  
ASN HD22 H N N 56  
ASN HXT  H N N 57  
ASP N    N N N 58  
ASP CA   C N S 59  
ASP C    C N N 60  
ASP O    O N N 61  
ASP CB   C N N 62  
ASP CG   C N N 63  
ASP OD1  O N N 64  
ASP OD2  O N N 65  
ASP OXT  O N N 66  
ASP H    H N N 67  
ASP H2   H N N 68  
ASP HA   H N N 69  
ASP HB2  H N N 70  
ASP HB3  H N N 71  
ASP HD2  H N N 72  
ASP HXT  H N N 73  
BEG C01  C Y N 74  
BEG C02  C Y N 75  
BEG C03  C Y N 76  
BEG C04  C Y N 77  
BEG C05  C Y N 78  
BEG C06  C Y N 79  
BEG C07  C Y N 80  
BEG C08  C Y N 81  
BEG C09  C Y N 82  
BEG C10  C Y N 83  
BEG C11  C Y N 84  
BEG C12  C Y N 85  
BEG C13  C N N 86  
BEG O14  O N N 87  
BEG C23  C N N 88  
BEG O22  O N N 89  
BEG C15  C N R 90  
BEG C16  C N N 91  
BEG C17  C N R 92  
BEG O24  O N N 93  
BEG C18  C N R 94  
BEG C19  C N N 95  
BEG O20  O N N 96  
BEG N21  N N N 97  
BEG C25  C N N 98  
BEG O26  O N N 99  
BEG N27  N N N 100 
BEG C28  C N S 101 
BEG C29  C Y N 102 
BEG C30  C Y N 103 
BEG C31  C Y N 104 
BEG C32  C Y N 105 
BEG C33  C Y N 106 
BEG C34  C N R 107 
BEG O35  O N N 108 
BEG C36  C Y N 109 
BEG C37  C N N 110 
BEG C38  C N S 111 
BEG C39  C Y N 112 
BEG C40  C Y N 113 
BEG C41  C Y N 114 
BEG C42  C Y N 115 
BEG C43  C Y N 116 
BEG C44  C N R 117 
BEG O45  O N N 118 
BEG C46  C Y N 119 
BEG C47  C N N 120 
BEG H021 H N N 121 
BEG H031 H N N 122 
BEG H041 H N N 123 
BEG H051 H N N 124 
BEG H061 H N N 125 
BEG H081 H N N 126 
BEG H091 H N N 127 
BEG H101 H N N 128 
BEG H111 H N N 129 
BEG H121 H N N 130 
BEG H131 H N N 131 
BEG H132 H N N 132 
BEG H231 H N N 133 
BEG H232 H N N 134 
BEG H151 H N N 135 
BEG H161 H N N 136 
BEG H162 H N N 137 
BEG H171 H N N 138 
BEG H241 H N N 139 
BEG H181 H N N 140 
BEG H211 H N N 141 
BEG H271 H N N 142 
BEG H281 H N N 143 
BEG H311 H N N 144 
BEG H321 H N N 145 
BEG H331 H N N 146 
BEG H341 H N N 147 
BEG H351 H N N 148 
BEG H361 H N N 149 
BEG H371 H N N 150 
BEG H372 H N N 151 
BEG H381 H N N 152 
BEG H411 H N N 153 
BEG H421 H N N 154 
BEG H431 H N N 155 
BEG H441 H N N 156 
BEG H451 H N N 157 
BEG H461 H N N 158 
BEG H471 H N N 159 
BEG H472 H N N 160 
CYS N    N N N 161 
CYS CA   C N R 162 
CYS C    C N N 163 
CYS O    O N N 164 
CYS CB   C N N 165 
CYS SG   S N N 166 
CYS OXT  O N N 167 
CYS H    H N N 168 
CYS H2   H N N 169 
CYS HA   H N N 170 
CYS HB2  H N N 171 
CYS HB3  H N N 172 
CYS HG   H N N 173 
CYS HXT  H N N 174 
GLN N    N N N 175 
GLN CA   C N S 176 
GLN C    C N N 177 
GLN O    O N N 178 
GLN CB   C N N 179 
GLN CG   C N N 180 
GLN CD   C N N 181 
GLN OE1  O N N 182 
GLN NE2  N N N 183 
GLN OXT  O N N 184 
GLN H    H N N 185 
GLN H2   H N N 186 
GLN HA   H N N 187 
GLN HB2  H N N 188 
GLN HB3  H N N 189 
GLN HG2  H N N 190 
GLN HG3  H N N 191 
GLN HE21 H N N 192 
GLN HE22 H N N 193 
GLN HXT  H N N 194 
GLU N    N N N 195 
GLU CA   C N S 196 
GLU C    C N N 197 
GLU O    O N N 198 
GLU CB   C N N 199 
GLU CG   C N N 200 
GLU CD   C N N 201 
GLU OE1  O N N 202 
GLU OE2  O N N 203 
GLU OXT  O N N 204 
GLU H    H N N 205 
GLU H2   H N N 206 
GLU HA   H N N 207 
GLU HB2  H N N 208 
GLU HB3  H N N 209 
GLU HG2  H N N 210 
GLU HG3  H N N 211 
GLU HE2  H N N 212 
GLU HXT  H N N 213 
GLY N    N N N 214 
GLY CA   C N N 215 
GLY C    C N N 216 
GLY O    O N N 217 
GLY OXT  O N N 218 
GLY H    H N N 219 
GLY H2   H N N 220 
GLY HA2  H N N 221 
GLY HA3  H N N 222 
GLY HXT  H N N 223 
HIS N    N N N 224 
HIS CA   C N S 225 
HIS C    C N N 226 
HIS O    O N N 227 
HIS CB   C N N 228 
HIS CG   C Y N 229 
HIS ND1  N Y N 230 
HIS CD2  C Y N 231 
HIS CE1  C Y N 232 
HIS NE2  N Y N 233 
HIS OXT  O N N 234 
HIS H    H N N 235 
HIS H2   H N N 236 
HIS HA   H N N 237 
HIS HB2  H N N 238 
HIS HB3  H N N 239 
HIS HD1  H N N 240 
HIS HD2  H N N 241 
HIS HE1  H N N 242 
HIS HE2  H N N 243 
HIS HXT  H N N 244 
HOH O    O N N 245 
HOH H1   H N N 246 
HOH H2   H N N 247 
ILE N    N N N 248 
ILE CA   C N S 249 
ILE C    C N N 250 
ILE O    O N N 251 
ILE CB   C N S 252 
ILE CG1  C N N 253 
ILE CG2  C N N 254 
ILE CD1  C N N 255 
ILE OXT  O N N 256 
ILE H    H N N 257 
ILE H2   H N N 258 
ILE HA   H N N 259 
ILE HB   H N N 260 
ILE HG12 H N N 261 
ILE HG13 H N N 262 
ILE HG21 H N N 263 
ILE HG22 H N N 264 
ILE HG23 H N N 265 
ILE HD11 H N N 266 
ILE HD12 H N N 267 
ILE HD13 H N N 268 
ILE HXT  H N N 269 
LEU N    N N N 270 
LEU CA   C N S 271 
LEU C    C N N 272 
LEU O    O N N 273 
LEU CB   C N N 274 
LEU CG   C N N 275 
LEU CD1  C N N 276 
LEU CD2  C N N 277 
LEU OXT  O N N 278 
LEU H    H N N 279 
LEU H2   H N N 280 
LEU HA   H N N 281 
LEU HB2  H N N 282 
LEU HB3  H N N 283 
LEU HG   H N N 284 
LEU HD11 H N N 285 
LEU HD12 H N N 286 
LEU HD13 H N N 287 
LEU HD21 H N N 288 
LEU HD22 H N N 289 
LEU HD23 H N N 290 
LEU HXT  H N N 291 
LYS N    N N N 292 
LYS CA   C N S 293 
LYS C    C N N 294 
LYS O    O N N 295 
LYS CB   C N N 296 
LYS CG   C N N 297 
LYS CD   C N N 298 
LYS CE   C N N 299 
LYS NZ   N N N 300 
LYS OXT  O N N 301 
LYS H    H N N 302 
LYS H2   H N N 303 
LYS HA   H N N 304 
LYS HB2  H N N 305 
LYS HB3  H N N 306 
LYS HG2  H N N 307 
LYS HG3  H N N 308 
LYS HD2  H N N 309 
LYS HD3  H N N 310 
LYS HE2  H N N 311 
LYS HE3  H N N 312 
LYS HZ1  H N N 313 
LYS HZ2  H N N 314 
LYS HZ3  H N N 315 
LYS HXT  H N N 316 
MET N    N N N 317 
MET CA   C N S 318 
MET C    C N N 319 
MET O    O N N 320 
MET CB   C N N 321 
MET CG   C N N 322 
MET SD   S N N 323 
MET CE   C N N 324 
MET OXT  O N N 325 
MET H    H N N 326 
MET H2   H N N 327 
MET HA   H N N 328 
MET HB2  H N N 329 
MET HB3  H N N 330 
MET HG2  H N N 331 
MET HG3  H N N 332 
MET HE1  H N N 333 
MET HE2  H N N 334 
MET HE3  H N N 335 
MET HXT  H N N 336 
PHE N    N N N 337 
PHE CA   C N S 338 
PHE C    C N N 339 
PHE O    O N N 340 
PHE CB   C N N 341 
PHE CG   C Y N 342 
PHE CD1  C Y N 343 
PHE CD2  C Y N 344 
PHE CE1  C Y N 345 
PHE CE2  C Y N 346 
PHE CZ   C Y N 347 
PHE OXT  O N N 348 
PHE H    H N N 349 
PHE H2   H N N 350 
PHE HA   H N N 351 
PHE HB2  H N N 352 
PHE HB3  H N N 353 
PHE HD1  H N N 354 
PHE HD2  H N N 355 
PHE HE1  H N N 356 
PHE HE2  H N N 357 
PHE HZ   H N N 358 
PHE HXT  H N N 359 
PRO N    N N N 360 
PRO CA   C N S 361 
PRO C    C N N 362 
PRO O    O N N 363 
PRO CB   C N N 364 
PRO CG   C N N 365 
PRO CD   C N N 366 
PRO OXT  O N N 367 
PRO H    H N N 368 
PRO HA   H N N 369 
PRO HB2  H N N 370 
PRO HB3  H N N 371 
PRO HG2  H N N 372 
PRO HG3  H N N 373 
PRO HD2  H N N 374 
PRO HD3  H N N 375 
PRO HXT  H N N 376 
SER N    N N N 377 
SER CA   C N S 378 
SER C    C N N 379 
SER O    O N N 380 
SER CB   C N N 381 
SER OG   O N N 382 
SER OXT  O N N 383 
SER H    H N N 384 
SER H2   H N N 385 
SER HA   H N N 386 
SER HB2  H N N 387 
SER HB3  H N N 388 
SER HG   H N N 389 
SER HXT  H N N 390 
THR N    N N N 391 
THR CA   C N S 392 
THR C    C N N 393 
THR O    O N N 394 
THR CB   C N R 395 
THR OG1  O N N 396 
THR CG2  C N N 397 
THR OXT  O N N 398 
THR H    H N N 399 
THR H2   H N N 400 
THR HA   H N N 401 
THR HB   H N N 402 
THR HG1  H N N 403 
THR HG21 H N N 404 
THR HG22 H N N 405 
THR HG23 H N N 406 
THR HXT  H N N 407 
TRP N    N N N 408 
TRP CA   C N S 409 
TRP C    C N N 410 
TRP O    O N N 411 
TRP CB   C N N 412 
TRP CG   C Y N 413 
TRP CD1  C Y N 414 
TRP CD2  C Y N 415 
TRP NE1  N Y N 416 
TRP CE2  C Y N 417 
TRP CE3  C Y N 418 
TRP CZ2  C Y N 419 
TRP CZ3  C Y N 420 
TRP CH2  C Y N 421 
TRP OXT  O N N 422 
TRP H    H N N 423 
TRP H2   H N N 424 
TRP HA   H N N 425 
TRP HB2  H N N 426 
TRP HB3  H N N 427 
TRP HD1  H N N 428 
TRP HE1  H N N 429 
TRP HE3  H N N 430 
TRP HZ2  H N N 431 
TRP HZ3  H N N 432 
TRP HH2  H N N 433 
TRP HXT  H N N 434 
TYR N    N N N 435 
TYR CA   C N S 436 
TYR C    C N N 437 
TYR O    O N N 438 
TYR CB   C N N 439 
TYR CG   C Y N 440 
TYR CD1  C Y N 441 
TYR CD2  C Y N 442 
TYR CE1  C Y N 443 
TYR CE2  C Y N 444 
TYR CZ   C Y N 445 
TYR OH   O N N 446 
TYR OXT  O N N 447 
TYR H    H N N 448 
TYR H2   H N N 449 
TYR HA   H N N 450 
TYR HB2  H N N 451 
TYR HB3  H N N 452 
TYR HD1  H N N 453 
TYR HD2  H N N 454 
TYR HE1  H N N 455 
TYR HE2  H N N 456 
TYR HH   H N N 457 
TYR HXT  H N N 458 
VAL N    N N N 459 
VAL CA   C N S 460 
VAL C    C N N 461 
VAL O    O N N 462 
VAL CB   C N N 463 
VAL CG1  C N N 464 
VAL CG2  C N N 465 
VAL OXT  O N N 466 
VAL H    H N N 467 
VAL H2   H N N 468 
VAL HA   H N N 469 
VAL HB   H N N 470 
VAL HG11 H N N 471 
VAL HG12 H N N 472 
VAL HG13 H N N 473 
VAL HG21 H N N 474 
VAL HG22 H N N 475 
VAL HG23 H N N 476 
VAL HXT  H N N 477 
# 
loop_
_chem_comp_bond.comp_id 
_chem_comp_bond.atom_id_1 
_chem_comp_bond.atom_id_2 
_chem_comp_bond.value_order 
_chem_comp_bond.pdbx_aromatic_flag 
_chem_comp_bond.pdbx_stereo_config 
_chem_comp_bond.pdbx_ordinal 
ALA N   CA   sing N N 1   
ALA N   H    sing N N 2   
ALA N   H2   sing N N 3   
ALA CA  C    sing N N 4   
ALA CA  CB   sing N N 5   
ALA CA  HA   sing N N 6   
ALA C   O    doub N N 7   
ALA C   OXT  sing N N 8   
ALA CB  HB1  sing N N 9   
ALA CB  HB2  sing N N 10  
ALA CB  HB3  sing N N 11  
ALA OXT HXT  sing N N 12  
ARG N   CA   sing N N 13  
ARG N   H    sing N N 14  
ARG N   H2   sing N N 15  
ARG CA  C    sing N N 16  
ARG CA  CB   sing N N 17  
ARG CA  HA   sing N N 18  
ARG C   O    doub N N 19  
ARG C   OXT  sing N N 20  
ARG CB  CG   sing N N 21  
ARG CB  HB2  sing N N 22  
ARG CB  HB3  sing N N 23  
ARG CG  CD   sing N N 24  
ARG CG  HG2  sing N N 25  
ARG CG  HG3  sing N N 26  
ARG CD  NE   sing N N 27  
ARG CD  HD2  sing N N 28  
ARG CD  HD3  sing N N 29  
ARG NE  CZ   sing N N 30  
ARG NE  HE   sing N N 31  
ARG CZ  NH1  sing N N 32  
ARG CZ  NH2  doub N N 33  
ARG NH1 HH11 sing N N 34  
ARG NH1 HH12 sing N N 35  
ARG NH2 HH21 sing N N 36  
ARG NH2 HH22 sing N N 37  
ARG OXT HXT  sing N N 38  
ASN N   CA   sing N N 39  
ASN N   H    sing N N 40  
ASN N   H2   sing N N 41  
ASN CA  C    sing N N 42  
ASN CA  CB   sing N N 43  
ASN CA  HA   sing N N 44  
ASN C   O    doub N N 45  
ASN C   OXT  sing N N 46  
ASN CB  CG   sing N N 47  
ASN CB  HB2  sing N N 48  
ASN CB  HB3  sing N N 49  
ASN CG  OD1  doub N N 50  
ASN CG  ND2  sing N N 51  
ASN ND2 HD21 sing N N 52  
ASN ND2 HD22 sing N N 53  
ASN OXT HXT  sing N N 54  
ASP N   CA   sing N N 55  
ASP N   H    sing N N 56  
ASP N   H2   sing N N 57  
ASP CA  C    sing N N 58  
ASP CA  CB   sing N N 59  
ASP CA  HA   sing N N 60  
ASP C   O    doub N N 61  
ASP C   OXT  sing N N 62  
ASP CB  CG   sing N N 63  
ASP CB  HB2  sing N N 64  
ASP CB  HB3  sing N N 65  
ASP CG  OD1  doub N N 66  
ASP CG  OD2  sing N N 67  
ASP OD2 HD2  sing N N 68  
ASP OXT HXT  sing N N 69  
BEG C01 C02  doub Y N 70  
BEG C01 C06  sing Y N 71  
BEG C01 C23  sing N N 72  
BEG C02 C03  sing Y N 73  
BEG C02 H021 sing N N 74  
BEG C03 C04  doub Y N 75  
BEG C03 H031 sing N N 76  
BEG C04 C05  sing Y N 77  
BEG C04 H041 sing N N 78  
BEG C05 C06  doub Y N 79  
BEG C05 H051 sing N N 80  
BEG C06 H061 sing N N 81  
BEG C07 C08  doub Y N 82  
BEG C07 C12  sing Y N 83  
BEG C07 C13  sing N N 84  
BEG C08 C09  sing Y N 85  
BEG C08 H081 sing N N 86  
BEG C09 C10  doub Y N 87  
BEG C09 H091 sing N N 88  
BEG C10 C11  sing Y N 89  
BEG C10 H101 sing N N 90  
BEG C11 C12  doub Y N 91  
BEG C11 H111 sing N N 92  
BEG C12 H121 sing N N 93  
BEG C13 O14  sing N N 94  
BEG C13 H131 sing N N 95  
BEG C13 H132 sing N N 96  
BEG O14 C15  sing N N 97  
BEG C23 O22  sing N N 98  
BEG C23 H231 sing N N 99  
BEG C23 H232 sing N N 100 
BEG O22 C18  sing N N 101 
BEG C15 C16  sing N N 102 
BEG C15 C25  sing N N 103 
BEG C15 H151 sing N N 104 
BEG C16 C17  sing N N 105 
BEG C16 H161 sing N N 106 
BEG C16 H162 sing N N 107 
BEG C17 O24  sing N N 108 
BEG C17 C18  sing N N 109 
BEG C17 H171 sing N N 110 
BEG O24 H241 sing N N 111 
BEG C18 C19  sing N N 112 
BEG C18 H181 sing N N 113 
BEG C19 O20  doub N N 114 
BEG C19 N21  sing N N 115 
BEG N21 C38  sing N N 116 
BEG N21 H211 sing N N 117 
BEG C25 O26  doub N N 118 
BEG C25 N27  sing N N 119 
BEG N27 C28  sing N N 120 
BEG N27 H271 sing N N 121 
BEG C28 C29  sing N N 122 
BEG C28 C34  sing N N 123 
BEG C28 H281 sing N N 124 
BEG C29 C30  doub Y N 125 
BEG C29 C31  sing Y N 126 
BEG C30 C36  sing Y N 127 
BEG C30 C37  sing N N 128 
BEG C31 C32  doub Y N 129 
BEG C31 H311 sing N N 130 
BEG C32 C33  sing Y N 131 
BEG C32 H321 sing N N 132 
BEG C33 C36  doub Y N 133 
BEG C33 H331 sing N N 134 
BEG C34 O35  sing N N 135 
BEG C34 C37  sing N N 136 
BEG C34 H341 sing N N 137 
BEG O35 H351 sing N N 138 
BEG C36 H361 sing N N 139 
BEG C37 H371 sing N N 140 
BEG C37 H372 sing N N 141 
BEG C38 C39  sing N N 142 
BEG C38 C44  sing N N 143 
BEG C38 H381 sing N N 144 
BEG C39 C40  doub Y N 145 
BEG C39 C41  sing Y N 146 
BEG C40 C46  sing Y N 147 
BEG C40 C47  sing N N 148 
BEG C41 C42  doub Y N 149 
BEG C41 H411 sing N N 150 
BEG C42 C43  sing Y N 151 
BEG C42 H421 sing N N 152 
BEG C43 C46  doub Y N 153 
BEG C43 H431 sing N N 154 
BEG C44 O45  sing N N 155 
BEG C44 C47  sing N N 156 
BEG C44 H441 sing N N 157 
BEG O45 H451 sing N N 158 
BEG C46 H461 sing N N 159 
BEG C47 H471 sing N N 160 
BEG C47 H472 sing N N 161 
CYS N   CA   sing N N 162 
CYS N   H    sing N N 163 
CYS N   H2   sing N N 164 
CYS CA  C    sing N N 165 
CYS CA  CB   sing N N 166 
CYS CA  HA   sing N N 167 
CYS C   O    doub N N 168 
CYS C   OXT  sing N N 169 
CYS CB  SG   sing N N 170 
CYS CB  HB2  sing N N 171 
CYS CB  HB3  sing N N 172 
CYS SG  HG   sing N N 173 
CYS OXT HXT  sing N N 174 
GLN N   CA   sing N N 175 
GLN N   H    sing N N 176 
GLN N   H2   sing N N 177 
GLN CA  C    sing N N 178 
GLN CA  CB   sing N N 179 
GLN CA  HA   sing N N 180 
GLN C   O    doub N N 181 
GLN C   OXT  sing N N 182 
GLN CB  CG   sing N N 183 
GLN CB  HB2  sing N N 184 
GLN CB  HB3  sing N N 185 
GLN CG  CD   sing N N 186 
GLN CG  HG2  sing N N 187 
GLN CG  HG3  sing N N 188 
GLN CD  OE1  doub N N 189 
GLN CD  NE2  sing N N 190 
GLN NE2 HE21 sing N N 191 
GLN NE2 HE22 sing N N 192 
GLN OXT HXT  sing N N 193 
GLU N   CA   sing N N 194 
GLU N   H    sing N N 195 
GLU N   H2   sing N N 196 
GLU CA  C    sing N N 197 
GLU CA  CB   sing N N 198 
GLU CA  HA   sing N N 199 
GLU C   O    doub N N 200 
GLU C   OXT  sing N N 201 
GLU CB  CG   sing N N 202 
GLU CB  HB2  sing N N 203 
GLU CB  HB3  sing N N 204 
GLU CG  CD   sing N N 205 
GLU CG  HG2  sing N N 206 
GLU CG  HG3  sing N N 207 
GLU CD  OE1  doub N N 208 
GLU CD  OE2  sing N N 209 
GLU OE2 HE2  sing N N 210 
GLU OXT HXT  sing N N 211 
GLY N   CA   sing N N 212 
GLY N   H    sing N N 213 
GLY N   H2   sing N N 214 
GLY CA  C    sing N N 215 
GLY CA  HA2  sing N N 216 
GLY CA  HA3  sing N N 217 
GLY C   O    doub N N 218 
GLY C   OXT  sing N N 219 
GLY OXT HXT  sing N N 220 
HIS N   CA   sing N N 221 
HIS N   H    sing N N 222 
HIS N   H2   sing N N 223 
HIS CA  C    sing N N 224 
HIS CA  CB   sing N N 225 
HIS CA  HA   sing N N 226 
HIS C   O    doub N N 227 
HIS C   OXT  sing N N 228 
HIS CB  CG   sing N N 229 
HIS CB  HB2  sing N N 230 
HIS CB  HB3  sing N N 231 
HIS CG  ND1  sing Y N 232 
HIS CG  CD2  doub Y N 233 
HIS ND1 CE1  doub Y N 234 
HIS ND1 HD1  sing N N 235 
HIS CD2 NE2  sing Y N 236 
HIS CD2 HD2  sing N N 237 
HIS CE1 NE2  sing Y N 238 
HIS CE1 HE1  sing N N 239 
HIS NE2 HE2  sing N N 240 
HIS OXT HXT  sing N N 241 
HOH O   H1   sing N N 242 
HOH O   H2   sing N N 243 
ILE N   CA   sing N N 244 
ILE N   H    sing N N 245 
ILE N   H2   sing N N 246 
ILE CA  C    sing N N 247 
ILE CA  CB   sing N N 248 
ILE CA  HA   sing N N 249 
ILE C   O    doub N N 250 
ILE C   OXT  sing N N 251 
ILE CB  CG1  sing N N 252 
ILE CB  CG2  sing N N 253 
ILE CB  HB   sing N N 254 
ILE CG1 CD1  sing N N 255 
ILE CG1 HG12 sing N N 256 
ILE CG1 HG13 sing N N 257 
ILE CG2 HG21 sing N N 258 
ILE CG2 HG22 sing N N 259 
ILE CG2 HG23 sing N N 260 
ILE CD1 HD11 sing N N 261 
ILE CD1 HD12 sing N N 262 
ILE CD1 HD13 sing N N 263 
ILE OXT HXT  sing N N 264 
LEU N   CA   sing N N 265 
LEU N   H    sing N N 266 
LEU N   H2   sing N N 267 
LEU CA  C    sing N N 268 
LEU CA  CB   sing N N 269 
LEU CA  HA   sing N N 270 
LEU C   O    doub N N 271 
LEU C   OXT  sing N N 272 
LEU CB  CG   sing N N 273 
LEU CB  HB2  sing N N 274 
LEU CB  HB3  sing N N 275 
LEU CG  CD1  sing N N 276 
LEU CG  CD2  sing N N 277 
LEU CG  HG   sing N N 278 
LEU CD1 HD11 sing N N 279 
LEU CD1 HD12 sing N N 280 
LEU CD1 HD13 sing N N 281 
LEU CD2 HD21 sing N N 282 
LEU CD2 HD22 sing N N 283 
LEU CD2 HD23 sing N N 284 
LEU OXT HXT  sing N N 285 
LYS N   CA   sing N N 286 
LYS N   H    sing N N 287 
LYS N   H2   sing N N 288 
LYS CA  C    sing N N 289 
LYS CA  CB   sing N N 290 
LYS CA  HA   sing N N 291 
LYS C   O    doub N N 292 
LYS C   OXT  sing N N 293 
LYS CB  CG   sing N N 294 
LYS CB  HB2  sing N N 295 
LYS CB  HB3  sing N N 296 
LYS CG  CD   sing N N 297 
LYS CG  HG2  sing N N 298 
LYS CG  HG3  sing N N 299 
LYS CD  CE   sing N N 300 
LYS CD  HD2  sing N N 301 
LYS CD  HD3  sing N N 302 
LYS CE  NZ   sing N N 303 
LYS CE  HE2  sing N N 304 
LYS CE  HE3  sing N N 305 
LYS NZ  HZ1  sing N N 306 
LYS NZ  HZ2  sing N N 307 
LYS NZ  HZ3  sing N N 308 
LYS OXT HXT  sing N N 309 
MET N   CA   sing N N 310 
MET N   H    sing N N 311 
MET N   H2   sing N N 312 
MET CA  C    sing N N 313 
MET CA  CB   sing N N 314 
MET CA  HA   sing N N 315 
MET C   O    doub N N 316 
MET C   OXT  sing N N 317 
MET CB  CG   sing N N 318 
MET CB  HB2  sing N N 319 
MET CB  HB3  sing N N 320 
MET CG  SD   sing N N 321 
MET CG  HG2  sing N N 322 
MET CG  HG3  sing N N 323 
MET SD  CE   sing N N 324 
MET CE  HE1  sing N N 325 
MET CE  HE2  sing N N 326 
MET CE  HE3  sing N N 327 
MET OXT HXT  sing N N 328 
PHE N   CA   sing N N 329 
PHE N   H    sing N N 330 
PHE N   H2   sing N N 331 
PHE CA  C    sing N N 332 
PHE CA  CB   sing N N 333 
PHE CA  HA   sing N N 334 
PHE C   O    doub N N 335 
PHE C   OXT  sing N N 336 
PHE CB  CG   sing N N 337 
PHE CB  HB2  sing N N 338 
PHE CB  HB3  sing N N 339 
PHE CG  CD1  doub Y N 340 
PHE CG  CD2  sing Y N 341 
PHE CD1 CE1  sing Y N 342 
PHE CD1 HD1  sing N N 343 
PHE CD2 CE2  doub Y N 344 
PHE CD2 HD2  sing N N 345 
PHE CE1 CZ   doub Y N 346 
PHE CE1 HE1  sing N N 347 
PHE CE2 CZ   sing Y N 348 
PHE CE2 HE2  sing N N 349 
PHE CZ  HZ   sing N N 350 
PHE OXT HXT  sing N N 351 
PRO N   CA   sing N N 352 
PRO N   CD   sing N N 353 
PRO N   H    sing N N 354 
PRO CA  C    sing N N 355 
PRO CA  CB   sing N N 356 
PRO CA  HA   sing N N 357 
PRO C   O    doub N N 358 
PRO C   OXT  sing N N 359 
PRO CB  CG   sing N N 360 
PRO CB  HB2  sing N N 361 
PRO CB  HB3  sing N N 362 
PRO CG  CD   sing N N 363 
PRO CG  HG2  sing N N 364 
PRO CG  HG3  sing N N 365 
PRO CD  HD2  sing N N 366 
PRO CD  HD3  sing N N 367 
PRO OXT HXT  sing N N 368 
SER N   CA   sing N N 369 
SER N   H    sing N N 370 
SER N   H2   sing N N 371 
SER CA  C    sing N N 372 
SER CA  CB   sing N N 373 
SER CA  HA   sing N N 374 
SER C   O    doub N N 375 
SER C   OXT  sing N N 376 
SER CB  OG   sing N N 377 
SER CB  HB2  sing N N 378 
SER CB  HB3  sing N N 379 
SER OG  HG   sing N N 380 
SER OXT HXT  sing N N 381 
THR N   CA   sing N N 382 
THR N   H    sing N N 383 
THR N   H2   sing N N 384 
THR CA  C    sing N N 385 
THR CA  CB   sing N N 386 
THR CA  HA   sing N N 387 
THR C   O    doub N N 388 
THR C   OXT  sing N N 389 
THR CB  OG1  sing N N 390 
THR CB  CG2  sing N N 391 
THR CB  HB   sing N N 392 
THR OG1 HG1  sing N N 393 
THR CG2 HG21 sing N N 394 
THR CG2 HG22 sing N N 395 
THR CG2 HG23 sing N N 396 
THR OXT HXT  sing N N 397 
TRP N   CA   sing N N 398 
TRP N   H    sing N N 399 
TRP N   H2   sing N N 400 
TRP CA  C    sing N N 401 
TRP CA  CB   sing N N 402 
TRP CA  HA   sing N N 403 
TRP C   O    doub N N 404 
TRP C   OXT  sing N N 405 
TRP CB  CG   sing N N 406 
TRP CB  HB2  sing N N 407 
TRP CB  HB3  sing N N 408 
TRP CG  CD1  doub Y N 409 
TRP CG  CD2  sing Y N 410 
TRP CD1 NE1  sing Y N 411 
TRP CD1 HD1  sing N N 412 
TRP CD2 CE2  doub Y N 413 
TRP CD2 CE3  sing Y N 414 
TRP NE1 CE2  sing Y N 415 
TRP NE1 HE1  sing N N 416 
TRP CE2 CZ2  sing Y N 417 
TRP CE3 CZ3  doub Y N 418 
TRP CE3 HE3  sing N N 419 
TRP CZ2 CH2  doub Y N 420 
TRP CZ2 HZ2  sing N N 421 
TRP CZ3 CH2  sing Y N 422 
TRP CZ3 HZ3  sing N N 423 
TRP CH2 HH2  sing N N 424 
TRP OXT HXT  sing N N 425 
TYR N   CA   sing N N 426 
TYR N   H    sing N N 427 
TYR N   H2   sing N N 428 
TYR CA  C    sing N N 429 
TYR CA  CB   sing N N 430 
TYR CA  HA   sing N N 431 
TYR C   O    doub N N 432 
TYR C   OXT  sing N N 433 
TYR CB  CG   sing N N 434 
TYR CB  HB2  sing N N 435 
TYR CB  HB3  sing N N 436 
TYR CG  CD1  doub Y N 437 
TYR CG  CD2  sing Y N 438 
TYR CD1 CE1  sing Y N 439 
TYR CD1 HD1  sing N N 440 
TYR CD2 CE2  doub Y N 441 
TYR CD2 HD2  sing N N 442 
TYR CE1 CZ   doub Y N 443 
TYR CE1 HE1  sing N N 444 
TYR CE2 CZ   sing Y N 445 
TYR CE2 HE2  sing N N 446 
TYR CZ  OH   sing N N 447 
TYR OH  HH   sing N N 448 
TYR OXT HXT  sing N N 449 
VAL N   CA   sing N N 450 
VAL N   H    sing N N 451 
VAL N   H2   sing N N 452 
VAL CA  C    sing N N 453 
VAL CA  CB   sing N N 454 
VAL CA  HA   sing N N 455 
VAL C   O    doub N N 456 
VAL C   OXT  sing N N 457 
VAL CB  CG1  sing N N 458 
VAL CB  CG2  sing N N 459 
VAL CB  HB   sing N N 460 
VAL CG1 HG11 sing N N 461 
VAL CG1 HG12 sing N N 462 
VAL CG1 HG13 sing N N 463 
VAL CG2 HG21 sing N N 464 
VAL CG2 HG22 sing N N 465 
VAL CG2 HG23 sing N N 466 
VAL OXT HXT  sing N N 467 
# 
_atom_sites.entry_id                    1D4I 
_atom_sites.fract_transf_matrix[1][1]   0.00813434 
_atom_sites.fract_transf_matrix[1][2]   0.01050928 
_atom_sites.fract_transf_matrix[1][3]   -0.01069565 
_atom_sites.fract_transf_matrix[2][1]   -0.01014276 
_atom_sites.fract_transf_matrix[2][2]   0.00312133 
_atom_sites.fract_transf_matrix[2][3]   -0.00464692 
_atom_sites.fract_transf_matrix[3][1]   -0.00167467 
_atom_sites.fract_transf_matrix[3][2]   0.01585492 
_atom_sites.fract_transf_matrix[3][3]   0.01430501 
_atom_sites.fract_transf_vector[1]      0.269533 
_atom_sites.fract_transf_vector[2]      0.306311 
_atom_sites.fract_transf_vector[3]      0.078857 
# 
loop_
_atom_type.symbol 
C 
N 
O 
S 
# 
loop_
_atom_site.group_PDB 
_atom_site.id 
_atom_site.type_symbol 
_atom_site.label_atom_id 
_atom_site.label_alt_id 
_atom_site.label_comp_id 
_atom_site.label_asym_id 
_atom_site.label_entity_id 
_atom_site.label_seq_id 
_atom_site.pdbx_PDB_ins_code 
_atom_site.Cartn_x 
_atom_site.Cartn_y 
_atom_site.Cartn_z 
_atom_site.occupancy 
_atom_site.B_iso_or_equiv 
_atom_site.pdbx_formal_charge 
_atom_site.auth_seq_id 
_atom_site.auth_comp_id 
_atom_site.auth_asym_id 
_atom_site.auth_atom_id 
_atom_site.pdbx_PDB_model_num 
ATOM   1    N N   . PRO A 1 1  ? -5.890  13.067  -12.653 1.00 27.30 ? 1   PRO A N   1 
ATOM   2    C CA  . PRO A 1 1  ? -4.503  13.023  -13.158 1.00 27.25 ? 1   PRO A CA  1 
ATOM   3    C C   . PRO A 1 1  ? -3.993  11.592  -13.229 1.00 26.67 ? 1   PRO A C   1 
ATOM   4    O O   . PRO A 1 1  ? -4.676  10.657  -12.815 1.00 26.07 ? 1   PRO A O   1 
ATOM   5    C CB  . PRO A 1 1  ? -3.659  13.829  -12.186 1.00 27.78 ? 1   PRO A CB  1 
ATOM   6    C CG  . PRO A 1 1  ? -4.429  13.618  -10.894 1.00 27.82 ? 1   PRO A CG  1 
ATOM   7    C CD  . PRO A 1 1  ? -5.909  13.681  -11.314 1.00 27.53 ? 1   PRO A CD  1 
ATOM   8    N N   . GLN A 1 2  ? -2.795  11.430  -13.775 1.00 26.39 ? 2   GLN A N   1 
ATOM   9    C CA  . GLN A 1 2  ? -2.173  10.120  -13.869 1.00 25.97 ? 2   GLN A CA  1 
ATOM   10   C C   . GLN A 1 2  ? -0.894  10.216  -13.060 1.00 25.08 ? 2   GLN A C   1 
ATOM   11   O O   . GLN A 1 2  ? -0.024  11.039  -13.348 1.00 24.99 ? 2   GLN A O   1 
ATOM   12   C CB  . GLN A 1 2  ? -1.850  9.758   -15.318 1.00 27.07 ? 2   GLN A CB  1 
ATOM   13   C CG  . GLN A 1 2  ? -1.238  8.373   -15.463 1.00 29.43 ? 2   GLN A CG  1 
ATOM   14   C CD  . GLN A 1 2  ? -1.016  7.975   -16.905 1.00 30.91 ? 2   GLN A CD  1 
ATOM   15   O OE1 . GLN A 1 2  ? 0.075   8.268   -17.550 1.00 31.99 ? 2   GLN A OE1 1 
ATOM   16   N NE2 . GLN A 1 2  ? -1.928  7.289   -17.287 1.00 31.37 ? 2   GLN A NE2 1 
ATOM   17   N N   . ILE A 1 3  ? -0.786  9.379   -12.037 1.00 23.57 ? 3   ILE A N   1 
ATOM   18   C CA  . ILE A 1 3  ? 0.373   9.394   -11.169 1.00 22.56 ? 3   ILE A CA  1 
ATOM   19   C C   . ILE A 1 3  ? 1.277   8.196   -11.407 1.00 21.59 ? 3   ILE A C   1 
ATOM   20   O O   . ILE A 1 3  ? 0.841   7.049   -11.320 1.00 20.99 ? 3   ILE A O   1 
ATOM   21   C CB  . ILE A 1 3  ? -0.076  9.435   -9.697  1.00 22.54 ? 3   ILE A CB  1 
ATOM   22   C CG1 . ILE A 1 3  ? -0.909  10.697  -9.460  1.00 23.91 ? 3   ILE A CG1 1 
ATOM   23   C CG2 . ILE A 1 3  ? 1.132   9.407   -8.773  1.00 22.83 ? 3   ILE A CG2 1 
ATOM   24   C CD1 . ILE A 1 3  ? -1.587  10.751  -8.114  1.00 24.75 ? 3   ILE A CD1 1 
ATOM   25   N N   . THR A 1 4  ? 2.537   8.471   -11.735 1.00 20.57 ? 4   THR A N   1 
ATOM   26   C CA  . THR A 1 4  ? 3.502   7.406   -11.968 1.00 19.94 ? 4   THR A CA  1 
ATOM   27   C C   . THR A 1 4  ? 4.018   6.946   -10.613 1.00 18.88 ? 4   THR A C   1 
ATOM   28   O O   . THR A 1 4  ? 3.843   7.637   -9.612  1.00 18.68 ? 4   THR A O   1 
ATOM   29   C CB  . THR A 1 4  ? 4.679   7.881   -12.850 1.00 19.83 ? 4   THR A CB  1 
ATOM   30   O OG1 . THR A 1 4  ? 5.235   9.084   -12.310 1.00 21.05 ? 4   THR A OG1 1 
ATOM   31   C CG2 . THR A 1 4  ? 4.198   8.130   -14.272 1.00 20.96 ? 4   THR A CG2 1 
ATOM   32   N N   . LEU A 1 5  ? 4.654   5.782   -10.580 1.00 17.69 ? 5   LEU A N   1 
ATOM   33   C CA  . LEU A 1 5  ? 5.133   5.233   -9.320  1.00 17.42 ? 5   LEU A CA  1 
ATOM   34   C C   . LEU A 1 5  ? 6.646   5.197   -9.147  1.00 17.02 ? 5   LEU A C   1 
ATOM   35   O O   . LEU A 1 5  ? 7.167   4.423   -8.341  1.00 16.33 ? 5   LEU A O   1 
ATOM   36   C CB  . LEU A 1 5  ? 4.540   3.833   -9.137  1.00 16.56 ? 5   LEU A CB  1 
ATOM   37   C CG  . LEU A 1 5  ? 3.006   3.839   -9.094  1.00 17.36 ? 5   LEU A CG  1 
ATOM   38   C CD1 . LEU A 1 5  ? 2.468   2.415   -9.080  1.00 15.98 ? 5   LEU A CD1 1 
ATOM   39   C CD2 . LEU A 1 5  ? 2.542   4.600   -7.862  1.00 17.70 ? 5   LEU A CD2 1 
ATOM   40   N N   . TRP A 1 6  ? 7.353   6.039   -9.896  1.00 17.44 ? 6   TRP A N   1 
ATOM   41   C CA  . TRP A 1 6  ? 8.807   6.104   -9.774  1.00 18.23 ? 6   TRP A CA  1 
ATOM   42   C C   . TRP A 1 6  ? 9.137   6.583   -8.365  1.00 17.63 ? 6   TRP A C   1 
ATOM   43   O O   . TRP A 1 6  ? 10.149  6.196   -7.787  1.00 17.97 ? 6   TRP A O   1 
ATOM   44   C CB  . TRP A 1 6  ? 9.392   7.077   -10.806 1.00 18.37 ? 6   TRP A CB  1 
ATOM   45   C CG  . TRP A 1 6  ? 9.092   6.695   -12.222 1.00 19.56 ? 6   TRP A CG  1 
ATOM   46   C CD1 . TRP A 1 6  ? 8.268   7.349   -13.093 1.00 20.22 ? 6   TRP A CD1 1 
ATOM   47   C CD2 . TRP A 1 6  ? 9.621   5.572   -12.937 1.00 20.31 ? 6   TRP A CD2 1 
ATOM   48   N NE1 . TRP A 1 6  ? 8.252   6.705   -14.306 1.00 20.89 ? 6   TRP A NE1 1 
ATOM   49   C CE2 . TRP A 1 6  ? 9.075   5.611   -14.239 1.00 21.06 ? 6   TRP A CE2 1 
ATOM   50   C CE3 . TRP A 1 6  ? 10.506  4.538   -12.605 1.00 22.11 ? 6   TRP A CE3 1 
ATOM   51   C CZ2 . TRP A 1 6  ? 9.385   4.653   -15.213 1.00 22.24 ? 6   TRP A CZ2 1 
ATOM   52   C CZ3 . TRP A 1 6  ? 10.815  3.585   -13.573 1.00 22.46 ? 6   TRP A CZ3 1 
ATOM   53   C CH2 . TRP A 1 6  ? 10.255  3.652   -14.861 1.00 22.77 ? 6   TRP A CH2 1 
ATOM   54   N N   . GLN A 1 7  ? 8.274   7.437   -7.823  1.00 18.41 ? 7   GLN A N   1 
ATOM   55   C CA  . GLN A 1 7  ? 8.438   7.963   -6.472  1.00 18.50 ? 7   GLN A CA  1 
ATOM   56   C C   . GLN A 1 7  ? 7.162   7.632   -5.709  1.00 17.65 ? 7   GLN A C   1 
ATOM   57   O O   . GLN A 1 7  ? 6.166   7.233   -6.311  1.00 16.86 ? 7   GLN A O   1 
ATOM   58   C CB  . GLN A 1 7  ? 8.612   9.486   -6.492  1.00 21.35 ? 7   GLN A CB  1 
ATOM   59   C CG  . GLN A 1 7  ? 9.734   9.999   -7.387  1.00 25.66 ? 7   GLN A CG  1 
ATOM   60   C CD  . GLN A 1 7  ? 11.069  9.365   -7.072  1.00 28.49 ? 7   GLN A CD  1 
ATOM   61   O OE1 . GLN A 1 7  ? 11.454  9.240   -5.906  1.00 30.66 ? 7   GLN A OE1 1 
ATOM   62   N NE2 . GLN A 1 7  ? 11.797  8.971   -8.114  1.00 30.09 ? 7   GLN A NE2 1 
ATOM   63   N N   . ARG A 1 8  ? 7.189   7.797   -4.390  1.00 17.07 ? 8   ARG A N   1 
ATOM   64   C CA  . ARG A 1 8  ? 6.007   7.529   -3.580  1.00 17.23 ? 8   ARG A CA  1 
ATOM   65   C C   . ARG A 1 8  ? 4.901   8.469   -4.039  1.00 16.81 ? 8   ARG A C   1 
ATOM   66   O O   . ARG A 1 8  ? 5.136   9.659   -4.247  1.00 17.14 ? 8   ARG A O   1 
ATOM   67   C CB  . ARG A 1 8  ? 6.301   7.767   -2.099  1.00 18.19 ? 8   ARG A CB  1 
ATOM   68   C CG  . ARG A 1 8  ? 7.203   6.723   -1.475  1.00 19.71 ? 8   ARG A CG  1 
ATOM   69   C CD  . ARG A 1 8  ? 7.344   6.951   0.020   1.00 20.91 ? 8   ARG A CD  1 
ATOM   70   N NE  . ARG A 1 8  ? 8.032   5.843   0.673   1.00 21.81 ? 8   ARG A NE  1 
ATOM   71   C CZ  . ARG A 1 8  ? 8.214   5.744   1.986   1.00 22.65 ? 8   ARG A CZ  1 
ATOM   72   N NH1 . ARG A 1 8  ? 7.759   6.691   2.800   1.00 22.45 ? 8   ARG A NH1 1 
ATOM   73   N NH2 . ARG A 1 8  ? 8.849   4.694   2.487   1.00 23.07 ? 8   ARG A NH2 1 
ATOM   74   N N   . PRO A 1 9  ? 3.682   7.944   -4.216  1.00 16.38 ? 9   PRO A N   1 
ATOM   75   C CA  . PRO A 1 9  ? 2.550   8.760   -4.659  1.00 16.53 ? 9   PRO A CA  1 
ATOM   76   C C   . PRO A 1 9  ? 1.960   9.597   -3.525  1.00 17.33 ? 9   PRO A C   1 
ATOM   77   O O   . PRO A 1 9  ? 0.907   9.277   -2.978  1.00 16.59 ? 9   PRO A O   1 
ATOM   78   C CB  . PRO A 1 9  ? 1.575   7.717   -5.197  1.00 15.69 ? 9   PRO A CB  1 
ATOM   79   C CG  . PRO A 1 9  ? 1.787   6.570   -4.253  1.00 15.93 ? 9   PRO A CG  1 
ATOM   80   C CD  . PRO A 1 9  ? 3.304   6.521   -4.119  1.00 15.54 ? 9   PRO A CD  1 
ATOM   81   N N   . LEU A 1 10 ? 2.655   10.674  -3.177  1.00 18.45 ? 10  LEU A N   1 
ATOM   82   C CA  . LEU A 1 10 ? 2.214   11.561  -2.110  1.00 19.76 ? 10  LEU A CA  1 
ATOM   83   C C   . LEU A 1 10 ? 1.357   12.685  -2.668  1.00 20.02 ? 10  LEU A C   1 
ATOM   84   O O   . LEU A 1 10 ? 1.646   13.230  -3.735  1.00 20.24 ? 10  LEU A O   1 
ATOM   85   C CB  . LEU A 1 10 ? 3.424   12.148  -1.377  1.00 21.30 ? 10  LEU A CB  1 
ATOM   86   C CG  . LEU A 1 10 ? 4.313   11.179  -0.594  1.00 22.57 ? 10  LEU A CG  1 
ATOM   87   C CD1 . LEU A 1 10 ? 5.476   11.941  0.024   1.00 23.40 ? 10  LEU A CD1 1 
ATOM   88   C CD2 . LEU A 1 10 ? 3.501   10.493  0.494   1.00 23.12 ? 10  LEU A CD2 1 
ATOM   89   N N   . VAL A 1 11 ? 0.298   13.029  -1.947  1.00 20.01 ? 11  VAL A N   1 
ATOM   90   C CA  . VAL A 1 11 ? -0.595  14.095  -2.375  1.00 20.77 ? 11  VAL A CA  1 
ATOM   91   C C   . VAL A 1 11 ? -1.017  14.942  -1.188  1.00 21.00 ? 11  VAL A C   1 
ATOM   92   O O   . VAL A 1 11 ? -0.895  14.526  -0.031  1.00 20.27 ? 11  VAL A O   1 
ATOM   93   C CB  . VAL A 1 11 ? -1.873  13.539  -3.050  1.00 21.05 ? 11  VAL A CB  1 
ATOM   94   C CG1 . VAL A 1 11 ? -1.502  12.703  -4.262  1.00 21.35 ? 11  VAL A CG1 1 
ATOM   95   C CG2 . VAL A 1 11 ? -2.675  12.714  -2.052  1.00 21.66 ? 11  VAL A CG2 1 
ATOM   96   N N   . THR A 1 12 ? -1.510  16.139  -1.477  1.00 21.38 ? 12  THR A N   1 
ATOM   97   C CA  . THR A 1 12 ? -1.959  17.034  -0.429  1.00 22.46 ? 12  THR A CA  1 
ATOM   98   C C   . THR A 1 12 ? -3.426  16.759  -0.142  1.00 22.43 ? 12  THR A C   1 
ATOM   99   O O   . THR A 1 12 ? -4.234  16.634  -1.058  1.00 23.41 ? 12  THR A O   1 
ATOM   100  C CB  . THR A 1 12 ? -1.796  18.507  -0.845  1.00 23.33 ? 12  THR A CB  1 
ATOM   101  O OG1 . THR A 1 12 ? -0.410  18.781  -1.077  1.00 25.26 ? 12  THR A OG1 1 
ATOM   102  C CG2 . THR A 1 12 ? -2.308  19.432  0.251   1.00 24.64 ? 12  THR A CG2 1 
ATOM   103  N N   . ILE A 1 13 ? -3.763  16.642  1.134   1.00 21.87 ? 13  ILE A N   1 
ATOM   104  C CA  . ILE A 1 13 ? -5.139  16.397  1.522   1.00 22.73 ? 13  ILE A CA  1 
ATOM   105  C C   . ILE A 1 13 ? -5.560  17.500  2.479   1.00 23.19 ? 13  ILE A C   1 
ATOM   106  O O   . ILE A 1 13 ? -4.720  18.136  3.115   1.00 22.99 ? 13  ILE A O   1 
ATOM   107  C CB  . ILE A 1 13 ? -5.303  15.037  2.232   1.00 22.33 ? 13  ILE A CB  1 
ATOM   108  C CG1 . ILE A 1 13 ? -4.539  15.046  3.558   1.00 22.27 ? 13  ILE A CG1 1 
ATOM   109  C CG2 . ILE A 1 13 ? -4.787  13.919  1.333   1.00 22.07 ? 13  ILE A CG2 1 
ATOM   110  C CD1 . ILE A 1 13 ? -4.869  13.872  4.456   1.00 22.10 ? 13  ILE A CD1 1 
ATOM   111  N N   . LYS A 1 14 ? -6.862  17.728  2.570   1.00 24.13 ? 14  LYS A N   1 
ATOM   112  C CA  . LYS A 1 14 ? -7.391  18.745  3.465   1.00 25.75 ? 14  LYS A CA  1 
ATOM   113  C C   . LYS A 1 14 ? -8.390  18.071  4.388   1.00 25.97 ? 14  LYS A C   1 
ATOM   114  O O   . LYS A 1 14 ? -9.369  17.481  3.933   1.00 25.30 ? 14  LYS A O   1 
ATOM   115  C CB  . LYS A 1 14 ? -8.072  19.853  2.661   1.00 27.05 ? 14  LYS A CB  1 
ATOM   116  C CG  . LYS A 1 14 ? -8.488  21.062  3.488   1.00 30.04 ? 14  LYS A CG  1 
ATOM   117  C CD  . LYS A 1 14 ? -8.965  22.187  2.582   1.00 31.74 ? 14  LYS A CD  1 
ATOM   118  C CE  . LYS A 1 14 ? -9.286  23.448  3.370   1.00 33.34 ? 14  LYS A CE  1 
ATOM   119  N NZ  . LYS A 1 14 ? -9.610  24.584  2.462   1.00 34.59 ? 14  LYS A NZ  1 
ATOM   120  N N   . ILE A 1 15 ? -8.127  18.140  5.688   1.00 26.71 ? 15  ILE A N   1 
ATOM   121  C CA  . ILE A 1 15 ? -9.011  17.531  6.672   1.00 28.39 ? 15  ILE A CA  1 
ATOM   122  C C   . ILE A 1 15 ? -9.080  18.395  7.922   1.00 29.54 ? 15  ILE A C   1 
ATOM   123  O O   . ILE A 1 15 ? -8.054  18.806  8.463   1.00 29.37 ? 15  ILE A O   1 
ATOM   124  C CB  . ILE A 1 15 ? -8.529  16.111  7.065   1.00 28.26 ? 15  ILE A CB  1 
ATOM   125  C CG1 . ILE A 1 15 ? -9.474  15.515  8.113   1.00 28.54 ? 15  ILE A CG1 1 
ATOM   126  C CG2 . ILE A 1 15 ? -7.101  16.171  7.594   1.00 28.66 ? 15  ILE A CG2 1 
ATOM   127  C CD1 . ILE A 1 15 ? -9.149  14.086  8.505   1.00 28.52 ? 15  ILE A CD1 1 
ATOM   128  N N   . GLY A 1 16 ? -10.301 18.675  8.367   1.00 31.06 ? 16  GLY A N   1 
ATOM   129  C CA  . GLY A 1 16 ? -10.485 19.492  9.551   1.00 32.68 ? 16  GLY A CA  1 
ATOM   130  C C   . GLY A 1 16 ? -9.842  20.859  9.417   1.00 33.34 ? 16  GLY A C   1 
ATOM   131  O O   . GLY A 1 16 ? -9.366  21.425  10.400  1.00 33.67 ? 16  GLY A O   1 
ATOM   132  N N   . GLY A 1 17 ? -9.824  21.383  8.194   1.00 33.94 ? 17  GLY A N   1 
ATOM   133  C CA  . GLY A 1 17 ? -9.241  22.690  7.950   1.00 34.61 ? 17  GLY A CA  1 
ATOM   134  C C   . GLY A 1 17 ? -7.723  22.706  7.972   1.00 35.15 ? 17  GLY A C   1 
ATOM   135  O O   . GLY A 1 17 ? -7.108  23.770  8.070   1.00 35.72 ? 17  GLY A O   1 
ATOM   136  N N   . GLN A 1 18 ? -7.112  21.531  7.874   1.00 34.95 ? 18  GLN A N   1 
ATOM   137  C CA  . GLN A 1 18 ? -5.656  21.428  7.889   1.00 34.27 ? 18  GLN A CA  1 
ATOM   138  C C   . GLN A 1 18 ? -5.120  20.764  6.627   1.00 33.21 ? 18  GLN A C   1 
ATOM   139  O O   . GLN A 1 18 ? -5.707  19.809  6.123   1.00 32.57 ? 18  GLN A O   1 
ATOM   140  C CB  . GLN A 1 18 ? -5.200  20.617  9.102   1.00 35.41 ? 18  GLN A CB  1 
ATOM   141  C CG  . GLN A 1 18 ? -5.565  21.215  10.446  1.00 37.27 ? 18  GLN A CG  1 
ATOM   142  C CD  . GLN A 1 18 ? -5.138  20.325  11.596  1.00 38.19 ? 18  GLN A CD  1 
ATOM   143  O OE1 . GLN A 1 18 ? -3.968  19.955  11.706  1.00 38.89 ? 18  GLN A OE1 1 
ATOM   144  N NE2 . GLN A 1 18 ? -6.085  19.974  12.459  1.00 39.43 ? 18  GLN A NE2 1 
ATOM   145  N N   . LEU A 1 19 ? -4.003  21.276  6.120   1.00 32.35 ? 19  LEU A N   1 
ATOM   146  C CA  . LEU A 1 19 ? -3.381  20.703  4.933   1.00 31.46 ? 19  LEU A CA  1 
ATOM   147  C C   . LEU A 1 19 ? -2.319  19.714  5.380   1.00 30.37 ? 19  LEU A C   1 
ATOM   148  O O   . LEU A 1 19 ? -1.499  20.019  6.246   1.00 30.56 ? 19  LEU A O   1 
ATOM   149  C CB  . LEU A 1 19 ? -2.741  21.792  4.070   1.00 32.28 ? 19  LEU A CB  1 
ATOM   150  C CG  . LEU A 1 19 ? -3.696  22.718  3.316   1.00 33.11 ? 19  LEU A CG  1 
ATOM   151  C CD1 . LEU A 1 19 ? -2.894  23.728  2.508   1.00 33.66 ? 19  LEU A CD1 1 
ATOM   152  C CD2 . LEU A 1 19 ? -4.593  21.896  2.401   1.00 33.40 ? 19  LEU A CD2 1 
ATOM   153  N N   . LYS A 1 20 ? -2.338  18.524  4.794   1.00 28.65 ? 20  LYS A N   1 
ATOM   154  C CA  . LYS A 1 20 ? -1.375  17.493  5.146   1.00 27.06 ? 20  LYS A CA  1 
ATOM   155  C C   . LYS A 1 20 ? -0.948  16.711  3.917   1.00 25.65 ? 20  LYS A C   1 
ATOM   156  O O   . LYS A 1 20 ? -1.629  16.730  2.894   1.00 25.44 ? 20  LYS A O   1 
ATOM   157  C CB  . LYS A 1 20 ? -1.977  16.534  6.178   1.00 27.61 ? 20  LYS A CB  1 
ATOM   158  C CG  . LYS A 1 20 ? -2.138  17.129  7.569   1.00 29.07 ? 20  LYS A CG  1 
ATOM   159  C CD  . LYS A 1 20 ? -2.704  16.106  8.542   1.00 30.18 ? 20  LYS A CD  1 
ATOM   160  C CE  . LYS A 1 20 ? -2.444  16.508  9.985   1.00 31.29 ? 20  LYS A CE  1 
ATOM   161  N NZ  . LYS A 1 20 ? -2.988  17.859  10.293  1.00 32.88 ? 20  LYS A NZ  1 
ATOM   162  N N   . GLU A 1 21 ? 0.189   16.034  4.022   1.00 24.54 ? 21  GLU A N   1 
ATOM   163  C CA  . GLU A 1 21 ? 0.701   15.225  2.925   1.00 23.26 ? 21  GLU A CA  1 
ATOM   164  C C   . GLU A 1 21 ? 0.346   13.777  3.239   1.00 21.29 ? 21  GLU A C   1 
ATOM   165  O O   . GLU A 1 21 ? 0.531   13.323  4.364   1.00 20.24 ? 21  GLU A O   1 
ATOM   166  C CB  . GLU A 1 21 ? 2.219   15.383  2.815   1.00 25.43 ? 21  GLU A CB  1 
ATOM   167  C CG  . GLU A 1 21 ? 2.819   14.724  1.584   1.00 29.00 ? 21  GLU A CG  1 
ATOM   168  C CD  . GLU A 1 21 ? 4.289   15.056  1.403   1.00 30.72 ? 21  GLU A CD  1 
ATOM   169  O OE1 . GLU A 1 21 ? 5.100   14.682  2.277   1.00 32.52 ? 21  GLU A OE1 1 
ATOM   170  O OE2 . GLU A 1 21 ? 4.630   15.698  0.385   1.00 32.51 ? 21  GLU A OE2 1 
ATOM   171  N N   . ALA A 1 22 ? -0.176  13.058  2.251   1.00 19.95 ? 22  ALA A N   1 
ATOM   172  C CA  . ALA A 1 22 ? -0.554  11.669  2.469   1.00 18.50 ? 22  ALA A CA  1 
ATOM   173  C C   . ALA A 1 22 ? -0.196  10.798  1.281   1.00 17.78 ? 22  ALA A C   1 
ATOM   174  O O   . ALA A 1 22 ? -0.042  11.278  0.158   1.00 17.84 ? 22  ALA A O   1 
ATOM   175  C CB  . ALA A 1 22 ? -2.046  11.568  2.755   1.00 18.45 ? 22  ALA A CB  1 
ATOM   176  N N   . LEU A 1 23 ? -0.080  9.506   1.549   1.00 16.61 ? 23  LEU A N   1 
ATOM   177  C CA  . LEU A 1 23 ? 0.278   8.529   0.538   1.00 16.06 ? 23  LEU A CA  1 
ATOM   178  C C   . LEU A 1 23 ? -0.958  7.820   -0.011  1.00 15.36 ? 23  LEU A C   1 
ATOM   179  O O   . LEU A 1 23 ? -1.802  7.367   0.760   1.00 15.59 ? 23  LEU A O   1 
ATOM   180  C CB  . LEU A 1 23 ? 1.220   7.500   1.168   1.00 16.87 ? 23  LEU A CB  1 
ATOM   181  C CG  . LEU A 1 23 ? 1.855   6.417   0.304   1.00 18.23 ? 23  LEU A CG  1 
ATOM   182  C CD1 . LEU A 1 23 ? 2.798   7.049   -0.699  1.00 19.14 ? 23  LEU A CD1 1 
ATOM   183  C CD2 . LEU A 1 23 ? 2.618   5.445   1.201   1.00 18.40 ? 23  LEU A CD2 1 
ATOM   184  N N   . LEU A 1 24 ? -1.070  7.742   -1.338  1.00 14.54 ? 24  LEU A N   1 
ATOM   185  C CA  . LEU A 1 24 ? -2.189  7.031   -1.964  1.00 14.25 ? 24  LEU A CA  1 
ATOM   186  C C   . LEU A 1 24 ? -1.725  5.584   -1.889  1.00 14.22 ? 24  LEU A C   1 
ATOM   187  O O   . LEU A 1 24 ? -0.816  5.168   -2.613  1.00 14.22 ? 24  LEU A O   1 
ATOM   188  C CB  . LEU A 1 24 ? -2.370  7.471   -3.419  1.00 14.50 ? 24  LEU A CB  1 
ATOM   189  C CG  . LEU A 1 24 ? -2.708  8.952   -3.589  1.00 15.58 ? 24  LEU A CG  1 
ATOM   190  C CD1 . LEU A 1 24 ? -2.915  9.260   -5.065  1.00 16.41 ? 24  LEU A CD1 1 
ATOM   191  C CD2 . LEU A 1 24 ? -3.962  9.296   -2.794  1.00 16.05 ? 24  LEU A CD2 1 
ATOM   192  N N   . ASP A 1 25 ? -2.360  4.821   -1.010  1.00 12.84 ? 25  ASP A N   1 
ATOM   193  C CA  . ASP A 1 25 ? -1.946  3.453   -0.746  1.00 12.72 ? 25  ASP A CA  1 
ATOM   194  C C   . ASP A 1 25 ? -2.984  2.398   -1.109  1.00 11.70 ? 25  ASP A C   1 
ATOM   195  O O   . ASP A 1 25 ? -3.939  2.190   -0.362  1.00 11.62 ? 25  ASP A O   1 
ATOM   196  C CB  . ASP A 1 25 ? -1.616  3.366   0.745   1.00 13.32 ? 25  ASP A CB  1 
ATOM   197  C CG  . ASP A 1 25 ? -0.856  2.113   1.115   1.00 13.77 ? 25  ASP A CG  1 
ATOM   198  O OD1 . ASP A 1 25 ? -0.877  1.140   0.339   1.00 15.52 ? 25  ASP A OD1 1 
ATOM   199  O OD2 . ASP A 1 25 ? -0.246  2.114   2.203   1.00 15.13 ? 25  ASP A OD2 1 
ATOM   200  N N   . THR A 1 26 ? -2.791  1.718   -2.239  1.00 10.75 ? 26  THR A N   1 
ATOM   201  C CA  . THR A 1 26 ? -3.740  0.693   -2.662  1.00 9.90  ? 26  THR A CA  1 
ATOM   202  C C   . THR A 1 26 ? -3.660  -0.565  -1.803  1.00 10.54 ? 26  THR A C   1 
ATOM   203  O O   . THR A 1 26 ? -4.566  -1.403  -1.836  1.00 11.11 ? 26  THR A O   1 
ATOM   204  C CB  . THR A 1 26 ? -3.534  0.286   -4.135  1.00 9.59  ? 26  THR A CB  1 
ATOM   205  O OG1 . THR A 1 26 ? -2.197  -0.200  -4.320  1.00 9.77  ? 26  THR A OG1 1 
ATOM   206  C CG2 . THR A 1 26 ? -3.787  1.479   -5.054  1.00 8.54  ? 26  THR A CG2 1 
ATOM   207  N N   . GLY A 1 27 ? -2.581  -0.690  -1.037  1.00 10.25 ? 27  GLY A N   1 
ATOM   208  C CA  . GLY A 1 27 ? -2.414  -1.848  -0.176  1.00 11.33 ? 27  GLY A CA  1 
ATOM   209  C C   . GLY A 1 27 ? -3.062  -1.666  1.186   1.00 11.52 ? 27  GLY A C   1 
ATOM   210  O O   . GLY A 1 27 ? -3.118  -2.602  1.982   1.00 12.15 ? 27  GLY A O   1 
ATOM   211  N N   . ALA A 1 28 ? -3.549  -0.458  1.459   1.00 10.92 ? 28  ALA A N   1 
ATOM   212  C CA  . ALA A 1 28 ? -4.192  -0.160  2.731   1.00 10.78 ? 28  ALA A CA  1 
ATOM   213  C C   . ALA A 1 28 ? -5.713  -0.244  2.607   1.00 11.19 ? 28  ALA A C   1 
ATOM   214  O O   . ALA A 1 28 ? -6.310  0.444   1.779   1.00 11.32 ? 28  ALA A O   1 
ATOM   215  C CB  . ALA A 1 28 ? -3.783  1.235   3.202   1.00 11.80 ? 28  ALA A CB  1 
ATOM   216  N N   . ASP A 1 29 ? -6.338  -1.081  3.429   1.00 11.33 ? 29  ASP A N   1 
ATOM   217  C CA  . ASP A 1 29 ? -7.793  -1.226  3.387   1.00 13.31 ? 29  ASP A CA  1 
ATOM   218  C C   . ASP A 1 29 ? -8.474  0.053   3.833   1.00 13.16 ? 29  ASP A C   1 
ATOM   219  O O   . ASP A 1 29 ? -9.484  0.466   3.264   1.00 12.94 ? 29  ASP A O   1 
ATOM   220  C CB  . ASP A 1 29 ? -8.266  -2.349  4.309   1.00 14.53 ? 29  ASP A CB  1 
ATOM   221  C CG  . ASP A 1 29 ? -7.787  -3.706  3.869   1.00 16.17 ? 29  ASP A CG  1 
ATOM   222  O OD1 . ASP A 1 29 ? -7.569  -3.900  2.658   1.00 14.81 ? 29  ASP A OD1 1 
ATOM   223  O OD2 . ASP A 1 29 ? -7.648  -4.583  4.740   1.00 18.00 ? 29  ASP A OD2 1 
ATOM   224  N N   . ASP A 1 30 ? -7.918  0.663   4.870   1.00 13.66 ? 30  ASP A N   1 
ATOM   225  C CA  . ASP A 1 30 ? -8.477  1.883   5.413   1.00 15.21 ? 30  ASP A CA  1 
ATOM   226  C C   . ASP A 1 30 ? -7.493  3.035   5.411   1.00 14.28 ? 30  ASP A C   1 
ATOM   227  O O   . ASP A 1 30 ? -6.346  2.899   4.995   1.00 14.48 ? 30  ASP A O   1 
ATOM   228  C CB  . ASP A 1 30 ? -9.004  1.629   6.823   1.00 18.31 ? 30  ASP A CB  1 
ATOM   229  C CG  . ASP A 1 30 ? -10.313 0.855   6.817   1.00 21.50 ? 30  ASP A CG  1 
ATOM   230  O OD1 . ASP A 1 30 ? -11.321 1.389   6.297   1.00 24.18 ? 30  ASP A OD1 1 
ATOM   231  O OD2 . ASP A 1 30 ? -10.332 -0.284  7.320   1.00 23.58 ? 30  ASP A OD2 1 
ATOM   232  N N   . THR A 1 31 ? -7.971  4.176   5.885   1.00 13.74 ? 31  THR A N   1 
ATOM   233  C CA  . THR A 1 31 ? -7.195  5.397   5.930   1.00 13.24 ? 31  THR A CA  1 
ATOM   234  C C   . THR A 1 31 ? -6.746  5.689   7.353   1.00 13.44 ? 31  THR A C   1 
ATOM   235  O O   . THR A 1 31 ? -7.554  5.686   8.273   1.00 13.22 ? 31  THR A O   1 
ATOM   236  C CB  . THR A 1 31 ? -8.055  6.558   5.408   1.00 12.80 ? 31  THR A CB  1 
ATOM   237  O OG1 . THR A 1 31 ? -8.361  6.326   4.028   1.00 13.09 ? 31  THR A OG1 1 
ATOM   238  C CG2 . THR A 1 31 ? -7.340  7.892   5.568   1.00 12.35 ? 31  THR A CG2 1 
ATOM   239  N N   . VAL A 1 32 ? -5.455  5.928   7.532   1.00 13.48 ? 32  VAL A N   1 
ATOM   240  C CA  . VAL A 1 32 ? -4.948  6.224   8.860   1.00 14.05 ? 32  VAL A CA  1 
ATOM   241  C C   . VAL A 1 32 ? -4.030  7.432   8.821   1.00 14.17 ? 32  VAL A C   1 
ATOM   242  O O   . VAL A 1 32 ? -3.114  7.522   7.998   1.00 14.25 ? 32  VAL A O   1 
ATOM   243  C CB  . VAL A 1 32 ? -4.220  4.997   9.482   1.00 14.93 ? 32  VAL A CB  1 
ATOM   244  C CG1 . VAL A 1 32 ? -3.035  4.582   8.629   1.00 15.60 ? 32  VAL A CG1 1 
ATOM   245  C CG2 . VAL A 1 32 ? -3.777  5.325   10.907  1.00 14.23 ? 32  VAL A CG2 1 
ATOM   246  N N   . LEU A 1 33 ? -4.303  8.375   9.715   1.00 14.50 ? 33  LEU A N   1 
ATOM   247  C CA  . LEU A 1 33 ? -3.521  9.598   9.791   1.00 15.21 ? 33  LEU A CA  1 
ATOM   248  C C   . LEU A 1 33 ? -2.801  9.687   11.125  1.00 15.52 ? 33  LEU A C   1 
ATOM   249  O O   . LEU A 1 33 ? -3.222  9.085   12.113  1.00 13.10 ? 33  LEU A O   1 
ATOM   250  C CB  . LEU A 1 33 ? -4.432  10.810  9.624   1.00 16.37 ? 33  LEU A CB  1 
ATOM   251  C CG  . LEU A 1 33 ? -5.267  10.852  8.343   1.00 17.68 ? 33  LEU A CG  1 
ATOM   252  C CD1 . LEU A 1 33 ? -6.123  12.108  8.354   1.00 17.77 ? 33  LEU A CD1 1 
ATOM   253  C CD2 . LEU A 1 33 ? -4.354  10.832  7.119   1.00 17.67 ? 33  LEU A CD2 1 
ATOM   254  N N   . GLU A 1 34 ? -1.706  10.437  11.134  1.00 16.62 ? 34  GLU A N   1 
ATOM   255  C CA  . GLU A 1 34 ? -0.921  10.627  12.340  1.00 18.90 ? 34  GLU A CA  1 
ATOM   256  C C   . GLU A 1 34 ? -1.804  11.308  13.382  1.00 19.26 ? 34  GLU A C   1 
ATOM   257  O O   . GLU A 1 34 ? -2.808  11.938  13.043  1.00 18.22 ? 34  GLU A O   1 
ATOM   258  C CB  . GLU A 1 34 ? 0.301   11.494  12.023  1.00 20.65 ? 34  GLU A CB  1 
ATOM   259  C CG  . GLU A 1 34 ? -0.048  12.907  11.598  1.00 24.60 ? 34  GLU A CG  1 
ATOM   260  C CD  . GLU A 1 34 ? 1.102   13.608  10.901  1.00 27.29 ? 34  GLU A CD  1 
ATOM   261  O OE1 . GLU A 1 34 ? 2.265   13.398  11.312  1.00 29.60 ? 34  GLU A OE1 1 
ATOM   262  O OE2 . GLU A 1 34 ? 0.839   14.375  9.949   1.00 29.36 ? 34  GLU A OE2 1 
ATOM   263  N N   . GLU A 1 35 ? -1.424  11.174  14.648  1.00 20.48 ? 35  GLU A N   1 
ATOM   264  C CA  . GLU A 1 35 ? -2.178  11.755  15.751  1.00 22.06 ? 35  GLU A CA  1 
ATOM   265  C C   . GLU A 1 35 ? -2.681  13.165  15.487  1.00 22.36 ? 35  GLU A C   1 
ATOM   266  O O   . GLU A 1 35 ? -1.916  14.048  15.105  1.00 22.76 ? 35  GLU A O   1 
ATOM   267  C CB  . GLU A 1 35 ? -1.328  11.773  17.022  1.00 23.67 ? 35  GLU A CB  1 
ATOM   268  C CG  . GLU A 1 35 ? -1.316  10.477  17.795  1.00 26.51 ? 35  GLU A CG  1 
ATOM   269  C CD  . GLU A 1 35 ? -2.702  10.040  18.219  1.00 28.10 ? 35  GLU A CD  1 
ATOM   270  O OE1 . GLU A 1 35 ? -3.523  10.909  18.576  1.00 28.83 ? 35  GLU A OE1 1 
ATOM   271  O OE2 . GLU A 1 35 ? -2.967  8.821   18.206  1.00 29.35 ? 35  GLU A OE2 1 
ATOM   272  N N   . MET A 1 36 ? -3.975  13.361  15.700  1.00 22.89 ? 36  MET A N   1 
ATOM   273  C CA  . MET A 1 36 ? -4.601  14.660  15.515  1.00 24.57 ? 36  MET A CA  1 
ATOM   274  C C   . MET A 1 36 ? -5.976  14.643  16.157  1.00 25.22 ? 36  MET A C   1 
ATOM   275  O O   . MET A 1 36 ? -6.509  13.580  16.483  1.00 24.72 ? 36  MET A O   1 
ATOM   276  C CB  . MET A 1 36 ? -4.731  14.995  14.027  1.00 25.16 ? 36  MET A CB  1 
ATOM   277  C CG  . MET A 1 36 ? -5.721  14.129  13.271  1.00 26.15 ? 36  MET A CG  1 
ATOM   278  S SD  . MET A 1 36 ? -5.852  14.645  11.545  1.00 28.87 ? 36  MET A SD  1 
ATOM   279  C CE  . MET A 1 36 ? -6.749  16.187  11.716  1.00 27.15 ? 36  MET A CE  1 
ATOM   280  N N   . SER A 1 37 ? -6.555  15.822  16.338  1.00 26.41 ? 37  SER A N   1 
ATOM   281  C CA  . SER A 1 37 ? -7.873  15.917  16.937  1.00 27.95 ? 37  SER A CA  1 
ATOM   282  C C   . SER A 1 37 ? -8.955  15.995  15.869  1.00 28.56 ? 37  SER A C   1 
ATOM   283  O O   . SER A 1 37 ? -8.839  16.751  14.906  1.00 28.71 ? 37  SER A O   1 
ATOM   284  C CB  . SER A 1 37 ? -7.959  17.151  17.837  1.00 28.63 ? 37  SER A CB  1 
ATOM   285  O OG  . SER A 1 37 ? -9.253  17.258  18.404  1.00 30.37 ? 37  SER A OG  1 
ATOM   286  N N   . LEU A 1 38 ? -10.001 15.196  16.043  1.00 29.20 ? 38  LEU A N   1 
ATOM   287  C CA  . LEU A 1 38 ? -11.127 15.186  15.119  1.00 29.95 ? 38  LEU A CA  1 
ATOM   288  C C   . LEU A 1 38 ? -12.409 15.229  15.941  1.00 31.17 ? 38  LEU A C   1 
ATOM   289  O O   . LEU A 1 38 ? -12.447 14.735  17.065  1.00 31.20 ? 38  LEU A O   1 
ATOM   290  C CB  . LEU A 1 38 ? -11.108 13.928  14.247  1.00 29.17 ? 38  LEU A CB  1 
ATOM   291  C CG  . LEU A 1 38 ? -10.062 13.892  13.130  1.00 28.91 ? 38  LEU A CG  1 
ATOM   292  C CD1 . LEU A 1 38 ? -10.106 12.545  12.428  1.00 28.52 ? 38  LEU A CD1 1 
ATOM   293  C CD2 . LEU A 1 38 ? -10.336 15.017  12.142  1.00 28.43 ? 38  LEU A CD2 1 
ATOM   294  N N   . PRO A 1 39 ? -13.470 15.838  15.395  1.00 32.24 ? 39  PRO A N   1 
ATOM   295  C CA  . PRO A 1 39 ? -14.756 15.942  16.092  1.00 33.17 ? 39  PRO A CA  1 
ATOM   296  C C   . PRO A 1 39 ? -15.513 14.621  16.148  1.00 33.28 ? 39  PRO A C   1 
ATOM   297  O O   . PRO A 1 39 ? -15.271 13.722  15.341  1.00 33.94 ? 39  PRO A O   1 
ATOM   298  C CB  . PRO A 1 39 ? -15.513 16.987  15.268  1.00 33.18 ? 39  PRO A CB  1 
ATOM   299  C CG  . PRO A 1 39 ? -14.419 17.790  14.620  1.00 33.75 ? 39  PRO A CG  1 
ATOM   300  C CD  . PRO A 1 39 ? -13.453 16.712  14.212  1.00 33.02 ? 39  PRO A CD  1 
ATOM   301  N N   . GLY A 1 40 ? -16.431 14.516  17.104  1.00 33.78 ? 40  GLY A N   1 
ATOM   302  C CA  . GLY A 1 40 ? -17.235 13.315  17.241  1.00 33.67 ? 40  GLY A CA  1 
ATOM   303  C C   . GLY A 1 40 ? -16.658 12.234  18.132  1.00 33.29 ? 40  GLY A C   1 
ATOM   304  O O   . GLY A 1 40 ? -15.543 12.353  18.637  1.00 33.48 ? 40  GLY A O   1 
ATOM   305  N N   . ARG A 1 41 ? -17.438 11.178  18.337  1.00 33.14 ? 41  ARG A N   1 
ATOM   306  C CA  . ARG A 1 41 ? -17.001 10.058  19.156  1.00 33.12 ? 41  ARG A CA  1 
ATOM   307  C C   . ARG A 1 41 ? -16.139 9.142   18.301  1.00 31.82 ? 41  ARG A C   1 
ATOM   308  O O   . ARG A 1 41 ? -16.193 9.190   17.072  1.00 31.61 ? 41  ARG A O   1 
ATOM   309  C CB  . ARG A 1 41 ? -18.198 9.261   19.683  1.00 34.77 ? 41  ARG A CB  1 
ATOM   310  C CG  . ARG A 1 41 ? -19.072 9.989   20.690  1.00 37.43 ? 41  ARG A CG  1 
ATOM   311  C CD  . ARG A 1 41 ? -20.433 10.311  20.098  1.00 39.54 ? 41  ARG A CD  1 
ATOM   312  N NE  . ARG A 1 41 ? -21.023 9.160   19.415  1.00 41.72 ? 41  ARG A NE  1 
ATOM   313  C CZ  . ARG A 1 41 ? -21.256 7.980   19.984  1.00 42.70 ? 41  ARG A CZ  1 
ATOM   314  N NH1 . ARG A 1 41 ? -20.952 7.778   21.260  1.00 43.13 ? 41  ARG A NH1 1 
ATOM   315  N NH2 . ARG A 1 41 ? -21.795 6.998   19.272  1.00 43.34 ? 41  ARG A NH2 1 
ATOM   316  N N   . TRP A 1 42 ? -15.345 8.308   18.958  1.00 30.53 ? 42  TRP A N   1 
ATOM   317  C CA  . TRP A 1 42 ? -14.479 7.375   18.254  1.00 29.09 ? 42  TRP A CA  1 
ATOM   318  C C   . TRP A 1 42 ? -14.512 6.024   18.948  1.00 28.16 ? 42  TRP A C   1 
ATOM   319  O O   . TRP A 1 42 ? -14.907 5.924   20.110  1.00 27.65 ? 42  TRP A O   1 
ATOM   320  C CB  . TRP A 1 42 ? -13.041 7.901   18.227  1.00 29.19 ? 42  TRP A CB  1 
ATOM   321  C CG  . TRP A 1 42 ? -12.520 8.281   19.580  1.00 29.51 ? 42  TRP A CG  1 
ATOM   322  C CD1 . TRP A 1 42 ? -12.645 9.493   20.194  1.00 29.95 ? 42  TRP A CD1 1 
ATOM   323  C CD2 . TRP A 1 42 ? -11.827 7.432   20.505  1.00 30.01 ? 42  TRP A CD2 1 
ATOM   324  N NE1 . TRP A 1 42 ? -12.073 9.455   21.442  1.00 30.07 ? 42  TRP A NE1 1 
ATOM   325  C CE2 . TRP A 1 42 ? -11.565 8.202   21.660  1.00 30.29 ? 42  TRP A CE2 1 
ATOM   326  C CE3 . TRP A 1 42 ? -11.404 6.096   20.470  1.00 30.01 ? 42  TRP A CE3 1 
ATOM   327  C CZ2 . TRP A 1 42 ? -10.897 7.679   22.773  1.00 30.39 ? 42  TRP A CZ2 1 
ATOM   328  C CZ3 . TRP A 1 42 ? -10.739 5.576   21.579  1.00 30.18 ? 42  TRP A CZ3 1 
ATOM   329  C CH2 . TRP A 1 42 ? -10.493 6.369   22.714  1.00 30.62 ? 42  TRP A CH2 1 
ATOM   330  N N   . LYS A 1 43 ? -14.110 4.984   18.225  1.00 26.71 ? 43  LYS A N   1 
ATOM   331  C CA  . LYS A 1 43 ? -14.064 3.636   18.781  1.00 25.76 ? 43  LYS A CA  1 
ATOM   332  C C   . LYS A 1 43 ? -12.631 3.145   18.626  1.00 23.89 ? 43  LYS A C   1 
ATOM   333  O O   . LYS A 1 43 ? -11.958 3.483   17.653  1.00 23.05 ? 43  LYS A O   1 
ATOM   334  C CB  . LYS A 1 43 ? -14.980 2.685   18.007  1.00 27.38 ? 43  LYS A CB  1 
ATOM   335  C CG  . LYS A 1 43 ? -16.401 3.157   17.783  1.00 30.14 ? 43  LYS A CG  1 
ATOM   336  C CD  . LYS A 1 43 ? -17.135 2.134   16.927  1.00 31.67 ? 43  LYS A CD  1 
ATOM   337  C CE  . LYS A 1 43 ? -18.489 2.636   16.461  1.00 33.17 ? 43  LYS A CE  1 
ATOM   338  N NZ  . LYS A 1 43 ? -19.144 1.642   15.562  1.00 34.21 ? 43  LYS A NZ  1 
ATOM   339  N N   . PRO A 1 44 ? -12.137 2.354   19.584  1.00 22.71 ? 44  PRO A N   1 
ATOM   340  C CA  . PRO A 1 44 ? -10.765 1.866   19.448  1.00 21.54 ? 44  PRO A CA  1 
ATOM   341  C C   . PRO A 1 44 ? -10.740 0.728   18.434  1.00 20.50 ? 44  PRO A C   1 
ATOM   342  O O   . PRO A 1 44 ? -11.719 0.001   18.278  1.00 19.94 ? 44  PRO A O   1 
ATOM   343  C CB  . PRO A 1 44 ? -10.424 1.404   20.859  1.00 22.25 ? 44  PRO A CB  1 
ATOM   344  C CG  . PRO A 1 44 ? -11.738 0.903   21.362  1.00 22.32 ? 44  PRO A CG  1 
ATOM   345  C CD  . PRO A 1 44 ? -12.711 1.966   20.885  1.00 22.76 ? 44  PRO A CD  1 
ATOM   346  N N   . LYS A 1 45 ? -9.621  0.585   17.739  1.00 19.33 ? 45  LYS A N   1 
ATOM   347  C CA  . LYS A 1 45 ? -9.482  -0.461  16.743  1.00 19.18 ? 45  LYS A CA  1 
ATOM   348  C C   . LYS A 1 45 ? -8.015  -0.814  16.625  1.00 18.26 ? 45  LYS A C   1 
ATOM   349  O O   . LYS A 1 45 ? -7.148  0.007   16.917  1.00 18.32 ? 45  LYS A O   1 
ATOM   350  C CB  . LYS A 1 45 ? -10.004 0.021   15.386  1.00 20.50 ? 45  LYS A CB  1 
ATOM   351  C CG  . LYS A 1 45 ? -9.959  -1.039  14.294  1.00 21.61 ? 45  LYS A CG  1 
ATOM   352  C CD  . LYS A 1 45 ? -10.481 -0.504  12.966  1.00 23.17 ? 45  LYS A CD  1 
ATOM   353  C CE  . LYS A 1 45 ? -10.636 -1.634  11.956  1.00 24.38 ? 45  LYS A CE  1 
ATOM   354  N NZ  . LYS A 1 45 ? -11.154 -1.166  10.647  1.00 26.16 ? 45  LYS A NZ  1 
ATOM   355  N N   . MET A 1 46 ? -7.742  -2.042  16.201  1.00 17.88 ? 46  MET A N   1 
ATOM   356  C CA  . MET A 1 46 ? -6.373  -2.496  16.029  1.00 18.32 ? 46  MET A CA  1 
ATOM   357  C C   . MET A 1 46 ? -6.194  -2.799  14.547  1.00 16.72 ? 46  MET A C   1 
ATOM   358  O O   . MET A 1 46 ? -7.003  -3.515  13.963  1.00 16.52 ? 46  MET A O   1 
ATOM   359  C CB  . MET A 1 46 ? -6.140  -3.773  16.840  1.00 20.72 ? 46  MET A CB  1 
ATOM   360  C CG  . MET A 1 46 ? -4.715  -3.968  17.288  1.00 25.33 ? 46  MET A CG  1 
ATOM   361  S SD  . MET A 1 46 ? -4.304  -2.844  18.636  1.00 27.98 ? 46  MET A SD  1 
ATOM   362  C CE  . MET A 1 46 ? -4.980  -3.759  20.025  1.00 28.32 ? 46  MET A CE  1 
ATOM   363  N N   . ILE A 1 47 ? -5.161  -2.239  13.930  1.00 15.63 ? 47  ILE A N   1 
ATOM   364  C CA  . ILE A 1 47 ? -4.915  -2.512  12.519  1.00 14.83 ? 47  ILE A CA  1 
ATOM   365  C C   . ILE A 1 47 ? -3.526  -3.107  12.370  1.00 14.40 ? 47  ILE A C   1 
ATOM   366  O O   . ILE A 1 47 ? -2.588  -2.702  13.052  1.00 13.95 ? 47  ILE A O   1 
ATOM   367  C CB  . ILE A 1 47 ? -5.030  -1.244  11.645  1.00 15.32 ? 47  ILE A CB  1 
ATOM   368  C CG1 . ILE A 1 47 ? -4.074  -0.162  12.144  1.00 15.74 ? 47  ILE A CG1 1 
ATOM   369  C CG2 . ILE A 1 47 ? -6.472  -0.747  11.643  1.00 15.18 ? 47  ILE A CG2 1 
ATOM   370  C CD1 . ILE A 1 47 ? -4.112  1.114   11.315  1.00 18.24 ? 47  ILE A CD1 1 
ATOM   371  N N   . GLY A 1 48 ? -3.406  -4.085  11.480  1.00 14.49 ? 48  GLY A N   1 
ATOM   372  C CA  . GLY A 1 48 ? -2.131  -4.739  11.277  1.00 15.50 ? 48  GLY A CA  1 
ATOM   373  C C   . GLY A 1 48 ? -1.567  -4.559  9.886   1.00 16.39 ? 48  GLY A C   1 
ATOM   374  O O   . GLY A 1 48 ? -2.294  -4.570  8.891   1.00 17.01 ? 48  GLY A O   1 
ATOM   375  N N   . GLY A 1 49 ? -0.255  -4.379  9.830   1.00 16.78 ? 49  GLY A N   1 
ATOM   376  C CA  . GLY A 1 49 ? 0.428   -4.216  8.563   1.00 18.11 ? 49  GLY A CA  1 
ATOM   377  C C   . GLY A 1 49 ? 1.761   -4.916  8.698   1.00 17.71 ? 49  GLY A C   1 
ATOM   378  O O   . GLY A 1 49 ? 1.879   -5.888  9.438   1.00 17.77 ? 49  GLY A O   1 
ATOM   379  N N   . ILE A 1 50 ? 2.765   -4.431  7.981   1.00 18.44 ? 50  ILE A N   1 
ATOM   380  C CA  . ILE A 1 50 ? 4.094   -5.009  8.071   1.00 19.30 ? 50  ILE A CA  1 
ATOM   381  C C   . ILE A 1 50 ? 4.621   -4.571  9.434   1.00 19.25 ? 50  ILE A C   1 
ATOM   382  O O   . ILE A 1 50 ? 4.547   -3.394  9.771   1.00 19.89 ? 50  ILE A O   1 
ATOM   383  C CB  . ILE A 1 50 ? 5.029   -4.433  6.986   1.00 19.55 ? 50  ILE A CB  1 
ATOM   384  C CG1 . ILE A 1 50 ? 4.520   -4.816  5.594   1.00 20.84 ? 50  ILE A CG1 1 
ATOM   385  C CG2 . ILE A 1 50 ? 6.453   -4.925  7.209   1.00 21.24 ? 50  ILE A CG2 1 
ATOM   386  C CD1 . ILE A 1 50 ? 4.591   -6.290  5.304   1.00 22.93 ? 50  ILE A CD1 1 
ATOM   387  N N   . GLY A 1 51 ? 5.136   -5.506  10.219  1.00 19.84 ? 51  GLY A N   1 
ATOM   388  C CA  . GLY A 1 51 ? 5.670   -5.134  11.516  1.00 19.17 ? 51  GLY A CA  1 
ATOM   389  C C   . GLY A 1 51 ? 4.747   -5.424  12.682  1.00 19.44 ? 51  GLY A C   1 
ATOM   390  O O   . GLY A 1 51 ? 5.192   -5.481  13.827  1.00 20.14 ? 51  GLY A O   1 
ATOM   391  N N   . GLY A 1 52 ? 3.461   -5.601  12.409  1.00 18.41 ? 52  GLY A N   1 
ATOM   392  C CA  . GLY A 1 52 ? 2.531   -5.894  13.482  1.00 17.99 ? 52  GLY A CA  1 
ATOM   393  C C   . GLY A 1 52 ? 1.343   -4.958  13.528  1.00 17.60 ? 52  GLY A C   1 
ATOM   394  O O   . GLY A 1 52 ? 1.032   -4.283  12.547  1.00 17.54 ? 52  GLY A O   1 
ATOM   395  N N   . PHE A 1 53 ? 0.691   -4.905  14.684  1.00 17.40 ? 53  PHE A N   1 
ATOM   396  C CA  . PHE A 1 53 ? -0.489  -4.071  14.854  1.00 16.71 ? 53  PHE A CA  1 
ATOM   397  C C   . PHE A 1 53 ? -0.249  -2.823  15.683  1.00 16.46 ? 53  PHE A C   1 
ATOM   398  O O   . PHE A 1 53 ? 0.660   -2.775  16.518  1.00 16.39 ? 53  PHE A O   1 
ATOM   399  C CB  . PHE A 1 53 ? -1.613  -4.861  15.534  1.00 16.77 ? 53  PHE A CB  1 
ATOM   400  C CG  . PHE A 1 53 ? -2.172  -5.979  14.709  1.00 17.71 ? 53  PHE A CG  1 
ATOM   401  C CD1 . PHE A 1 53 ? -1.439  -7.142  14.497  1.00 18.06 ? 53  PHE A CD1 1 
ATOM   402  C CD2 . PHE A 1 53 ? -3.450  -5.882  14.167  1.00 17.05 ? 53  PHE A CD2 1 
ATOM   403  C CE1 . PHE A 1 53 ? -1.976  -8.195  13.759  1.00 18.18 ? 53  PHE A CE1 1 
ATOM   404  C CE2 . PHE A 1 53 ? -3.993  -6.925  13.428  1.00 18.25 ? 53  PHE A CE2 1 
ATOM   405  C CZ  . PHE A 1 53 ? -3.253  -8.088  13.224  1.00 18.15 ? 53  PHE A CZ  1 
ATOM   406  N N   . ILE A 1 54 ? -1.076  -1.812  15.440  1.00 16.03 ? 54  ILE A N   1 
ATOM   407  C CA  . ILE A 1 54 ? -1.027  -0.575  16.209  1.00 16.47 ? 54  ILE A CA  1 
ATOM   408  C C   . ILE A 1 54 ? -2.466  -0.251  16.588  1.00 16.60 ? 54  ILE A C   1 
ATOM   409  O O   . ILE A 1 54 ? -3.405  -0.634  15.884  1.00 15.16 ? 54  ILE A O   1 
ATOM   410  C CB  . ILE A 1 54 ? -0.427  0.619   15.418  1.00 17.07 ? 54  ILE A CB  1 
ATOM   411  C CG1 . ILE A 1 54 ? -1.165  0.808   14.090  1.00 18.06 ? 54  ILE A CG1 1 
ATOM   412  C CG2 . ILE A 1 54 ? 1.064   0.401   15.205  1.00 18.01 ? 54  ILE A CG2 1 
ATOM   413  C CD1 . ILE A 1 54 ? -0.850  2.128   13.404  1.00 19.06 ? 54  ILE A CD1 1 
ATOM   414  N N   . LYS A 1 55 ? -2.638  0.432   17.715  1.00 16.92 ? 55  LYS A N   1 
ATOM   415  C CA  . LYS A 1 55 ? -3.967  0.805   18.178  1.00 17.30 ? 55  LYS A CA  1 
ATOM   416  C C   . LYS A 1 55 ? -4.288  2.190   17.642  1.00 17.10 ? 55  LYS A C   1 
ATOM   417  O O   . LYS A 1 55 ? -3.475  3.106   17.747  1.00 17.19 ? 55  LYS A O   1 
ATOM   418  C CB  . LYS A 1 55 ? -4.014  0.820   19.711  1.00 19.08 ? 55  LYS A CB  1 
ATOM   419  C CG  . LYS A 1 55 ? -5.361  1.244   20.291  1.00 21.32 ? 55  LYS A CG  1 
ATOM   420  C CD  . LYS A 1 55 ? -5.330  1.276   21.816  1.00 24.60 ? 55  LYS A CD  1 
ATOM   421  C CE  . LYS A 1 55 ? -6.653  1.776   22.384  1.00 25.69 ? 55  LYS A CE  1 
ATOM   422  N NZ  . LYS A 1 55 ? -6.619  1.899   23.869  1.00 28.40 ? 55  LYS A NZ  1 
ATOM   423  N N   . VAL A 1 56 ? -5.473  2.340   17.069  1.00 16.28 ? 56  VAL A N   1 
ATOM   424  C CA  . VAL A 1 56 ? -5.889  3.619   16.514  1.00 16.14 ? 56  VAL A CA  1 
ATOM   425  C C   . VAL A 1 56 ? -7.290  3.981   16.984  1.00 16.62 ? 56  VAL A C   1 
ATOM   426  O O   . VAL A 1 56 ? -7.999  3.154   17.546  1.00 17.01 ? 56  VAL A O   1 
ATOM   427  C CB  . VAL A 1 56 ? -5.894  3.585   14.965  1.00 16.14 ? 56  VAL A CB  1 
ATOM   428  C CG1 . VAL A 1 56 ? -4.503  3.241   14.437  1.00 15.58 ? 56  VAL A CG1 1 
ATOM   429  C CG2 . VAL A 1 56 ? -6.916  2.571   14.475  1.00 16.29 ? 56  VAL A CG2 1 
ATOM   430  N N   . ARG A 1 57 ? -7.674  5.230   16.756  1.00 16.38 ? 57  ARG A N   1 
ATOM   431  C CA  . ARG A 1 57 ? -9.000  5.701   17.121  1.00 17.75 ? 57  ARG A CA  1 
ATOM   432  C C   . ARG A 1 57 ? -9.781  5.814   15.822  1.00 17.73 ? 57  ARG A C   1 
ATOM   433  O O   . ARG A 1 57 ? -9.321  6.446   14.870  1.00 17.61 ? 57  ARG A O   1 
ATOM   434  C CB  . ARG A 1 57 ? -8.922  7.066   17.807  1.00 19.14 ? 57  ARG A CB  1 
ATOM   435  C CG  . ARG A 1 57 ? -8.030  7.099   19.038  1.00 21.46 ? 57  ARG A CG  1 
ATOM   436  C CD  . ARG A 1 57 ? -8.388  8.273   19.943  1.00 23.66 ? 57  ARG A CD  1 
ATOM   437  N NE  . ARG A 1 57 ? -8.372  9.560   19.250  1.00 25.75 ? 57  ARG A NE  1 
ATOM   438  C CZ  . ARG A 1 57 ? -7.268  10.199  18.874  1.00 26.65 ? 57  ARG A CZ  1 
ATOM   439  N NH1 . ARG A 1 57 ? -6.078  9.675   19.122  1.00 27.87 ? 57  ARG A NH1 1 
ATOM   440  N NH2 . ARG A 1 57 ? -7.355  11.372  18.258  1.00 27.22 ? 57  ARG A NH2 1 
ATOM   441  N N   . GLN A 1 58 ? -10.956 5.198   15.779  1.00 17.81 ? 58  GLN A N   1 
ATOM   442  C CA  . GLN A 1 58 ? -11.780 5.219   14.576  1.00 18.86 ? 58  GLN A CA  1 
ATOM   443  C C   . GLN A 1 58 ? -12.853 6.299   14.589  1.00 19.35 ? 58  GLN A C   1 
ATOM   444  O O   . GLN A 1 58 ? -13.705 6.323   15.474  1.00 19.42 ? 58  GLN A O   1 
ATOM   445  C CB  . GLN A 1 58 ? -12.454 3.860   14.386  1.00 19.22 ? 58  GLN A CB  1 
ATOM   446  C CG  . GLN A 1 58 ? -13.362 3.780   13.169  1.00 21.02 ? 58  GLN A CG  1 
ATOM   447  C CD  . GLN A 1 58 ? -14.140 2.479   13.117  1.00 23.18 ? 58  GLN A CD  1 
ATOM   448  O OE1 . GLN A 1 58 ? -13.583 1.405   13.330  1.00 24.45 ? 58  GLN A OE1 1 
ATOM   449  N NE2 . GLN A 1 58 ? -15.433 2.570   12.819  1.00 24.77 ? 58  GLN A NE2 1 
ATOM   450  N N   . TYR A 1 59 ? -12.809 7.186   13.600  1.00 19.86 ? 59  TYR A N   1 
ATOM   451  C CA  . TYR A 1 59 ? -13.806 8.244   13.467  1.00 20.92 ? 59  TYR A CA  1 
ATOM   452  C C   . TYR A 1 59 ? -14.590 7.975   12.193  1.00 21.78 ? 59  TYR A C   1 
ATOM   453  O O   . TYR A 1 59 ? -14.004 7.682   11.155  1.00 21.28 ? 59  TYR A O   1 
ATOM   454  C CB  . TYR A 1 59 ? -13.148 9.621   13.359  1.00 20.84 ? 59  TYR A CB  1 
ATOM   455  C CG  . TYR A 1 59 ? -12.474 10.103  14.622  1.00 22.00 ? 59  TYR A CG  1 
ATOM   456  C CD1 . TYR A 1 59 ? -11.192 9.675   14.960  1.00 22.27 ? 59  TYR A CD1 1 
ATOM   457  C CD2 . TYR A 1 59 ? -13.113 11.004  15.474  1.00 22.38 ? 59  TYR A CD2 1 
ATOM   458  C CE1 . TYR A 1 59 ? -10.558 10.135  16.112  1.00 23.29 ? 59  TYR A CE1 1 
ATOM   459  C CE2 . TYR A 1 59 ? -12.490 11.470  16.630  1.00 23.13 ? 59  TYR A CE2 1 
ATOM   460  C CZ  . TYR A 1 59 ? -11.212 11.032  16.940  1.00 23.40 ? 59  TYR A CZ  1 
ATOM   461  O OH  . TYR A 1 59 ? -10.582 11.498  18.071  1.00 25.07 ? 59  TYR A OH  1 
ATOM   462  N N   . ASP A 1 60 ? -15.913 8.080   12.263  1.00 23.19 ? 60  ASP A N   1 
ATOM   463  C CA  . ASP A 1 60 ? -16.741 7.832   11.089  1.00 24.85 ? 60  ASP A CA  1 
ATOM   464  C C   . ASP A 1 60 ? -17.294 9.113   10.472  1.00 25.39 ? 60  ASP A C   1 
ATOM   465  O O   . ASP A 1 60 ? -17.347 10.161  11.118  1.00 25.50 ? 60  ASP A O   1 
ATOM   466  C CB  . ASP A 1 60 ? -17.903 6.899   11.448  1.00 26.31 ? 60  ASP A CB  1 
ATOM   467  C CG  . ASP A 1 60 ? -17.432 5.553   11.958  1.00 28.09 ? 60  ASP A CG  1 
ATOM   468  O OD1 . ASP A 1 60 ? -16.586 4.926   11.288  1.00 29.05 ? 60  ASP A OD1 1 
ATOM   469  O OD2 . ASP A 1 60 ? -17.913 5.117   13.028  1.00 29.67 ? 60  ASP A OD2 1 
ATOM   470  N N   . GLN A 1 61 ? -17.695 9.010   9.210   1.00 25.76 ? 61  GLN A N   1 
ATOM   471  C CA  . GLN A 1 61 ? -18.274 10.129  8.476   1.00 26.57 ? 61  GLN A CA  1 
ATOM   472  C C   . GLN A 1 61 ? -17.408 11.378  8.469   1.00 25.79 ? 61  GLN A C   1 
ATOM   473  O O   . GLN A 1 61 ? -17.900 12.487  8.677   1.00 25.91 ? 61  GLN A O   1 
ATOM   474  C CB  . GLN A 1 61 ? -19.650 10.472  9.052   1.00 28.40 ? 61  GLN A CB  1 
ATOM   475  C CG  . GLN A 1 61 ? -20.627 9.311   9.071   1.00 32.31 ? 61  GLN A CG  1 
ATOM   476  C CD  . GLN A 1 61 ? -20.813 8.680   7.705   1.00 34.24 ? 61  GLN A CD  1 
ATOM   477  O OE1 . GLN A 1 61 ? -19.928 7.983   7.203   1.00 36.43 ? 61  GLN A OE1 1 
ATOM   478  N NE2 . GLN A 1 61 ? -21.965 8.924   7.091   1.00 35.43 ? 61  GLN A NE2 1 
ATOM   479  N N   . ILE A 1 62 ? -16.118 11.199  8.223   1.00 24.73 ? 62  ILE A N   1 
ATOM   480  C CA  . ILE A 1 62 ? -15.200 12.324  8.181   1.00 24.67 ? 62  ILE A CA  1 
ATOM   481  C C   . ILE A 1 62 ? -15.044 12.800  6.744   1.00 24.86 ? 62  ILE A C   1 
ATOM   482  O O   . ILE A 1 62 ? -14.911 11.993  5.824   1.00 23.71 ? 62  ILE A O   1 
ATOM   483  C CB  . ILE A 1 62 ? -13.812 11.932  8.725   1.00 24.49 ? 62  ILE A CB  1 
ATOM   484  C CG1 . ILE A 1 62 ? -13.935 11.468  10.178  1.00 24.53 ? 62  ILE A CG1 1 
ATOM   485  C CG2 . ILE A 1 62 ? -12.857 13.111  8.611   1.00 24.64 ? 62  ILE A CG2 1 
ATOM   486  C CD1 . ILE A 1 62 ? -14.492 12.525  11.121  1.00 23.97 ? 62  ILE A CD1 1 
ATOM   487  N N   . LEU A 1 63 ? -15.075 14.115  6.554   1.00 25.48 ? 63  LEU A N   1 
ATOM   488  C CA  . LEU A 1 63 ? -14.919 14.692  5.229   1.00 26.36 ? 63  LEU A CA  1 
ATOM   489  C C   . LEU A 1 63 ? -13.450 14.988  4.961   1.00 26.70 ? 63  LEU A C   1 
ATOM   490  O O   . LEU A 1 63 ? -12.766 15.590  5.787   1.00 26.38 ? 63  LEU A O   1 
ATOM   491  C CB  . LEU A 1 63 ? -15.732 15.983  5.110   1.00 27.59 ? 63  LEU A CB  1 
ATOM   492  C CG  . LEU A 1 63 ? -15.508 16.818  3.845   1.00 28.66 ? 63  LEU A CG  1 
ATOM   493  C CD1 . LEU A 1 63 ? -15.819 15.988  2.606   1.00 29.29 ? 63  LEU A CD1 1 
ATOM   494  C CD2 . LEU A 1 63 ? -16.395 18.056  3.893   1.00 29.29 ? 63  LEU A CD2 1 
ATOM   495  N N   . ILE A 1 64 ? -12.966 14.545  3.809   1.00 26.84 ? 64  ILE A N   1 
ATOM   496  C CA  . ILE A 1 64 ? -11.585 14.778  3.425   1.00 27.89 ? 64  ILE A CA  1 
ATOM   497  C C   . ILE A 1 64 ? -11.545 15.197  1.971   1.00 28.20 ? 64  ILE A C   1 
ATOM   498  O O   . ILE A 1 64 ? -12.323 14.712  1.152   1.00 28.16 ? 64  ILE A O   1 
ATOM   499  C CB  . ILE A 1 64 ? -10.711 13.515  3.576   1.00 28.50 ? 64  ILE A CB  1 
ATOM   500  C CG1 . ILE A 1 64 ? -10.616 13.114  5.047   1.00 29.55 ? 64  ILE A CG1 1 
ATOM   501  C CG2 . ILE A 1 64 ? -9.317  13.777  3.012   1.00 29.33 ? 64  ILE A CG2 1 
ATOM   502  C CD1 . ILE A 1 64 ? -9.634  11.992  5.306   1.00 30.66 ? 64  ILE A CD1 1 
ATOM   503  N N   . GLU A 1 65 ? -10.632 16.106  1.661   1.00 28.34 ? 65  GLU A N   1 
ATOM   504  C CA  . GLU A 1 65 ? -10.470 16.589  0.305   1.00 29.24 ? 65  GLU A CA  1 
ATOM   505  C C   . GLU A 1 65 ? -9.122  16.082  -0.192  1.00 29.40 ? 65  GLU A C   1 
ATOM   506  O O   . GLU A 1 65 ? -8.079  16.418  0.365   1.00 29.07 ? 65  GLU A O   1 
ATOM   507  C CB  . GLU A 1 65 ? -10.518 18.115  0.300   1.00 30.43 ? 65  GLU A CB  1 
ATOM   508  C CG  . GLU A 1 65 ? -10.436 18.745  -1.071  1.00 32.63 ? 65  GLU A CG  1 
ATOM   509  C CD  . GLU A 1 65 ? -10.651 20.242  -1.014  1.00 33.70 ? 65  GLU A CD  1 
ATOM   510  O OE1 . GLU A 1 65 ? -11.782 20.669  -0.697  1.00 34.44 ? 65  GLU A OE1 1 
ATOM   511  O OE2 . GLU A 1 65 ? -9.687  20.989  -1.275  1.00 35.00 ? 65  GLU A OE2 1 
ATOM   512  N N   . ILE A 1 66 ? -9.155  15.255  -1.230  1.00 29.71 ? 66  ILE A N   1 
ATOM   513  C CA  . ILE A 1 66 ? -7.941  14.682  -1.800  1.00 30.68 ? 66  ILE A CA  1 
ATOM   514  C C   . ILE A 1 66 ? -7.718  15.237  -3.200  1.00 31.40 ? 66  ILE A C   1 
ATOM   515  O O   . ILE A 1 66 ? -8.474  14.935  -4.120  1.00 31.31 ? 66  ILE A O   1 
ATOM   516  C CB  . ILE A 1 66 ? -8.051  13.145  -1.876  1.00 30.69 ? 66  ILE A CB  1 
ATOM   517  C CG1 . ILE A 1 66 ? -8.424  12.588  -0.501  1.00 30.68 ? 66  ILE A CG1 1 
ATOM   518  C CG2 . ILE A 1 66 ? -6.731  12.547  -2.349  1.00 30.98 ? 66  ILE A CG2 1 
ATOM   519  C CD1 . ILE A 1 66 ? -8.793  11.124  -0.507  1.00 31.13 ? 66  ILE A CD1 1 
ATOM   520  N N   . CYS A 1 67 ? -6.679  16.052  -3.356  1.00 32.80 ? 67  CYS A N   1 
ATOM   521  C CA  . CYS A 1 67 ? -6.367  16.655  -4.647  1.00 34.23 ? 67  CYS A CA  1 
ATOM   522  C C   . CYS A 1 67 ? -7.571  17.368  -5.245  1.00 34.32 ? 67  CYS A C   1 
ATOM   523  O O   . CYS A 1 67 ? -7.802  17.303  -6.451  1.00 34.78 ? 67  CYS A O   1 
ATOM   524  C CB  . CYS A 1 67 ? -5.878  15.593  -5.631  1.00 35.00 ? 67  CYS A CB  1 
ATOM   525  S SG  . CYS A 1 67 ? -4.345  14.805  -5.149  1.00 37.76 ? 67  CYS A SG  1 
ATOM   526  N N   . GLY A 1 68 ? -8.344  18.039  -4.400  1.00 34.61 ? 68  GLY A N   1 
ATOM   527  C CA  . GLY A 1 68 ? -9.506  18.758  -4.888  1.00 34.37 ? 68  GLY A CA  1 
ATOM   528  C C   . GLY A 1 68 ? -10.785 17.946  -4.949  1.00 34.35 ? 68  GLY A C   1 
ATOM   529  O O   . GLY A 1 68 ? -11.851 18.493  -5.226  1.00 34.93 ? 68  GLY A O   1 
ATOM   530  N N   . HIS A 1 69 ? -10.692 16.644  -4.696  1.00 33.84 ? 69  HIS A N   1 
ATOM   531  C CA  . HIS A 1 69 ? -11.874 15.786  -4.727  1.00 33.16 ? 69  HIS A CA  1 
ATOM   532  C C   . HIS A 1 69 ? -12.387 15.534  -3.316  1.00 32.58 ? 69  HIS A C   1 
ATOM   533  O O   . HIS A 1 69 ? -11.644 15.068  -2.452  1.00 32.13 ? 69  HIS A O   1 
ATOM   534  C CB  . HIS A 1 69 ? -11.552 14.443  -5.384  1.00 33.87 ? 69  HIS A CB  1 
ATOM   535  C CG  . HIS A 1 69 ? -11.064 14.555  -6.795  1.00 35.03 ? 69  HIS A CG  1 
ATOM   536  N ND1 . HIS A 1 69 ? -9.874  15.167  -7.126  1.00 35.27 ? 69  HIS A ND1 1 
ATOM   537  C CD2 . HIS A 1 69 ? -11.599 14.120  -7.961  1.00 35.24 ? 69  HIS A CD2 1 
ATOM   538  C CE1 . HIS A 1 69 ? -9.696  15.103  -8.433  1.00 35.37 ? 69  HIS A CE1 1 
ATOM   539  N NE2 . HIS A 1 69 ? -10.729 14.473  -8.963  1.00 35.69 ? 69  HIS A NE2 1 
ATOM   540  N N   . LYS A 1 70 ? -13.660 15.838  -3.087  1.00 31.59 ? 70  LYS A N   1 
ATOM   541  C CA  . LYS A 1 70 ? -14.260 15.625  -1.777  1.00 30.66 ? 70  LYS A CA  1 
ATOM   542  C C   . LYS A 1 70 ? -14.647 14.165  -1.606  1.00 29.35 ? 70  LYS A C   1 
ATOM   543  O O   . LYS A 1 70 ? -15.183 13.535  -2.522  1.00 29.10 ? 70  LYS A O   1 
ATOM   544  C CB  . LYS A 1 70 ? -15.502 16.498  -1.597  1.00 32.11 ? 70  LYS A CB  1 
ATOM   545  C CG  . LYS A 1 70 ? -15.222 17.987  -1.534  1.00 34.12 ? 70  LYS A CG  1 
ATOM   546  C CD  . LYS A 1 70 ? -16.511 18.764  -1.339  1.00 35.52 ? 70  LYS A CD  1 
ATOM   547  C CE  . LYS A 1 70 ? -16.265 20.262  -1.313  1.00 36.58 ? 70  LYS A CE  1 
ATOM   548  N NZ  . LYS A 1 70 ? -17.551 21.016  -1.230  1.00 37.63 ? 70  LYS A NZ  1 
ATOM   549  N N   . ALA A 1 71 ? -14.369 13.630  -0.425  1.00 27.26 ? 71  ALA A N   1 
ATOM   550  C CA  . ALA A 1 71 ? -14.690 12.247  -0.117  1.00 25.82 ? 71  ALA A CA  1 
ATOM   551  C C   . ALA A 1 71 ? -15.087 12.148  1.346   1.00 24.99 ? 71  ALA A C   1 
ATOM   552  O O   . ALA A 1 71 ? -14.617 12.919  2.184   1.00 25.38 ? 71  ALA A O   1 
ATOM   553  C CB  . ALA A 1 71 ? -13.494 11.357  -0.394  1.00 25.68 ? 71  ALA A CB  1 
ATOM   554  N N   . ILE A 1 72 ? -15.963 11.198  1.645   1.00 23.57 ? 72  ILE A N   1 
ATOM   555  C CA  . ILE A 1 72 ? -16.426 10.989  3.004   1.00 22.12 ? 72  ILE A CA  1 
ATOM   556  C C   . ILE A 1 72 ? -16.197 9.533   3.369   1.00 20.52 ? 72  ILE A C   1 
ATOM   557  O O   . ILE A 1 72 ? -16.429 8.640   2.557   1.00 19.58 ? 72  ILE A O   1 
ATOM   558  C CB  . ILE A 1 72 ? -17.928 11.302  3.139   1.00 23.92 ? 72  ILE A CB  1 
ATOM   559  C CG1 . ILE A 1 72 ? -18.183 12.777  2.817   1.00 24.79 ? 72  ILE A CG1 1 
ATOM   560  C CG2 . ILE A 1 72 ? -18.401 10.972  4.549   1.00 24.65 ? 72  ILE A CG2 1 
ATOM   561  C CD1 . ILE A 1 72 ? -19.649 13.162  2.818   1.00 26.55 ? 72  ILE A CD1 1 
ATOM   562  N N   . GLY A 1 73 ? -15.729 9.297   4.587   1.00 19.04 ? 73  GLY A N   1 
ATOM   563  C CA  . GLY A 1 73 ? -15.498 7.934   5.015   1.00 18.27 ? 73  GLY A CA  1 
ATOM   564  C C   . GLY A 1 73 ? -14.895 7.853   6.399   1.00 17.84 ? 73  GLY A C   1 
ATOM   565  O O   . GLY A 1 73 ? -14.715 8.865   7.083   1.00 18.42 ? 73  GLY A O   1 
ATOM   566  N N   . THR A 1 74 ? -14.586 6.633   6.815   1.00 17.35 ? 74  THR A N   1 
ATOM   567  C CA  . THR A 1 74 ? -13.993 6.409   8.118   1.00 17.38 ? 74  THR A CA  1 
ATOM   568  C C   . THR A 1 74 ? -12.527 6.788   8.062   1.00 16.27 ? 74  THR A C   1 
ATOM   569  O O   . THR A 1 74 ? -11.838 6.504   7.085   1.00 16.26 ? 74  THR A O   1 
ATOM   570  C CB  . THR A 1 74 ? -14.119 4.935   8.529   1.00 18.64 ? 74  THR A CB  1 
ATOM   571  O OG1 . THR A 1 74 ? -15.503 4.610   8.689   1.00 20.47 ? 74  THR A OG1 1 
ATOM   572  C CG2 . THR A 1 74 ? -13.380 4.672   9.834   1.00 19.23 ? 74  THR A CG2 1 
ATOM   573  N N   . VAL A 1 75 ? -12.056 7.454   9.108   1.00 14.97 ? 75  VAL A N   1 
ATOM   574  C CA  . VAL A 1 75 ? -10.660 7.848   9.177   1.00 14.73 ? 75  VAL A CA  1 
ATOM   575  C C   . VAL A 1 75 ? -10.110 7.369   10.506  1.00 14.31 ? 75  VAL A C   1 
ATOM   576  O O   . VAL A 1 75 ? -10.702 7.618   11.560  1.00 14.41 ? 75  VAL A O   1 
ATOM   577  C CB  . VAL A 1 75 ? -10.498 9.378   9.072   1.00 15.28 ? 75  VAL A CB  1 
ATOM   578  C CG1 . VAL A 1 75 ? -9.056  9.771   9.339   1.00 15.19 ? 75  VAL A CG1 1 
ATOM   579  C CG2 . VAL A 1 75 ? -10.913 9.840   7.688   1.00 15.49 ? 75  VAL A CG2 1 
ATOM   580  N N   . LEU A 1 76 ? -8.986  6.664   10.454  1.00 13.76 ? 76  LEU A N   1 
ATOM   581  C CA  . LEU A 1 76 ? -8.363  6.158   11.662  1.00 13.60 ? 76  LEU A CA  1 
ATOM   582  C C   . LEU A 1 76 ? -7.236  7.104   12.044  1.00 13.42 ? 76  LEU A C   1 
ATOM   583  O O   . LEU A 1 76 ? -6.561  7.656   11.179  1.00 14.13 ? 76  LEU A O   1 
ATOM   584  C CB  . LEU A 1 76 ? -7.800  4.755   11.418  1.00 13.28 ? 76  LEU A CB  1 
ATOM   585  C CG  . LEU A 1 76 ? -8.788  3.766   10.788  1.00 12.81 ? 76  LEU A CG  1 
ATOM   586  C CD1 . LEU A 1 76 ? -8.091  2.432   10.547  1.00 13.57 ? 76  LEU A CD1 1 
ATOM   587  C CD2 . LEU A 1 76 ? -9.988  3.590   11.699  1.00 12.64 ? 76  LEU A CD2 1 
ATOM   588  N N   . VAL A 1 77 ? -7.036  7.289   13.342  1.00 14.09 ? 77  VAL A N   1 
ATOM   589  C CA  . VAL A 1 77 ? -5.981  8.170   13.827  1.00 14.68 ? 77  VAL A CA  1 
ATOM   590  C C   . VAL A 1 77 ? -5.126  7.408   14.821  1.00 14.51 ? 77  VAL A C   1 
ATOM   591  O O   . VAL A 1 77 ? -5.644  6.799   15.760  1.00 14.83 ? 77  VAL A O   1 
ATOM   592  C CB  . VAL A 1 77 ? -6.574  9.427   14.507  1.00 15.31 ? 77  VAL A CB  1 
ATOM   593  C CG1 . VAL A 1 77 ? -5.463  10.279  15.092  1.00 16.21 ? 77  VAL A CG1 1 
ATOM   594  C CG2 . VAL A 1 77 ? -7.380  10.226  13.492  1.00 16.67 ? 77  VAL A CG2 1 
ATOM   595  N N   . GLY A 1 78 ? -3.815  7.435   14.608  1.00 14.72 ? 78  GLY A N   1 
ATOM   596  C CA  . GLY A 1 78 ? -2.919  6.721   15.498  1.00 15.64 ? 78  GLY A CA  1 
ATOM   597  C C   . GLY A 1 78 ? -1.454  6.910   15.160  1.00 16.46 ? 78  GLY A C   1 
ATOM   598  O O   . GLY A 1 78 ? -1.112  7.704   14.282  1.00 16.53 ? 78  GLY A O   1 
ATOM   599  N N   . PRO A 1 79 ? -0.560  6.161   15.825  1.00 17.50 ? 79  PRO A N   1 
ATOM   600  C CA  . PRO A 1 79 ? 0.887   6.240   15.613  1.00 18.14 ? 79  PRO A CA  1 
ATOM   601  C C   . PRO A 1 79 ? 1.424   5.671   14.299  1.00 18.46 ? 79  PRO A C   1 
ATOM   602  O O   . PRO A 1 79 ? 2.373   4.884   14.299  1.00 18.92 ? 79  PRO A O   1 
ATOM   603  C CB  . PRO A 1 79 ? 1.442   5.514   16.834  1.00 18.26 ? 79  PRO A CB  1 
ATOM   604  C CG  . PRO A 1 79 ? 0.432   4.428   17.045  1.00 18.65 ? 79  PRO A CG  1 
ATOM   605  C CD  . PRO A 1 79 ? -0.885  5.167   16.864  1.00 18.52 ? 79  PRO A CD  1 
ATOM   606  N N   . THR A 1 80 ? 0.824   6.067   13.182  1.00 18.58 ? 80  THR A N   1 
ATOM   607  C CA  . THR A 1 80 ? 1.285   5.600   11.880  1.00 18.00 ? 80  THR A CA  1 
ATOM   608  C C   . THR A 1 80 ? 2.489   6.451   11.470  1.00 18.93 ? 80  THR A C   1 
ATOM   609  O O   . THR A 1 80 ? 2.517   7.658   11.715  1.00 18.59 ? 80  THR A O   1 
ATOM   610  C CB  . THR A 1 80 ? 0.174   5.713   10.806  1.00 17.51 ? 80  THR A CB  1 
ATOM   611  O OG1 . THR A 1 80 ? 0.699   5.312   9.534   1.00 16.50 ? 80  THR A OG1 1 
ATOM   612  C CG2 . THR A 1 80 ? -0.346  7.148   10.708  1.00 16.33 ? 80  THR A CG2 1 
ATOM   613  N N   . PRO A 1 81 ? 3.504   5.831   10.847  1.00 19.60 ? 81  PRO A N   1 
ATOM   614  C CA  . PRO A 1 81 ? 4.718   6.530   10.406  1.00 20.09 ? 81  PRO A CA  1 
ATOM   615  C C   . PRO A 1 81 ? 4.452   7.587   9.336   1.00 20.14 ? 81  PRO A C   1 
ATOM   616  O O   . PRO A 1 81 ? 5.182   8.572   9.219   1.00 20.29 ? 81  PRO A O   1 
ATOM   617  C CB  . PRO A 1 81 ? 5.597   5.399   9.866   1.00 20.17 ? 81  PRO A CB  1 
ATOM   618  C CG  . PRO A 1 81 ? 5.089   4.182   10.567  1.00 21.08 ? 81  PRO A CG  1 
ATOM   619  C CD  . PRO A 1 81 ? 3.601   4.394   10.549  1.00 20.34 ? 81  PRO A CD  1 
ATOM   620  N N   . VAL A 1 82 ? 3.404   7.374   8.552   1.00 19.19 ? 82  VAL A N   1 
ATOM   621  C CA  . VAL A 1 82 ? 3.063   8.301   7.482   1.00 18.67 ? 82  VAL A CA  1 
ATOM   622  C C   . VAL A 1 82 ? 1.552   8.328   7.285   1.00 18.03 ? 82  VAL A C   1 
ATOM   623  O O   . VAL A 1 82 ? 0.865   7.360   7.612   1.00 17.58 ? 82  VAL A O   1 
ATOM   624  C CB  . VAL A 1 82 ? 3.744   7.872   6.161   1.00 19.92 ? 82  VAL A CB  1 
ATOM   625  C CG1 . VAL A 1 82 ? 3.322   6.464   5.793   1.00 20.94 ? 82  VAL A CG1 1 
ATOM   626  C CG2 . VAL A 1 82 ? 3.393   8.836   5.052   1.00 20.54 ? 82  VAL A CG2 1 
ATOM   627  N N   . ASN A 1 83 ? 1.032   9.439   6.769   1.00 16.47 ? 83  ASN A N   1 
ATOM   628  C CA  . ASN A 1 83 ? -0.403  9.538   6.533   1.00 15.67 ? 83  ASN A CA  1 
ATOM   629  C C   . ASN A 1 83 ? -0.744  8.653   5.347   1.00 15.25 ? 83  ASN A C   1 
ATOM   630  O O   . ASN A 1 83 ? -0.101  8.724   4.301   1.00 15.68 ? 83  ASN A O   1 
ATOM   631  C CB  . ASN A 1 83 ? -0.810  10.986  6.269   1.00 16.50 ? 83  ASN A CB  1 
ATOM   632  C CG  . ASN A 1 83 ? -0.629  11.862  7.493   1.00 18.30 ? 83  ASN A CG  1 
ATOM   633  O OD1 . ASN A 1 83 ? -1.006  11.477  8.601   1.00 18.48 ? 83  ASN A OD1 1 
ATOM   634  N ND2 . ASN A 1 83 ? -0.055  13.045  7.300   1.00 18.25 ? 83  ASN A ND2 1 
ATOM   635  N N   . ILE A 1 84 ? -1.765  7.824   5.521   1.00 14.03 ? 84  ILE A N   1 
ATOM   636  C CA  . ILE A 1 84 ? -2.163  6.878   4.493   1.00 13.79 ? 84  ILE A CA  1 
ATOM   637  C C   . ILE A 1 84 ? -3.602  7.040   4.025   1.00 12.91 ? 84  ILE A C   1 
ATOM   638  O O   . ILE A 1 84 ? -4.521  7.042   4.833   1.00 13.05 ? 84  ILE A O   1 
ATOM   639  C CB  . ILE A 1 84 ? -1.998  5.435   5.024   1.00 14.34 ? 84  ILE A CB  1 
ATOM   640  C CG1 . ILE A 1 84 ? -0.529  5.166   5.346   1.00 15.20 ? 84  ILE A CG1 1 
ATOM   641  C CG2 . ILE A 1 84 ? -2.538  4.424   4.004   1.00 13.99 ? 84  ILE A CG2 1 
ATOM   642  C CD1 . ILE A 1 84 ? -0.318  3.885   6.132   1.00 17.01 ? 84  ILE A CD1 1 
ATOM   643  N N   . ILE A 1 85 ? -3.785  7.183   2.718   1.00 12.49 ? 85  ILE A N   1 
ATOM   644  C CA  . ILE A 1 85 ? -5.117  7.272   2.144   1.00 12.32 ? 85  ILE A CA  1 
ATOM   645  C C   . ILE A 1 85 ? -5.365  5.870   1.598   1.00 12.21 ? 85  ILE A C   1 
ATOM   646  O O   . ILE A 1 85 ? -4.736  5.461   0.622   1.00 12.28 ? 85  ILE A O   1 
ATOM   647  C CB  . ILE A 1 85 ? -5.190  8.281   0.978   1.00 13.30 ? 85  ILE A CB  1 
ATOM   648  C CG1 . ILE A 1 85 ? -4.842  9.684   1.478   1.00 14.37 ? 85  ILE A CG1 1 
ATOM   649  C CG2 . ILE A 1 85 ? -6.584  8.261   0.360   1.00 14.10 ? 85  ILE A CG2 1 
ATOM   650  C CD1 . ILE A 1 85 ? -5.665  10.146  2.659   1.00 15.55 ? 85  ILE A CD1 1 
ATOM   651  N N   . GLY A 1 86 ? -6.265  5.136   2.245   1.00 11.75 ? 86  GLY A N   1 
ATOM   652  C CA  . GLY A 1 86 ? -6.556  3.778   1.827   1.00 11.62 ? 86  GLY A CA  1 
ATOM   653  C C   . GLY A 1 86 ? -7.703  3.619   0.849   1.00 11.69 ? 86  GLY A C   1 
ATOM   654  O O   . GLY A 1 86 ? -8.310  4.596   0.406   1.00 11.69 ? 86  GLY A O   1 
ATOM   655  N N   . ARG A 1 87 ? -8.008  2.368   0.530   1.00 11.81 ? 87  ARG A N   1 
ATOM   656  C CA  . ARG A 1 87 ? -9.059  2.045   -0.423  1.00 11.42 ? 87  ARG A CA  1 
ATOM   657  C C   . ARG A 1 87 ? -10.441 2.593   -0.104  1.00 12.18 ? 87  ARG A C   1 
ATOM   658  O O   . ARG A 1 87 ? -11.189 2.931   -1.024  1.00 11.62 ? 87  ARG A O   1 
ATOM   659  C CB  . ARG A 1 87 ? -9.156  0.524   -0.608  1.00 10.89 ? 87  ARG A CB  1 
ATOM   660  C CG  . ARG A 1 87 ? -7.934  -0.085  -1.292  1.00 11.27 ? 87  ARG A CG  1 
ATOM   661  C CD  . ARG A 1 87 ? -8.155  -1.542  -1.694  1.00 11.65 ? 87  ARG A CD  1 
ATOM   662  N NE  . ARG A 1 87 ? -8.472  -2.384  -0.546  1.00 12.56 ? 87  ARG A NE  1 
ATOM   663  C CZ  . ARG A 1 87 ? -9.697  -2.778  -0.213  1.00 13.48 ? 87  ARG A CZ  1 
ATOM   664  N NH1 . ARG A 1 87 ? -10.743 -2.415  -0.948  1.00 12.76 ? 87  ARG A NH1 1 
ATOM   665  N NH2 . ARG A 1 87 ? -9.879  -3.524  0.872   1.00 13.90 ? 87  ARG A NH2 1 
ATOM   666  N N   . ASN A 1 88 ? -10.788 2.680   1.178   1.00 12.04 ? 88  ASN A N   1 
ATOM   667  C CA  . ASN A 1 88 ? -12.114 3.175   1.550   1.00 12.63 ? 88  ASN A CA  1 
ATOM   668  C C   . ASN A 1 88 ? -12.349 4.585   1.016   1.00 12.66 ? 88  ASN A C   1 
ATOM   669  O O   . ASN A 1 88 ? -13.491 4.976   0.763   1.00 13.36 ? 88  ASN A O   1 
ATOM   670  C CB  . ASN A 1 88 ? -12.309 3.138   3.075   1.00 13.13 ? 88  ASN A CB  1 
ATOM   671  C CG  . ASN A 1 88 ? -11.508 4.201   3.801   1.00 13.76 ? 88  ASN A CG  1 
ATOM   672  O OD1 . ASN A 1 88 ? -10.291 4.288   3.647   1.00 13.11 ? 88  ASN A OD1 1 
ATOM   673  N ND2 . ASN A 1 88 ? -12.192 5.016   4.601   1.00 14.37 ? 88  ASN A ND2 1 
ATOM   674  N N   . LEU A 1 89 ? -11.276 5.349   0.835   1.00 11.61 ? 89  LEU A N   1 
ATOM   675  C CA  . LEU A 1 89 ? -11.411 6.696   0.300   1.00 12.54 ? 89  LEU A CA  1 
ATOM   676  C C   . LEU A 1 89 ? -10.947 6.799   -1.153  1.00 12.61 ? 89  LEU A C   1 
ATOM   677  O O   . LEU A 1 89 ? -11.441 7.642   -1.901  1.00 12.51 ? 89  LEU A O   1 
ATOM   678  C CB  . LEU A 1 89 ? -10.660 7.707   1.174   1.00 12.86 ? 89  LEU A CB  1 
ATOM   679  C CG  . LEU A 1 89 ? -11.278 7.924   2.560   1.00 14.44 ? 89  LEU A CG  1 
ATOM   680  C CD1 . LEU A 1 89 ? -10.485 8.987   3.314   1.00 16.24 ? 89  LEU A CD1 1 
ATOM   681  C CD2 . LEU A 1 89 ? -12.728 8.361   2.413   1.00 15.74 ? 89  LEU A CD2 1 
ATOM   682  N N   . LEU A 1 90 ? -10.006 5.950   -1.564  1.00 12.57 ? 90  LEU A N   1 
ATOM   683  C CA  . LEU A 1 90 ? -9.543  5.992   -2.954  1.00 12.42 ? 90  LEU A CA  1 
ATOM   684  C C   . LEU A 1 90 ? -10.704 5.687   -3.904  1.00 12.47 ? 90  LEU A C   1 
ATOM   685  O O   . LEU A 1 90 ? -10.791 6.253   -4.996  1.00 11.95 ? 90  LEU A O   1 
ATOM   686  C CB  . LEU A 1 90 ? -8.407  4.986   -3.182  1.00 12.95 ? 90  LEU A CB  1 
ATOM   687  C CG  . LEU A 1 90 ? -7.089  5.276   -2.450  1.00 12.73 ? 90  LEU A CG  1 
ATOM   688  C CD1 . LEU A 1 90 ? -6.094  4.142   -2.696  1.00 14.23 ? 90  LEU A CD1 1 
ATOM   689  C CD2 . LEU A 1 90 ? -6.525  6.599   -2.926  1.00 14.80 ? 90  LEU A CD2 1 
ATOM   690  N N   . THR A 1 91 ? -11.603 4.802   -3.483  1.00 11.98 ? 91  THR A N   1 
ATOM   691  C CA  . THR A 1 91 ? -12.747 4.451   -4.319  1.00 12.87 ? 91  THR A CA  1 
ATOM   692  C C   . THR A 1 91 ? -13.659 5.649   -4.556  1.00 13.14 ? 91  THR A C   1 
ATOM   693  O O   . THR A 1 91 ? -14.209 5.814   -5.644  1.00 13.15 ? 91  THR A O   1 
ATOM   694  C CB  . THR A 1 91 ? -13.611 3.344   -3.678  1.00 12.93 ? 91  THR A CB  1 
ATOM   695  O OG1 . THR A 1 91 ? -14.011 3.759   -2.364  1.00 13.89 ? 91  THR A OG1 1 
ATOM   696  C CG2 . THR A 1 91 ? -12.839 2.030   -3.591  1.00 12.07 ? 91  THR A CG2 1 
ATOM   697  N N   . GLN A 1 92 ? -13.807 6.485   -3.535  1.00 13.32 ? 92  GLN A N   1 
ATOM   698  C CA  . GLN A 1 92 ? -14.686 7.643   -3.625  1.00 14.12 ? 92  GLN A CA  1 
ATOM   699  C C   . GLN A 1 92 ? -14.214 8.714   -4.603  1.00 15.13 ? 92  GLN A C   1 
ATOM   700  O O   . GLN A 1 92 ? -15.022 9.484   -5.115  1.00 15.22 ? 92  GLN A O   1 
ATOM   701  C CB  . GLN A 1 92 ? -14.884 8.240   -2.228  1.00 14.10 ? 92  GLN A CB  1 
ATOM   702  C CG  . GLN A 1 92 ? -15.433 7.229   -1.229  1.00 13.71 ? 92  GLN A CG  1 
ATOM   703  C CD  . GLN A 1 92 ? -16.815 6.727   -1.620  1.00 14.51 ? 92  GLN A CD  1 
ATOM   704  O OE1 . GLN A 1 92 ? -17.804 7.453   -1.511  1.00 14.11 ? 92  GLN A OE1 1 
ATOM   705  N NE2 . GLN A 1 92 ? -16.885 5.488   -2.094  1.00 13.96 ? 92  GLN A NE2 1 
ATOM   706  N N   . ILE A 1 93 ? -12.915 8.770   -4.872  1.00 15.88 ? 93  ILE A N   1 
ATOM   707  C CA  . ILE A 1 93 ? -12.415 9.765   -5.812  1.00 17.03 ? 93  ILE A CA  1 
ATOM   708  C C   . ILE A 1 93 ? -12.232 9.158   -7.199  1.00 17.15 ? 93  ILE A C   1 
ATOM   709  O O   . ILE A 1 93 ? -11.755 9.820   -8.124  1.00 17.71 ? 93  ILE A O   1 
ATOM   710  C CB  . ILE A 1 93 ? -11.092 10.399  -5.327  1.00 18.27 ? 93  ILE A CB  1 
ATOM   711  C CG1 . ILE A 1 93 ? -9.992  9.345   -5.240  1.00 18.51 ? 93  ILE A CG1 1 
ATOM   712  C CG2 . ILE A 1 93 ? -11.301 11.044  -3.960  1.00 18.86 ? 93  ILE A CG2 1 
ATOM   713  C CD1 . ILE A 1 93 ? -8.642  9.926   -4.875  1.00 20.28 ? 93  ILE A CD1 1 
ATOM   714  N N   . GLY A 1 94 ? -12.631 7.895   -7.334  1.00 16.95 ? 94  GLY A N   1 
ATOM   715  C CA  . GLY A 1 94 ? -12.548 7.206   -8.610  1.00 17.61 ? 94  GLY A CA  1 
ATOM   716  C C   . GLY A 1 94 ? -11.153 6.782   -9.008  1.00 17.52 ? 94  GLY A C   1 
ATOM   717  O O   . GLY A 1 94 ? -10.834 6.690   -10.194 1.00 17.99 ? 94  GLY A O   1 
ATOM   718  N N   . CYS A 1 95 ? -10.320 6.501   -8.016  1.00 17.22 ? 95  CYS A N   1 
ATOM   719  C CA  . CYS A 1 95 ? -8.948  6.101   -8.279  1.00 17.86 ? 95  CYS A CA  1 
ATOM   720  C C   . CYS A 1 95 ? -8.843  4.641   -8.711  1.00 16.93 ? 95  CYS A C   1 
ATOM   721  O O   . CYS A 1 95 ? -9.429  3.755   -8.091  1.00 17.49 ? 95  CYS A O   1 
ATOM   722  C CB  . CYS A 1 95 ? -8.099  6.334   -7.029  1.00 18.96 ? 95  CYS A CB  1 
ATOM   723  S SG  . CYS A 1 95 ? -6.346  6.021   -7.279  1.00 22.76 ? 95  CYS A SG  1 
ATOM   724  N N   . THR A 1 96 ? -8.098  4.393   -9.781  1.00 16.21 ? 96  THR A N   1 
ATOM   725  C CA  . THR A 1 96 ? -7.909  3.035   -10.268 1.00 15.87 ? 96  THR A CA  1 
ATOM   726  C C   . THR A 1 96 ? -6.440  2.781   -10.583 1.00 15.90 ? 96  THR A C   1 
ATOM   727  O O   . THR A 1 96 ? -5.654  3.721   -10.735 1.00 15.42 ? 96  THR A O   1 
ATOM   728  C CB  . THR A 1 96 ? -8.698  2.768   -11.567 1.00 17.05 ? 96  THR A CB  1 
ATOM   729  O OG1 . THR A 1 96 ? -8.247  3.669   -12.586 1.00 17.29 ? 96  THR A OG1 1 
ATOM   730  C CG2 . THR A 1 96 ? -10.196 2.956   -11.343 1.00 17.49 ? 96  THR A CG2 1 
ATOM   731  N N   . LEU A 1 97 ? -6.082  1.504   -10.665 1.00 15.06 ? 97  LEU A N   1 
ATOM   732  C CA  . LEU A 1 97 ? -4.731  1.104   -11.029 1.00 16.60 ? 97  LEU A CA  1 
ATOM   733  C C   . LEU A 1 97 ? -4.834  0.708   -12.492 1.00 17.24 ? 97  LEU A C   1 
ATOM   734  O O   . LEU A 1 97 ? -5.764  -0.002  -12.876 1.00 17.22 ? 97  LEU A O   1 
ATOM   735  C CB  . LEU A 1 97 ? -4.277  -0.099  -10.200 1.00 17.49 ? 97  LEU A CB  1 
ATOM   736  C CG  . LEU A 1 97 ? -3.825  0.237   -8.782  1.00 18.20 ? 97  LEU A CG  1 
ATOM   737  C CD1 . LEU A 1 97 ? -3.605  -1.043  -7.979  1.00 19.62 ? 97  LEU A CD1 1 
ATOM   738  C CD2 . LEU A 1 97 ? -2.544  1.053   -8.859  1.00 19.89 ? 97  LEU A CD2 1 
ATOM   739  N N   . ASN A 1 98 ? -3.893  1.169   -13.309 1.00 18.45 ? 98  ASN A N   1 
ATOM   740  C CA  . ASN A 1 98 ? -3.920  0.851   -14.728 1.00 20.13 ? 98  ASN A CA  1 
ATOM   741  C C   . ASN A 1 98 ? -2.561  0.437   -15.275 1.00 20.89 ? 98  ASN A C   1 
ATOM   742  O O   . ASN A 1 98 ? -1.542  1.037   -14.944 1.00 20.38 ? 98  ASN A O   1 
ATOM   743  C CB  . ASN A 1 98 ? -4.410  2.055   -15.536 1.00 21.25 ? 98  ASN A CB  1 
ATOM   744  C CG  . ASN A 1 98 ? -5.768  2.548   -15.089 1.00 21.70 ? 98  ASN A CG  1 
ATOM   745  O OD1 . ASN A 1 98 ? -5.893  3.240   -14.077 1.00 23.18 ? 98  ASN A OD1 1 
ATOM   746  N ND2 . ASN A 1 98 ? -6.797  2.189   -15.841 1.00 22.54 ? 98  ASN A ND2 1 
ATOM   747  N N   . PHE A 1 99 ? -2.570  -0.595  -16.113 1.00 21.98 ? 99  PHE A N   1 
ATOM   748  C CA  . PHE A 1 99 ? -1.369  -1.093  -16.770 1.00 23.39 ? 99  PHE A CA  1 
ATOM   749  C C   . PHE A 1 99 ? -1.789  -2.011  -17.913 1.00 24.41 ? 99  PHE A C   1 
ATOM   750  O O   . PHE A 1 99 ? -0.939  -2.775  -18.412 1.00 25.39 ? 99  PHE A O   1 
ATOM   751  C CB  . PHE A 1 99 ? -0.460  -1.851  -15.794 1.00 24.14 ? 99  PHE A CB  1 
ATOM   752  C CG  . PHE A 1 99 ? -1.081  -3.083  -15.193 1.00 25.73 ? 99  PHE A CG  1 
ATOM   753  C CD1 . PHE A 1 99 ? -1.975  -2.984  -14.133 1.00 26.52 ? 99  PHE A CD1 1 
ATOM   754  C CD2 . PHE A 1 99 ? -0.750  -4.347  -15.672 1.00 26.25 ? 99  PHE A CD2 1 
ATOM   755  C CE1 . PHE A 1 99 ? -2.528  -4.125  -13.555 1.00 26.88 ? 99  PHE A CE1 1 
ATOM   756  C CE2 . PHE A 1 99 ? -1.296  -5.496  -15.102 1.00 27.20 ? 99  PHE A CE2 1 
ATOM   757  C CZ  . PHE A 1 99 ? -2.188  -5.382  -14.039 1.00 27.35 ? 99  PHE A CZ  1 
ATOM   758  O OXT . PHE A 1 99 ? -2.971  -1.934  -18.306 1.00 25.06 ? 99  PHE A OXT 1 
ATOM   759  N N   . PRO B 1 1  ? -4.973  -3.679  -18.038 1.00 27.43 ? 101 PRO B N   1 
ATOM   760  C CA  . PRO B 1 1  ? -6.335  -3.663  -17.467 1.00 27.08 ? 101 PRO B CA  1 
ATOM   761  C C   . PRO B 1 1  ? -6.474  -2.550  -16.440 1.00 26.57 ? 101 PRO B C   1 
ATOM   762  O O   . PRO B 1 1  ? -5.481  -2.013  -15.955 1.00 26.19 ? 101 PRO B O   1 
ATOM   763  C CB  . PRO B 1 1  ? -6.542  -5.015  -16.809 1.00 27.74 ? 101 PRO B CB  1 
ATOM   764  C CG  . PRO B 1 1  ? -5.124  -5.339  -16.377 1.00 27.94 ? 101 PRO B CG  1 
ATOM   765  C CD  . PRO B 1 1  ? -4.252  -4.872  -17.559 1.00 28.33 ? 101 PRO B CD  1 
ATOM   766  N N   . GLN B 1 2  ? -7.716  -2.205  -16.120 1.00 26.14 ? 102 GLN B N   1 
ATOM   767  C CA  . GLN B 1 2  ? -7.999  -1.172  -15.134 1.00 25.40 ? 102 GLN B CA  1 
ATOM   768  C C   . GLN B 1 2  ? -8.580  -1.878  -13.921 1.00 24.35 ? 102 GLN B C   1 
ATOM   769  O O   . GLN B 1 2  ? -9.565  -2.610  -14.030 1.00 24.49 ? 102 GLN B O   1 
ATOM   770  C CB  . GLN B 1 2  ? -8.996  -0.154  -15.691 1.00 26.95 ? 102 GLN B CB  1 
ATOM   771  C CG  . GLN B 1 2  ? -9.463  0.885   -14.677 1.00 28.86 ? 102 GLN B CG  1 
ATOM   772  C CD  . GLN B 1 2  ? -10.173 2.058   -15.327 1.00 30.44 ? 102 GLN B CD  1 
ATOM   773  O OE1 . GLN B 1 2  ? -9.546  2.890   -15.987 1.00 31.37 ? 102 GLN B OE1 1 
ATOM   774  N NE2 . GLN B 1 2  ? -11.487 2.127   -15.150 1.00 31.13 ? 102 GLN B NE2 1 
ATOM   775  N N   . ILE B 1 3  ? -7.956  -1.672  -12.769 1.00 22.13 ? 103 ILE B N   1 
ATOM   776  C CA  . ILE B 1 3  ? -8.404  -2.306  -11.541 1.00 20.93 ? 103 ILE B CA  1 
ATOM   777  C C   . ILE B 1 3  ? -8.976  -1.280  -10.573 1.00 19.36 ? 103 ILE B C   1 
ATOM   778  O O   . ILE B 1 3  ? -8.318  -0.296  -10.236 1.00 18.29 ? 103 ILE B O   1 
ATOM   779  C CB  . ILE B 1 3  ? -7.237  -3.058  -10.853 1.00 21.28 ? 103 ILE B CB  1 
ATOM   780  C CG1 . ILE B 1 3  ? -6.685  -4.127  -11.798 1.00 22.35 ? 103 ILE B CG1 1 
ATOM   781  C CG2 . ILE B 1 3  ? -7.711  -3.693  -9.550  1.00 21.85 ? 103 ILE B CG2 1 
ATOM   782  C CD1 . ILE B 1 3  ? -5.527  -4.921  -11.228 1.00 22.71 ? 103 ILE B CD1 1 
ATOM   783  N N   . THR B 1 4  ? -10.216 -1.503  -10.144 1.00 18.07 ? 104 THR B N   1 
ATOM   784  C CA  . THR B 1 4  ? -10.852 -0.604  -9.193  1.00 17.28 ? 104 THR B CA  1 
ATOM   785  C C   . THR B 1 4  ? -10.427 -1.063  -7.802  1.00 16.04 ? 104 THR B C   1 
ATOM   786  O O   . THR B 1 4  ? -9.818  -2.124  -7.650  1.00 16.57 ? 104 THR B O   1 
ATOM   787  C CB  . THR B 1 4  ? -12.390 -0.627  -9.314  1.00 17.04 ? 104 THR B CB  1 
ATOM   788  O OG1 . THR B 1 4  ? -12.857 -1.975  -9.261  1.00 18.32 ? 104 THR B OG1 1 
ATOM   789  C CG2 . THR B 1 4  ? -12.830 0.009   -10.631 1.00 17.71 ? 104 THR B CG2 1 
ATOM   790  N N   . LEU B 1 5  ? -10.761 -0.281  -6.787  1.00 14.40 ? 105 LEU B N   1 
ATOM   791  C CA  . LEU B 1 5  ? -10.331 -0.609  -5.442  1.00 13.22 ? 105 LEU B CA  1 
ATOM   792  C C   . LEU B 1 5  ? -11.425 -0.917  -4.427  1.00 13.62 ? 105 LEU B C   1 
ATOM   793  O O   . LEU B 1 5  ? -11.215 -0.775  -3.222  1.00 12.79 ? 105 LEU B O   1 
ATOM   794  C CB  . LEU B 1 5  ? -9.439  0.527   -4.940  1.00 12.73 ? 105 LEU B CB  1 
ATOM   795  C CG  . LEU B 1 5  ? -8.238  0.789   -5.857  1.00 13.23 ? 105 LEU B CG  1 
ATOM   796  C CD1 . LEU B 1 5  ? -7.542  2.083   -5.453  1.00 13.52 ? 105 LEU B CD1 1 
ATOM   797  C CD2 . LEU B 1 5  ? -7.274  -0.396  -5.781  1.00 13.79 ? 105 LEU B CD2 1 
ATOM   798  N N   . TRP B 1 6  ? -12.588 -1.355  -4.902  1.00 13.53 ? 106 TRP B N   1 
ATOM   799  C CA  . TRP B 1 6  ? -13.673 -1.688  -3.991  1.00 13.82 ? 106 TRP B CA  1 
ATOM   800  C C   . TRP B 1 6  ? -13.287 -2.925  -3.189  1.00 14.43 ? 106 TRP B C   1 
ATOM   801  O O   . TRP B 1 6  ? -13.785 -3.150  -2.088  1.00 14.41 ? 106 TRP B O   1 
ATOM   802  C CB  . TRP B 1 6  ? -14.968 -1.903  -4.769  1.00 14.39 ? 106 TRP B CB  1 
ATOM   803  C CG  . TRP B 1 6  ? -15.324 -0.696  -5.559  1.00 13.56 ? 106 TRP B CG  1 
ATOM   804  C CD1 . TRP B 1 6  ? -15.076 -0.477  -6.880  1.00 14.19 ? 106 TRP B CD1 1 
ATOM   805  C CD2 . TRP B 1 6  ? -15.926 0.504   -5.059  1.00 14.72 ? 106 TRP B CD2 1 
ATOM   806  N NE1 . TRP B 1 6  ? -15.484 0.785   -7.239  1.00 14.38 ? 106 TRP B NE1 1 
ATOM   807  C CE2 . TRP B 1 6  ? -16.010 1.410   -6.138  1.00 14.38 ? 106 TRP B CE2 1 
ATOM   808  C CE3 . TRP B 1 6  ? -16.402 0.901   -3.802  1.00 13.45 ? 106 TRP B CE3 1 
ATOM   809  C CZ2 . TRP B 1 6  ? -16.550 2.689   -6.002  1.00 14.63 ? 106 TRP B CZ2 1 
ATOM   810  C CZ3 . TRP B 1 6  ? -16.941 2.178   -3.665  1.00 13.78 ? 106 TRP B CZ3 1 
ATOM   811  C CH2 . TRP B 1 6  ? -17.010 3.055   -4.761  1.00 14.11 ? 106 TRP B CH2 1 
ATOM   812  N N   . GLN B 1 7  ? -12.393 -3.732  -3.753  1.00 14.40 ? 107 GLN B N   1 
ATOM   813  C CA  . GLN B 1 7  ? -11.883 -4.904  -3.057  1.00 15.27 ? 107 GLN B CA  1 
ATOM   814  C C   . GLN B 1 7  ? -10.363 -4.826  -3.183  1.00 14.16 ? 107 GLN B C   1 
ATOM   815  O O   . GLN B 1 7  ? -9.846  -3.995  -3.929  1.00 13.44 ? 107 GLN B O   1 
ATOM   816  C CB  . GLN B 1 7  ? -12.417 -6.201  -3.681  1.00 19.01 ? 107 GLN B CB  1 
ATOM   817  C CG  . GLN B 1 7  ? -11.893 -6.533  -5.068  1.00 23.74 ? 107 GLN B CG  1 
ATOM   818  C CD  . GLN B 1 7  ? -12.618 -7.721  -5.689  1.00 27.16 ? 107 GLN B CD  1 
ATOM   819  O OE1 . GLN B 1 7  ? -12.155 -8.304  -6.673  1.00 29.76 ? 107 GLN B OE1 1 
ATOM   820  N NE2 . GLN B 1 7  ? -13.768 -8.076  -5.122  1.00 28.47 ? 107 GLN B NE2 1 
ATOM   821  N N   . ARG B 1 8  ? -9.648  -5.657  -2.439  1.00 13.22 ? 108 ARG B N   1 
ATOM   822  C CA  . ARG B 1 8  ? -8.192  -5.644  -2.512  1.00 13.44 ? 108 ARG B CA  1 
ATOM   823  C C   . ARG B 1 8  ? -7.714  -5.952  -3.925  1.00 13.08 ? 108 ARG B C   1 
ATOM   824  O O   . ARG B 1 8  ? -8.226  -6.859  -4.576  1.00 13.55 ? 108 ARG B O   1 
ATOM   825  C CB  . ARG B 1 8  ? -7.601  -6.669  -1.542  1.00 14.45 ? 108 ARG B CB  1 
ATOM   826  C CG  . ARG B 1 8  ? -7.692  -6.248  -0.097  1.00 16.75 ? 108 ARG B CG  1 
ATOM   827  C CD  . ARG B 1 8  ? -6.999  -7.248  0.811   1.00 19.09 ? 108 ARG B CD  1 
ATOM   828  N NE  . ARG B 1 8  ? -6.922  -6.749  2.178   1.00 20.62 ? 108 ARG B NE  1 
ATOM   829  C CZ  . ARG B 1 8  ? -6.345  -7.399  3.182   1.00 21.76 ? 108 ARG B CZ  1 
ATOM   830  N NH1 . ARG B 1 8  ? -5.790  -8.587  2.975   1.00 22.27 ? 108 ARG B NH1 1 
ATOM   831  N NH2 . ARG B 1 8  ? -6.314  -6.856  4.394   1.00 21.29 ? 108 ARG B NH2 1 
ATOM   832  N N   . PRO B 1 9  ? -6.731  -5.187  -4.424  1.00 13.22 ? 109 PRO B N   1 
ATOM   833  C CA  . PRO B 1 9  ? -6.210  -5.417  -5.774  1.00 12.82 ? 109 PRO B CA  1 
ATOM   834  C C   . PRO B 1 9  ? -5.276  -6.625  -5.787  1.00 13.92 ? 109 PRO B C   1 
ATOM   835  O O   . PRO B 1 9  ? -4.055  -6.490  -5.860  1.00 12.64 ? 109 PRO B O   1 
ATOM   836  C CB  . PRO B 1 9  ? -5.492  -4.110  -6.095  1.00 13.54 ? 109 PRO B CB  1 
ATOM   837  C CG  . PRO B 1 9  ? -4.994  -3.668  -4.748  1.00 12.69 ? 109 PRO B CG  1 
ATOM   838  C CD  . PRO B 1 9  ? -6.183  -3.941  -3.852  1.00 12.58 ? 109 PRO B CD  1 
ATOM   839  N N   . LEU B 1 10 ? -5.871  -7.807  -5.700  1.00 13.69 ? 110 LEU B N   1 
ATOM   840  C CA  . LEU B 1 10 ? -5.117  -9.047  -5.702  1.00 15.42 ? 110 LEU B CA  1 
ATOM   841  C C   . LEU B 1 10 ? -4.991  -9.574  -7.119  1.00 15.95 ? 110 LEU B C   1 
ATOM   842  O O   . LEU B 1 10 ? -5.950  -9.543  -7.892  1.00 16.70 ? 110 LEU B O   1 
ATOM   843  C CB  . LEU B 1 10 ? -5.819  -10.089 -4.826  1.00 17.58 ? 110 LEU B CB  1 
ATOM   844  C CG  . LEU B 1 10 ? -5.901  -9.781  -3.331  1.00 19.24 ? 110 LEU B CG  1 
ATOM   845  C CD1 . LEU B 1 10 ? -6.706  -10.869 -2.627  1.00 20.87 ? 110 LEU B CD1 1 
ATOM   846  C CD2 . LEU B 1 10 ? -4.497  -9.692  -2.748  1.00 20.68 ? 110 LEU B CD2 1 
ATOM   847  N N   . VAL B 1 11 ? -3.798  -10.035 -7.466  1.00 15.77 ? 111 VAL B N   1 
ATOM   848  C CA  . VAL B 1 11 ? -3.555  -10.587 -8.790  1.00 15.98 ? 111 VAL B CA  1 
ATOM   849  C C   . VAL B 1 11 ? -2.753  -11.864 -8.647  1.00 16.14 ? 111 VAL B C   1 
ATOM   850  O O   . VAL B 1 11 ? -2.183  -12.144 -7.591  1.00 15.45 ? 111 VAL B O   1 
ATOM   851  C CB  . VAL B 1 11 ? -2.756  -9.612  -9.692  1.00 16.52 ? 111 VAL B CB  1 
ATOM   852  C CG1 . VAL B 1 11 ? -3.573  -8.348  -9.952  1.00 18.12 ? 111 VAL B CG1 1 
ATOM   853  C CG2 . VAL B 1 11 ? -1.422  -9.271  -9.041  1.00 17.55 ? 111 VAL B CG2 1 
ATOM   854  N N   . THR B 1 12 ? -2.715  -12.652 -9.709  1.00 15.89 ? 112 THR B N   1 
ATOM   855  C CA  . THR B 1 12 ? -1.946  -13.879 -9.668  1.00 15.79 ? 112 THR B CA  1 
ATOM   856  C C   . THR B 1 12 ? -0.561  -13.574 -10.211 1.00 15.17 ? 112 THR B C   1 
ATOM   857  O O   . THR B 1 12 ? -0.421  -12.894 -11.225 1.00 15.63 ? 112 THR B O   1 
ATOM   858  C CB  . THR B 1 12 ? -2.588  -14.979 -10.538 1.00 16.98 ? 112 THR B CB  1 
ATOM   859  O OG1 . THR B 1 12 ? -3.863  -15.335 -9.991  1.00 18.79 ? 112 THR B OG1 1 
ATOM   860  C CG2 . THR B 1 12 ? -1.699  -16.212 -10.576 1.00 17.71 ? 112 THR B CG2 1 
ATOM   861  N N   . ILE B 1 13 ? 0.463   -14.049 -9.517  1.00 14.42 ? 113 ILE B N   1 
ATOM   862  C CA  . ILE B 1 13 ? 1.825   -13.855 -9.986  1.00 14.10 ? 113 ILE B CA  1 
ATOM   863  C C   . ILE B 1 13 ? 2.419   -15.240 -10.143 1.00 14.27 ? 113 ILE B C   1 
ATOM   864  O O   . ILE B 1 13 ? 1.925   -16.206 -9.561  1.00 14.61 ? 113 ILE B O   1 
ATOM   865  C CB  . ILE B 1 13 ? 2.694   -13.048 -8.987  1.00 13.84 ? 113 ILE B CB  1 
ATOM   866  C CG1 . ILE B 1 13 ? 2.758   -13.766 -7.635  1.00 14.03 ? 113 ILE B CG1 1 
ATOM   867  C CG2 . ILE B 1 13 ? 2.133   -11.640 -8.845  1.00 14.00 ? 113 ILE B CG2 1 
ATOM   868  C CD1 . ILE B 1 13 ? 3.833   -13.221 -6.688  1.00 14.71 ? 113 ILE B CD1 1 
ATOM   869  N N   . LYS B 1 14 ? 3.465   -15.339 -10.945 1.00 14.24 ? 114 LYS B N   1 
ATOM   870  C CA  . LYS B 1 14 ? 4.135   -16.606 -11.148 1.00 14.99 ? 114 LYS B CA  1 
ATOM   871  C C   . LYS B 1 14 ? 5.604   -16.395 -10.815 1.00 14.79 ? 114 LYS B C   1 
ATOM   872  O O   . LYS B 1 14 ? 6.262   -15.516 -11.373 1.00 14.43 ? 114 LYS B O   1 
ATOM   873  C CB  . LYS B 1 14 ? 3.974   -17.066 -12.597 1.00 15.66 ? 114 LYS B CB  1 
ATOM   874  C CG  . LYS B 1 14 ? 4.564   -18.430 -12.889 1.00 18.46 ? 114 LYS B CG  1 
ATOM   875  C CD  . LYS B 1 14 ? 4.335   -18.792 -14.348 1.00 19.53 ? 114 LYS B CD  1 
ATOM   876  C CE  . LYS B 1 14 ? 4.950   -20.125 -14.697 1.00 22.44 ? 114 LYS B CE  1 
ATOM   877  N NZ  . LYS B 1 14 ? 4.675   -20.465 -16.125 1.00 23.02 ? 114 LYS B NZ  1 
ATOM   878  N N   . ILE B 1 15 ? 6.105   -17.185 -9.881  1.00 15.18 ? 115 ILE B N   1 
ATOM   879  C CA  . ILE B 1 15 ? 7.497   -17.085 -9.481  1.00 16.53 ? 115 ILE B CA  1 
ATOM   880  C C   . ILE B 1 15 ? 7.979   -18.482 -9.128  1.00 18.12 ? 115 ILE B C   1 
ATOM   881  O O   . ILE B 1 15 ? 7.296   -19.228 -8.417  1.00 17.81 ? 115 ILE B O   1 
ATOM   882  C CB  . ILE B 1 15 ? 7.669   -16.124 -8.273  1.00 17.08 ? 115 ILE B CB  1 
ATOM   883  C CG1 . ILE B 1 15 ? 9.154   -15.987 -7.920  1.00 17.30 ? 115 ILE B CG1 1 
ATOM   884  C CG2 . ILE B 1 15 ? 6.856   -16.613 -7.087  1.00 16.39 ? 115 ILE B CG2 1 
ATOM   885  C CD1 . ILE B 1 15 ? 9.453   -14.834 -6.977  1.00 18.61 ? 115 ILE B CD1 1 
ATOM   886  N N   . GLY B 1 16 ? 9.152   -18.837 -9.641  1.00 19.03 ? 116 GLY B N   1 
ATOM   887  C CA  . GLY B 1 16 ? 9.695   -20.156 -9.384  1.00 21.16 ? 116 GLY B CA  1 
ATOM   888  C C   . GLY B 1 16 ? 8.753   -21.227 -9.900  1.00 21.96 ? 116 GLY B C   1 
ATOM   889  O O   . GLY B 1 16 ? 8.625   -22.293 -9.298  1.00 23.34 ? 116 GLY B O   1 
ATOM   890  N N   . GLY B 1 17 ? 8.086   -20.935 -11.012 1.00 22.27 ? 117 GLY B N   1 
ATOM   891  C CA  . GLY B 1 17 ? 7.156   -21.885 -11.597 1.00 23.03 ? 117 GLY B CA  1 
ATOM   892  C C   . GLY B 1 17 ? 5.897   -22.129 -10.782 1.00 23.44 ? 117 GLY B C   1 
ATOM   893  O O   . GLY B 1 17 ? 5.131   -23.048 -11.077 1.00 23.46 ? 117 GLY B O   1 
ATOM   894  N N   . GLN B 1 18 ? 5.665   -21.312 -9.759  1.00 23.29 ? 118 GLN B N   1 
ATOM   895  C CA  . GLN B 1 18 ? 4.484   -21.480 -8.923  1.00 23.17 ? 118 GLN B CA  1 
ATOM   896  C C   . GLN B 1 18 ? 3.564   -20.271 -9.000  1.00 21.95 ? 118 GLN B C   1 
ATOM   897  O O   . GLN B 1 18 ? 4.024   -19.139 -9.147  1.00 21.12 ? 118 GLN B O   1 
ATOM   898  C CB  . GLN B 1 18 ? 4.884   -21.688 -7.461  1.00 25.61 ? 118 GLN B CB  1 
ATOM   899  C CG  . GLN B 1 18 ? 5.975   -22.714 -7.226  1.00 29.45 ? 118 GLN B CG  1 
ATOM   900  C CD  . GLN B 1 18 ? 6.235   -22.936 -5.747  1.00 31.60 ? 118 GLN B CD  1 
ATOM   901  O OE1 . GLN B 1 18 ? 6.493   -21.989 -4.999  1.00 33.30 ? 118 GLN B OE1 1 
ATOM   902  N NE2 . GLN B 1 18 ? 6.169   -24.191 -5.316  1.00 33.19 ? 118 GLN B NE2 1 
ATOM   903  N N   . LEU B 1 19 ? 2.263   -20.516 -8.896  1.00 20.21 ? 119 LEU B N   1 
ATOM   904  C CA  . LEU B 1 19 ? 1.296   -19.431 -8.919  1.00 19.15 ? 119 LEU B CA  1 
ATOM   905  C C   . LEU B 1 19 ? 0.993   -19.027 -7.483  1.00 18.98 ? 119 LEU B C   1 
ATOM   906  O O   . LEU B 1 19 ? 0.804   -19.877 -6.609  1.00 18.57 ? 119 LEU B O   1 
ATOM   907  C CB  . LEU B 1 19 ? 0.001   -19.864 -9.606  1.00 18.88 ? 119 LEU B CB  1 
ATOM   908  C CG  . LEU B 1 19 ? 0.052   -20.175 -11.102 1.00 19.92 ? 119 LEU B CG  1 
ATOM   909  C CD1 . LEU B 1 19 ? -1.347  -20.504 -11.587 1.00 20.65 ? 119 LEU B CD1 1 
ATOM   910  C CD2 . LEU B 1 19 ? 0.612   -18.988 -11.865 1.00 19.97 ? 119 LEU B CD2 1 
ATOM   911  N N   . LYS B 1 20 ? 0.960   -17.723 -7.244  1.00 18.25 ? 120 LYS B N   1 
ATOM   912  C CA  . LYS B 1 20 ? 0.669   -17.196 -5.922  1.00 18.04 ? 120 LYS B CA  1 
ATOM   913  C C   . LYS B 1 20 ? -0.206  -15.970 -6.113  1.00 17.52 ? 120 LYS B C   1 
ATOM   914  O O   . LYS B 1 20 ? -0.282  -15.422 -7.212  1.00 17.68 ? 120 LYS B O   1 
ATOM   915  C CB  . LYS B 1 20 ? 1.963   -16.784 -5.210  1.00 19.14 ? 120 LYS B CB  1 
ATOM   916  C CG  . LYS B 1 20 ? 2.892   -17.929 -4.839  1.00 21.66 ? 120 LYS B CG  1 
ATOM   917  C CD  . LYS B 1 20 ? 4.194   -17.393 -4.254  1.00 23.46 ? 120 LYS B CD  1 
ATOM   918  C CE  . LYS B 1 20 ? 5.076   -18.510 -3.712  1.00 25.01 ? 120 LYS B CE  1 
ATOM   919  N NZ  . LYS B 1 20 ? 4.461   -19.170 -2.527  1.00 27.49 ? 120 LYS B NZ  1 
ATOM   920  N N   . GLU B 1 21 ? -0.881  -15.550 -5.052  1.00 16.95 ? 121 GLU B N   1 
ATOM   921  C CA  . GLU B 1 21 ? -1.709  -14.359 -5.124  1.00 17.01 ? 121 GLU B CA  1 
ATOM   922  C C   . GLU B 1 21 ? -0.958  -13.253 -4.410  1.00 15.36 ? 121 GLU B C   1 
ATOM   923  O O   . GLU B 1 21 ? -0.376  -13.480 -3.350  1.00 15.00 ? 121 GLU B O   1 
ATOM   924  C CB  . GLU B 1 21 ? -3.066  -14.598 -4.463  1.00 20.30 ? 121 GLU B CB  1 
ATOM   925  C CG  . GLU B 1 21 ? -4.077  -15.243 -5.401  1.00 25.42 ? 121 GLU B CG  1 
ATOM   926  C CD  . GLU B 1 21 ? -5.425  -15.484 -4.752  1.00 27.89 ? 121 GLU B CD  1 
ATOM   927  O OE1 . GLU B 1 21 ? -5.960  -14.552 -4.112  1.00 29.43 ? 121 GLU B OE1 1 
ATOM   928  O OE2 . GLU B 1 21 ? -5.953  -16.609 -4.893  1.00 31.17 ? 121 GLU B OE2 1 
ATOM   929  N N   . ALA B 1 22 ? -0.952  -12.062 -4.998  1.00 13.74 ? 122 ALA B N   1 
ATOM   930  C CA  . ALA B 1 22 ? -0.249  -10.943 -4.388  1.00 12.97 ? 122 ALA B CA  1 
ATOM   931  C C   . ALA B 1 22 ? -1.037  -9.656  -4.539  1.00 12.97 ? 122 ALA B C   1 
ATOM   932  O O   . ALA B 1 22 ? -1.902  -9.533  -5.408  1.00 13.37 ? 122 ALA B O   1 
ATOM   933  C CB  . ALA B 1 22 ? 1.142   -10.792 -5.008  1.00 12.90 ? 122 ALA B CB  1 
ATOM   934  N N   . LEU B 1 23 ? -0.718  -8.697  -3.680  1.00 12.15 ? 123 LEU B N   1 
ATOM   935  C CA  . LEU B 1 23 ? -1.387  -7.406  -3.652  1.00 13.26 ? 123 LEU B CA  1 
ATOM   936  C C   . LEU B 1 23 ? -0.604  -6.364  -4.441  1.00 12.60 ? 123 LEU B C   1 
ATOM   937  O O   . LEU B 1 23 ? 0.599   -6.238  -4.256  1.00 13.08 ? 123 LEU B O   1 
ATOM   938  C CB  . LEU B 1 23 ? -1.479  -6.932  -2.200  1.00 15.13 ? 123 LEU B CB  1 
ATOM   939  C CG  . LEU B 1 23 ? -2.774  -6.534  -1.497  1.00 18.93 ? 123 LEU B CG  1 
ATOM   940  C CD1 . LEU B 1 23 ? -2.396  -5.910  -0.155  1.00 19.05 ? 123 LEU B CD1 1 
ATOM   941  C CD2 . LEU B 1 23 ? -3.572  -5.551  -2.322  1.00 19.65 ? 123 LEU B CD2 1 
ATOM   942  N N   . LEU B 1 24 ? -1.276  -5.628  -5.323  1.00 12.68 ? 124 LEU B N   1 
ATOM   943  C CA  . LEU B 1 24 ? -0.607  -4.554  -6.060  1.00 12.45 ? 124 LEU B CA  1 
ATOM   944  C C   . LEU B 1 24 ? -0.674  -3.412  -5.048  1.00 12.25 ? 124 LEU B C   1 
ATOM   945  O O   . LEU B 1 24 ? -1.741  -2.854  -4.793  1.00 13.39 ? 124 LEU B O   1 
ATOM   946  C CB  . LEU B 1 24 ? -1.377  -4.204  -7.332  1.00 12.12 ? 124 LEU B CB  1 
ATOM   947  C CG  . LEU B 1 24 ? -1.450  -5.333  -8.364  1.00 14.25 ? 124 LEU B CG  1 
ATOM   948  C CD1 . LEU B 1 24 ? -2.229  -4.855  -9.571  1.00 15.02 ? 124 LEU B CD1 1 
ATOM   949  C CD2 . LEU B 1 24 ? -0.046  -5.776  -8.767  1.00 14.87 ? 124 LEU B CD2 1 
ATOM   950  N N   . ASP B 1 25 ? 0.477   -3.065  -4.489  1.00 11.65 ? 125 ASP B N   1 
ATOM   951  C CA  . ASP B 1 25 ? 0.554   -2.074  -3.421  1.00 11.19 ? 125 ASP B CA  1 
ATOM   952  C C   . ASP B 1 25 ? 1.367   -0.821  -3.736  1.00 11.39 ? 125 ASP B C   1 
ATOM   953  O O   . ASP B 1 25 ? 2.594   -0.853  -3.699  1.00 10.15 ? 125 ASP B O   1 
ATOM   954  C CB  . ASP B 1 25 ? 1.147   -2.780  -2.203  1.00 12.25 ? 125 ASP B CB  1 
ATOM   955  C CG  . ASP B 1 25 ? 1.013   -1.981  -0.931  1.00 13.46 ? 125 ASP B CG  1 
ATOM   956  O OD1 . ASP B 1 25 ? 0.653   -0.788  -0.992  1.00 15.04 ? 125 ASP B OD1 1 
ATOM   957  O OD2 . ASP B 1 25 ? 1.279   -2.565  0.132   1.00 14.21 ? 125 ASP B OD2 1 
ATOM   958  N N   . THR B 1 26 ? 0.686   0.285   -4.025  1.00 10.67 ? 126 THR B N   1 
ATOM   959  C CA  . THR B 1 26 ? 1.382   1.527   -4.327  1.00 10.66 ? 126 THR B CA  1 
ATOM   960  C C   . THR B 1 26 ? 2.036   2.110   -3.072  1.00 11.22 ? 126 THR B C   1 
ATOM   961  O O   . THR B 1 26 ? 2.905   2.978   -3.160  1.00 11.80 ? 126 THR B O   1 
ATOM   962  C CB  . THR B 1 26 ? 0.425   2.569   -4.923  1.00 10.99 ? 126 THR B CB  1 
ATOM   963  O OG1 . THR B 1 26 ? -0.635  2.828   -3.997  1.00 11.41 ? 126 THR B OG1 1 
ATOM   964  C CG2 . THR B 1 26 ? -0.164  2.054   -6.224  1.00 11.26 ? 126 THR B CG2 1 
ATOM   965  N N   . GLY B 1 27 ? 1.623   1.623   -1.906  1.00 10.53 ? 127 GLY B N   1 
ATOM   966  C CA  . GLY B 1 27 ? 2.193   2.110   -0.660  1.00 10.94 ? 127 GLY B CA  1 
ATOM   967  C C   . GLY B 1 27 ? 3.474   1.394   -0.256  1.00 11.40 ? 127 GLY B C   1 
ATOM   968  O O   . GLY B 1 27 ? 4.122   1.771   0.723   1.00 12.20 ? 127 GLY B O   1 
ATOM   969  N N   . ALA B 1 28 ? 3.847   0.363   -1.007  1.00 10.89 ? 128 ALA B N   1 
ATOM   970  C CA  . ALA B 1 28 ? 5.054   -0.399  -0.710  1.00 10.80 ? 128 ALA B CA  1 
ATOM   971  C C   . ALA B 1 28 ? 6.190   0.001   -1.646  1.00 10.37 ? 128 ALA B C   1 
ATOM   972  O O   . ALA B 1 28 ? 6.042   -0.056  -2.864  1.00 10.46 ? 128 ALA B O   1 
ATOM   973  C CB  . ALA B 1 28 ? 4.770   -1.892  -0.845  1.00 11.41 ? 128 ALA B CB  1 
ATOM   974  N N   . ASP B 1 29 ? 7.323   0.412   -1.085  1.00 10.74 ? 129 ASP B N   1 
ATOM   975  C CA  . ASP B 1 29 ? 8.463   0.802   -1.913  1.00 12.18 ? 129 ASP B CA  1 
ATOM   976  C C   . ASP B 1 29 ? 9.042   -0.402  -2.643  1.00 12.70 ? 129 ASP B C   1 
ATOM   977  O O   . ASP B 1 29 ? 9.466   -0.304  -3.795  1.00 12.28 ? 129 ASP B O   1 
ATOM   978  C CB  . ASP B 1 29 ? 9.593   1.393   -1.071  1.00 13.47 ? 129 ASP B CB  1 
ATOM   979  C CG  . ASP B 1 29 ? 9.207   2.669   -0.374  1.00 15.25 ? 129 ASP B CG  1 
ATOM   980  O OD1 . ASP B 1 29 ? 8.389   3.432   -0.922  1.00 16.18 ? 129 ASP B OD1 1 
ATOM   981  O OD2 . ASP B 1 29 ? 9.748   2.913   0.720   1.00 17.68 ? 129 ASP B OD2 1 
ATOM   982  N N   . ASP B 1 30 ? 9.073   -1.530  -1.943  1.00 12.67 ? 130 ASP B N   1 
ATOM   983  C CA  . ASP B 1 30 ? 9.637   -2.758  -2.480  1.00 13.64 ? 130 ASP B CA  1 
ATOM   984  C C   . ASP B 1 30 ? 8.614   -3.878  -2.545  1.00 12.86 ? 130 ASP B C   1 
ATOM   985  O O   . ASP B 1 30 ? 7.468   -3.719  -2.132  1.00 12.49 ? 130 ASP B O   1 
ATOM   986  C CB  . ASP B 1 30 ? 10.813  -3.204  -1.606  1.00 16.16 ? 130 ASP B CB  1 
ATOM   987  C CG  . ASP B 1 30 ? 11.800  -2.080  -1.329  1.00 18.62 ? 130 ASP B CG  1 
ATOM   988  O OD1 . ASP B 1 30 ? 12.348  -1.523  -2.297  1.00 19.46 ? 130 ASP B OD1 1 
ATOM   989  O OD2 . ASP B 1 30 ? 12.028  -1.756  -0.139  1.00 22.08 ? 130 ASP B OD2 1 
ATOM   990  N N   . THR B 1 31 ? 9.057   -5.022  -3.052  1.00 12.04 ? 131 THR B N   1 
ATOM   991  C CA  . THR B 1 31 ? 8.217   -6.198  -3.197  1.00 11.00 ? 131 THR B CA  1 
ATOM   992  C C   . THR B 1 31 ? 8.663   -7.239  -2.175  1.00 11.42 ? 131 THR B C   1 
ATOM   993  O O   . THR B 1 31 ? 9.840   -7.590  -2.104  1.00 11.35 ? 131 THR B O   1 
ATOM   994  C CB  . THR B 1 31 ? 8.350   -6.771  -4.619  1.00 11.06 ? 131 THR B CB  1 
ATOM   995  O OG1 . THR B 1 31 ? 7.814   -5.826  -5.552  1.00 10.72 ? 131 THR B OG1 1 
ATOM   996  C CG2 . THR B 1 31 ? 7.598   -8.099  -4.757  1.00 11.34 ? 131 THR B CG2 1 
ATOM   997  N N   . VAL B 1 32 ? 7.724   -7.721  -1.371  1.00 11.28 ? 132 VAL B N   1 
ATOM   998  C CA  . VAL B 1 32 ? 8.059   -8.711  -0.362  1.00 11.97 ? 132 VAL B CA  1 
ATOM   999  C C   . VAL B 1 32 ? 7.073   -9.860  -0.415  1.00 11.83 ? 132 VAL B C   1 
ATOM   1000 O O   . VAL B 1 32 ? 5.859   -9.658  -0.455  1.00 11.96 ? 132 VAL B O   1 
ATOM   1001 C CB  . VAL B 1 32 ? 8.087   -8.082  1.060   1.00 12.60 ? 132 VAL B CB  1 
ATOM   1002 C CG1 . VAL B 1 32 ? 6.734   -7.527  1.423   1.00 14.61 ? 132 VAL B CG1 1 
ATOM   1003 C CG2 . VAL B 1 32 ? 8.530   -9.131  2.080   1.00 13.20 ? 132 VAL B CG2 1 
ATOM   1004 N N   . LEU B 1 33 ? 7.613   -11.072 -0.430  1.00 11.81 ? 133 LEU B N   1 
ATOM   1005 C CA  . LEU B 1 33 ? 6.803   -12.272 -0.509  1.00 12.97 ? 133 LEU B CA  1 
ATOM   1006 C C   . LEU B 1 33 ? 6.966   -13.126 0.728   1.00 13.21 ? 133 LEU B C   1 
ATOM   1007 O O   . LEU B 1 33 ? 7.983   -13.062 1.416   1.00 13.28 ? 133 LEU B O   1 
ATOM   1008 C CB  . LEU B 1 33 ? 7.203   -13.090 -1.737  1.00 13.84 ? 133 LEU B CB  1 
ATOM   1009 C CG  . LEU B 1 33 ? 7.098   -12.387 -3.090  1.00 14.49 ? 133 LEU B CG  1 
ATOM   1010 C CD1 . LEU B 1 33 ? 7.521   -13.344 -4.199  1.00 15.15 ? 133 LEU B CD1 1 
ATOM   1011 C CD2 . LEU B 1 33 ? 5.678   -11.917 -3.308  1.00 14.71 ? 133 LEU B CD2 1 
ATOM   1012 N N   . GLU B 1 34 ? 5.949   -13.931 0.999   1.00 14.72 ? 134 GLU B N   1 
ATOM   1013 C CA  . GLU B 1 34 ? 5.965   -14.827 2.139   1.00 17.01 ? 134 GLU B CA  1 
ATOM   1014 C C   . GLU B 1 34 ? 7.110   -15.819 1.983   1.00 17.90 ? 134 GLU B C   1 
ATOM   1015 O O   . GLU B 1 34 ? 7.568   -16.094 0.869   1.00 17.41 ? 134 GLU B O   1 
ATOM   1016 C CB  . GLU B 1 34 ? 4.626   -15.563 2.231   1.00 18.34 ? 134 GLU B CB  1 
ATOM   1017 C CG  . GLU B 1 34 ? 3.463   -14.643 2.563   1.00 21.59 ? 134 GLU B CG  1 
ATOM   1018 C CD  . GLU B 1 34 ? 2.113   -15.279 2.297   1.00 23.71 ? 134 GLU B CD  1 
ATOM   1019 O OE1 . GLU B 1 34 ? 1.938   -16.464 2.637   1.00 26.04 ? 134 GLU B OE1 1 
ATOM   1020 O OE2 . GLU B 1 34 ? 1.223   -14.591 1.758   1.00 25.32 ? 134 GLU B OE2 1 
ATOM   1021 N N   . GLU B 1 35 ? 7.569   -16.349 3.110   1.00 19.73 ? 135 GLU B N   1 
ATOM   1022 C CA  . GLU B 1 35 ? 8.671   -17.300 3.126   1.00 21.48 ? 135 GLU B CA  1 
ATOM   1023 C C   . GLU B 1 35 ? 8.605   -18.309 1.989   1.00 22.33 ? 135 GLU B C   1 
ATOM   1024 O O   . GLU B 1 35 ? 7.579   -18.960 1.767   1.00 21.77 ? 135 GLU B O   1 
ATOM   1025 C CB  . GLU B 1 35 ? 8.704   -18.035 4.467   1.00 23.38 ? 135 GLU B CB  1 
ATOM   1026 C CG  . GLU B 1 35 ? 9.852   -19.014 4.602   1.00 26.56 ? 135 GLU B CG  1 
ATOM   1027 C CD  . GLU B 1 35 ? 11.197  -18.360 4.362   1.00 27.34 ? 135 GLU B CD  1 
ATOM   1028 O OE1 . GLU B 1 35 ? 11.460  -17.303 4.970   1.00 29.03 ? 135 GLU B OE1 1 
ATOM   1029 O OE2 . GLU B 1 35 ? 11.990  -18.905 3.568   1.00 30.08 ? 135 GLU B OE2 1 
ATOM   1030 N N   . MET B 1 36 ? 9.708   -18.421 1.258   1.00 22.80 ? 136 MET B N   1 
ATOM   1031 C CA  . MET B 1 36 ? 9.803   -19.353 0.146   1.00 24.39 ? 136 MET B CA  1 
ATOM   1032 C C   . MET B 1 36 ? 11.266  -19.498 -0.228  1.00 25.21 ? 136 MET B C   1 
ATOM   1033 O O   . MET B 1 36 ? 12.120  -18.763 0.270   1.00 25.46 ? 136 MET B O   1 
ATOM   1034 C CB  . MET B 1 36 ? 9.010   -18.847 -1.061  1.00 24.84 ? 136 MET B CB  1 
ATOM   1035 C CG  . MET B 1 36 ? 9.626   -17.649 -1.761  1.00 25.48 ? 136 MET B CG  1 
ATOM   1036 S SD  . MET B 1 36 ? 8.682   -17.180 -3.221  1.00 27.51 ? 136 MET B SD  1 
ATOM   1037 C CE  . MET B 1 36 ? 9.203   -18.436 -4.377  1.00 27.89 ? 136 MET B CE  1 
ATOM   1038 N N   . SER B 1 37 ? 11.556  -20.445 -1.108  1.00 26.01 ? 137 SER B N   1 
ATOM   1039 C CA  . SER B 1 37 ? 12.927  -20.675 -1.529  1.00 26.86 ? 137 SER B CA  1 
ATOM   1040 C C   . SER B 1 37 ? 13.215  -20.032 -2.879  1.00 26.37 ? 137 SER B C   1 
ATOM   1041 O O   . SER B 1 37 ? 12.472  -20.225 -3.837  1.00 26.37 ? 137 SER B O   1 
ATOM   1042 C CB  . SER B 1 37 ? 13.203  -22.176 -1.608  1.00 27.87 ? 137 SER B CB  1 
ATOM   1043 O OG  . SER B 1 37 ? 14.567  -22.413 -1.903  1.00 30.86 ? 137 SER B OG  1 
ATOM   1044 N N   . LEU B 1 38 ? 14.291  -19.257 -2.939  1.00 26.04 ? 138 LEU B N   1 
ATOM   1045 C CA  . LEU B 1 38 ? 14.700  -18.601 -4.175  1.00 26.12 ? 138 LEU B CA  1 
ATOM   1046 C C   . LEU B 1 38 ? 16.173  -18.905 -4.418  1.00 26.45 ? 138 LEU B C   1 
ATOM   1047 O O   . LEU B 1 38 ? 16.925  -19.161 -3.478  1.00 26.10 ? 138 LEU B O   1 
ATOM   1048 C CB  . LEU B 1 38 ? 14.481  -17.089 -4.084  1.00 25.64 ? 138 LEU B CB  1 
ATOM   1049 C CG  . LEU B 1 38 ? 13.024  -16.616 -4.056  1.00 26.20 ? 138 LEU B CG  1 
ATOM   1050 C CD1 . LEU B 1 38 ? 12.976  -15.111 -3.863  1.00 26.27 ? 138 LEU B CD1 1 
ATOM   1051 C CD2 . LEU B 1 38 ? 12.333  -17.005 -5.356  1.00 25.83 ? 138 LEU B CD2 1 
ATOM   1052 N N   . PRO B 1 39 ? 16.600  -18.897 -5.689  1.00 26.72 ? 139 PRO B N   1 
ATOM   1053 C CA  . PRO B 1 39 ? 17.988  -19.176 -6.069  1.00 26.52 ? 139 PRO B CA  1 
ATOM   1054 C C   . PRO B 1 39 ? 18.983  -18.065 -5.750  1.00 25.68 ? 139 PRO B C   1 
ATOM   1055 O O   . PRO B 1 39 ? 18.619  -16.889 -5.649  1.00 26.10 ? 139 PRO B O   1 
ATOM   1056 C CB  . PRO B 1 39 ? 17.896  -19.413 -7.579  1.00 27.04 ? 139 PRO B CB  1 
ATOM   1057 C CG  . PRO B 1 39 ? 16.478  -19.839 -7.786  1.00 28.22 ? 139 PRO B CG  1 
ATOM   1058 C CD  . PRO B 1 39 ? 15.736  -18.897 -6.879  1.00 27.35 ? 139 PRO B CD  1 
ATOM   1059 N N   . GLY B 1 40 ? 20.244  -18.454 -5.593  1.00 24.40 ? 140 GLY B N   1 
ATOM   1060 C CA  . GLY B 1 40 ? 21.300  -17.492 -5.339  1.00 23.09 ? 140 GLY B CA  1 
ATOM   1061 C C   . GLY B 1 40 ? 21.554  -17.084 -3.906  1.00 21.86 ? 140 GLY B C   1 
ATOM   1062 O O   . GLY B 1 40 ? 21.035  -17.678 -2.956  1.00 21.37 ? 140 GLY B O   1 
ATOM   1063 N N   . ARG B 1 41 ? 22.390  -16.065 -3.757  1.00 20.13 ? 141 ARG B N   1 
ATOM   1064 C CA  . ARG B 1 41 ? 22.722  -15.547 -2.442  1.00 18.90 ? 141 ARG B CA  1 
ATOM   1065 C C   . ARG B 1 41 ? 21.772  -14.404 -2.153  1.00 18.17 ? 141 ARG B C   1 
ATOM   1066 O O   . ARG B 1 41 ? 21.203  -13.810 -3.071  1.00 18.11 ? 141 ARG B O   1 
ATOM   1067 C CB  . ARG B 1 41 ? 24.160  -15.022 -2.411  1.00 19.40 ? 141 ARG B CB  1 
ATOM   1068 C CG  . ARG B 1 41 ? 25.235  -16.098 -2.472  1.00 19.72 ? 141 ARG B CG  1 
ATOM   1069 C CD  . ARG B 1 41 ? 26.619  -15.467 -2.532  1.00 20.40 ? 141 ARG B CD  1 
ATOM   1070 N NE  . ARG B 1 41 ? 26.913  -14.641 -1.360  1.00 19.40 ? 141 ARG B NE  1 
ATOM   1071 C CZ  . ARG B 1 41 ? 27.256  -15.122 -0.167  1.00 19.32 ? 141 ARG B CZ  1 
ATOM   1072 N NH1 . ARG B 1 41 ? 27.355  -16.431 0.027   1.00 17.43 ? 141 ARG B NH1 1 
ATOM   1073 N NH2 . ARG B 1 41 ? 27.507  -14.287 0.834   1.00 18.42 ? 141 ARG B NH2 1 
ATOM   1074 N N   . TRP B 1 42 ? 21.595  -14.106 -0.874  1.00 16.99 ? 142 TRP B N   1 
ATOM   1075 C CA  . TRP B 1 42 ? 20.735  -13.013 -0.471  1.00 16.13 ? 142 TRP B CA  1 
ATOM   1076 C C   . TRP B 1 42 ? 21.502  -12.062 0.432   1.00 16.51 ? 142 TRP B C   1 
ATOM   1077 O O   . TRP B 1 42 ? 22.550  -12.418 0.984   1.00 16.02 ? 142 TRP B O   1 
ATOM   1078 C CB  . TRP B 1 42 ? 19.487  -13.533 0.251   1.00 15.18 ? 142 TRP B CB  1 
ATOM   1079 C CG  . TRP B 1 42 ? 19.769  -14.368 1.463   1.00 14.85 ? 142 TRP B CG  1 
ATOM   1080 C CD1 . TRP B 1 42 ? 20.029  -15.709 1.497   1.00 13.68 ? 142 TRP B CD1 1 
ATOM   1081 C CD2 . TRP B 1 42 ? 19.797  -13.920 2.821   1.00 14.14 ? 142 TRP B CD2 1 
ATOM   1082 N NE1 . TRP B 1 42 ? 20.211  -16.123 2.794   1.00 13.69 ? 142 TRP B NE1 1 
ATOM   1083 C CE2 . TRP B 1 42 ? 20.073  -15.044 3.627   1.00 14.12 ? 142 TRP B CE2 1 
ATOM   1084 C CE3 . TRP B 1 42 ? 19.611  -12.675 3.435   1.00 14.30 ? 142 TRP B CE3 1 
ATOM   1085 C CZ2 . TRP B 1 42 ? 20.167  -14.963 5.018   1.00 14.20 ? 142 TRP B CZ2 1 
ATOM   1086 C CZ3 . TRP B 1 42 ? 19.702  -12.593 4.819   1.00 14.00 ? 142 TRP B CZ3 1 
ATOM   1087 C CH2 . TRP B 1 42 ? 19.978  -13.733 5.595   1.00 13.94 ? 142 TRP B CH2 1 
ATOM   1088 N N   . LYS B 1 43 ? 20.979  -10.847 0.554   1.00 16.85 ? 143 LYS B N   1 
ATOM   1089 C CA  . LYS B 1 43 ? 21.569  -9.806  1.385   1.00 18.70 ? 143 LYS B CA  1 
ATOM   1090 C C   . LYS B 1 43 ? 20.521  -9.422  2.417   1.00 18.20 ? 143 LYS B C   1 
ATOM   1091 O O   . LYS B 1 43 ? 19.321  -9.561  2.172   1.00 18.24 ? 143 LYS B O   1 
ATOM   1092 C CB  . LYS B 1 43 ? 21.926  -8.581  0.539   1.00 20.31 ? 143 LYS B CB  1 
ATOM   1093 C CG  . LYS B 1 43 ? 23.056  -8.794  -0.456  1.00 23.87 ? 143 LYS B CG  1 
ATOM   1094 C CD  . LYS B 1 43 ? 23.217  -7.568  -1.349  1.00 26.09 ? 143 LYS B CD  1 
ATOM   1095 C CE  . LYS B 1 43 ? 24.467  -7.658  -2.214  1.00 28.18 ? 143 LYS B CE  1 
ATOM   1096 N NZ  . LYS B 1 43 ? 25.705  -7.704  -1.383  1.00 29.85 ? 143 LYS B NZ  1 
ATOM   1097 N N   . PRO B 1 44 ? 20.954  -8.917  3.578   1.00 18.11 ? 144 PRO B N   1 
ATOM   1098 C CA  . PRO B 1 44 ? 20.008  -8.530  4.623   1.00 17.95 ? 144 PRO B CA  1 
ATOM   1099 C C   . PRO B 1 44 ? 19.366  -7.175  4.370   1.00 18.00 ? 144 PRO B C   1 
ATOM   1100 O O   . PRO B 1 44 ? 19.973  -6.285  3.781   1.00 17.50 ? 144 PRO B O   1 
ATOM   1101 C CB  . PRO B 1 44 ? 20.878  -8.516  5.869   1.00 18.21 ? 144 PRO B CB  1 
ATOM   1102 C CG  . PRO B 1 44 ? 22.152  -7.937  5.337   1.00 18.39 ? 144 PRO B CG  1 
ATOM   1103 C CD  . PRO B 1 44 ? 22.342  -8.675  4.017   1.00 18.36 ? 144 PRO B CD  1 
ATOM   1104 N N   . LYS B 1 45 ? 18.128  -7.029  4.818   1.00 18.10 ? 145 LYS B N   1 
ATOM   1105 C CA  . LYS B 1 45 ? 17.427  -5.769  4.666   1.00 19.03 ? 145 LYS B CA  1 
ATOM   1106 C C   . LYS B 1 45 ? 16.369  -5.666  5.747   1.00 19.16 ? 145 LYS B C   1 
ATOM   1107 O O   . LYS B 1 45 ? 15.827  -6.674  6.204   1.00 18.57 ? 145 LYS B O   1 
ATOM   1108 C CB  . LYS B 1 45 ? 16.772  -5.660  3.286   1.00 20.04 ? 145 LYS B CB  1 
ATOM   1109 C CG  . LYS B 1 45 ? 16.328  -4.240  2.938   1.00 21.88 ? 145 LYS B CG  1 
ATOM   1110 C CD  . LYS B 1 45 ? 15.744  -4.161  1.542   1.00 23.54 ? 145 LYS B CD  1 
ATOM   1111 C CE  . LYS B 1 45 ? 15.648  -2.722  1.055   1.00 25.86 ? 145 LYS B CE  1 
ATOM   1112 N NZ  . LYS B 1 45 ? 14.840  -1.875  1.962   1.00 27.43 ? 145 LYS B NZ  1 
ATOM   1113 N N   . MET B 1 46 ? 16.112  -4.437  6.169   1.00 19.34 ? 146 MET B N   1 
ATOM   1114 C CA  . MET B 1 46 ? 15.118  -4.152  7.185   1.00 20.50 ? 146 MET B CA  1 
ATOM   1115 C C   . MET B 1 46 ? 14.096  -3.254  6.523   1.00 19.47 ? 146 MET B C   1 
ATOM   1116 O O   . MET B 1 46 ? 14.463  -2.246  5.925   1.00 19.27 ? 146 MET B O   1 
ATOM   1117 C CB  . MET B 1 46 ? 15.750  -3.392  8.352   1.00 24.15 ? 146 MET B CB  1 
ATOM   1118 C CG  . MET B 1 46 ? 16.748  -4.192  9.150   1.00 28.31 ? 146 MET B CG  1 
ATOM   1119 S SD  . MET B 1 46 ? 15.908  -5.386  10.175  1.00 34.72 ? 146 MET B SD  1 
ATOM   1120 C CE  . MET B 1 46 ? 15.590  -4.386  11.630  1.00 32.08 ? 146 MET B CE  1 
ATOM   1121 N N   . ILE B 1 47 ? 12.824  -3.624  6.604   1.00 18.51 ? 147 ILE B N   1 
ATOM   1122 C CA  . ILE B 1 47 ? 11.782  -2.791  6.023   1.00 18.36 ? 147 ILE B CA  1 
ATOM   1123 C C   . ILE B 1 47 ? 10.800  -2.406  7.115   1.00 17.72 ? 147 ILE B C   1 
ATOM   1124 O O   . ILE B 1 47 ? 10.458  -3.221  7.971   1.00 18.31 ? 147 ILE B O   1 
ATOM   1125 C CB  . ILE B 1 47 ? 11.042  -3.508  4.870   1.00 18.42 ? 147 ILE B CB  1 
ATOM   1126 C CG1 . ILE B 1 47 ? 10.466  -4.839  5.345   1.00 19.20 ? 147 ILE B CG1 1 
ATOM   1127 C CG2 . ILE B 1 47 ? 12.005  -3.729  3.712   1.00 19.22 ? 147 ILE B CG2 1 
ATOM   1128 C CD1 . ILE B 1 47 ? 9.599   -5.539  4.305   1.00 20.42 ? 147 ILE B CD1 1 
ATOM   1129 N N   . GLY B 1 48 ? 10.367  -1.152  7.092   1.00 17.76 ? 148 GLY B N   1 
ATOM   1130 C CA  . GLY B 1 48 ? 9.437   -0.681  8.101   1.00 17.30 ? 148 GLY B CA  1 
ATOM   1131 C C   . GLY B 1 48 ? 8.039   -0.466  7.564   1.00 17.18 ? 148 GLY B C   1 
ATOM   1132 O O   . GLY B 1 48 ? 7.859   0.104   6.493   1.00 16.02 ? 148 GLY B O   1 
ATOM   1133 N N   . GLY B 1 49 ? 7.051   -0.940  8.316   1.00 17.35 ? 149 GLY B N   1 
ATOM   1134 C CA  . GLY B 1 49 ? 5.662   -0.786  7.924   1.00 17.57 ? 149 GLY B CA  1 
ATOM   1135 C C   . GLY B 1 49 ? 4.913   -0.065  9.026   1.00 17.89 ? 149 GLY B C   1 
ATOM   1136 O O   . GLY B 1 49 ? 5.530   0.539   9.902   1.00 18.15 ? 149 GLY B O   1 
ATOM   1137 N N   . ILE B 1 50 ? 3.587   -0.138  9.012   1.00 18.50 ? 150 ILE B N   1 
ATOM   1138 C CA  . ILE B 1 50 ? 2.804   0.548   10.030  1.00 20.35 ? 150 ILE B CA  1 
ATOM   1139 C C   . ILE B 1 50 ? 3.028   0.042   11.449  1.00 20.86 ? 150 ILE B C   1 
ATOM   1140 O O   . ILE B 1 50 ? 2.924   0.814   12.402  1.00 22.71 ? 150 ILE B O   1 
ATOM   1141 C CB  . ILE B 1 50 ? 1.285   0.482   9.736   1.00 20.78 ? 150 ILE B CB  1 
ATOM   1142 C CG1 . ILE B 1 50 ? 0.818   -0.969  9.707   1.00 21.53 ? 150 ILE B CG1 1 
ATOM   1143 C CG2 . ILE B 1 50 ? 0.974   1.190   8.432   1.00 21.21 ? 150 ILE B CG2 1 
ATOM   1144 C CD1 . ILE B 1 50 ? -0.687  -1.120  9.569   1.00 24.11 ? 150 ILE B CD1 1 
ATOM   1145 N N   . GLY B 1 51 ? 3.343   -1.242  11.600  1.00 20.86 ? 151 GLY B N   1 
ATOM   1146 C CA  . GLY B 1 51 ? 3.536   -1.791  12.935  1.00 21.13 ? 151 GLY B CA  1 
ATOM   1147 C C   . GLY B 1 51 ? 4.967   -1.904  13.425  1.00 21.49 ? 151 GLY B C   1 
ATOM   1148 O O   . GLY B 1 51 ? 5.207   -2.310  14.562  1.00 21.98 ? 151 GLY B O   1 
ATOM   1149 N N   . GLY B 1 52 ? 5.920   -1.540  12.580  1.00 21.14 ? 152 GLY B N   1 
ATOM   1150 C CA  . GLY B 1 52 ? 7.312   -1.627  12.971  1.00 21.65 ? 152 GLY B CA  1 
ATOM   1151 C C   . GLY B 1 52 ? 8.154   -2.204  11.854  1.00 21.47 ? 152 GLY B C   1 
ATOM   1152 O O   . GLY B 1 52 ? 7.753   -2.174  10.695  1.00 20.65 ? 152 GLY B O   1 
ATOM   1153 N N   . PHE B 1 53 ? 9.315   -2.748  12.202  1.00 22.05 ? 153 PHE B N   1 
ATOM   1154 C CA  . PHE B 1 53 ? 10.215  -3.315  11.204  1.00 22.29 ? 153 PHE B CA  1 
ATOM   1155 C C   . PHE B 1 53 ? 10.309  -4.831  11.246  1.00 21.57 ? 153 PHE B C   1 
ATOM   1156 O O   . PHE B 1 53 ? 10.057  -5.463  12.273  1.00 21.50 ? 153 PHE B O   1 
ATOM   1157 C CB  . PHE B 1 53 ? 11.631  -2.747  11.377  1.00 24.33 ? 153 PHE B CB  1 
ATOM   1158 C CG  . PHE B 1 53 ? 11.755  -1.289  11.041  1.00 26.19 ? 153 PHE B CG  1 
ATOM   1159 C CD1 . PHE B 1 53 ? 11.191  -0.318  11.861  1.00 27.47 ? 153 PHE B CD1 1 
ATOM   1160 C CD2 . PHE B 1 53 ? 12.442  -0.885  9.901   1.00 27.35 ? 153 PHE B CD2 1 
ATOM   1161 C CE1 . PHE B 1 53 ? 11.311  1.035   11.553  1.00 28.26 ? 153 PHE B CE1 1 
ATOM   1162 C CE2 . PHE B 1 53 ? 12.567  0.466   9.583   1.00 28.39 ? 153 PHE B CE2 1 
ATOM   1163 C CZ  . PHE B 1 53 ? 12.001  1.428   10.411  1.00 28.37 ? 153 PHE B CZ  1 
ATOM   1164 N N   . ILE B 1 54 ? 10.664  -5.412  10.106  1.00 20.05 ? 154 ILE B N   1 
ATOM   1165 C CA  . ILE B 1 54 ? 10.863  -6.846  10.012  1.00 19.54 ? 154 ILE B CA  1 
ATOM   1166 C C   . ILE B 1 54 ? 12.110  -7.054  9.168   1.00 18.79 ? 154 ILE B C   1 
ATOM   1167 O O   . ILE B 1 54 ? 12.427  -6.239  8.300   1.00 17.70 ? 154 ILE B O   1 
ATOM   1168 C CB  . ILE B 1 54 ? 9.670   -7.587  9.348   1.00 19.60 ? 154 ILE B CB  1 
ATOM   1169 C CG1 . ILE B 1 54 ? 9.430   -7.058  7.935   1.00 19.79 ? 154 ILE B CG1 1 
ATOM   1170 C CG2 . ILE B 1 54 ? 8.419   -7.434  10.212  1.00 20.72 ? 154 ILE B CG2 1 
ATOM   1171 C CD1 . ILE B 1 54 ? 8.390   -7.849  7.166   1.00 19.18 ? 154 ILE B CD1 1 
ATOM   1172 N N   . LYS B 1 55 ? 12.835  -8.128  9.446   1.00 18.41 ? 155 LYS B N   1 
ATOM   1173 C CA  . LYS B 1 55 ? 14.031  -8.428  8.681   1.00 18.78 ? 155 LYS B CA  1 
ATOM   1174 C C   . LYS B 1 55 ? 13.635  -9.352  7.544   1.00 17.50 ? 155 LYS B C   1 
ATOM   1175 O O   . LYS B 1 55 ? 12.860  -10.293 7.731   1.00 17.72 ? 155 LYS B O   1 
ATOM   1176 C CB  . LYS B 1 55 ? 15.086  -9.082  9.577   1.00 20.71 ? 155 LYS B CB  1 
ATOM   1177 C CG  . LYS B 1 55 ? 14.539  -10.137 10.515  1.00 25.23 ? 155 LYS B CG  1 
ATOM   1178 C CD  . LYS B 1 55 ? 15.600  -10.574 11.519  1.00 27.63 ? 155 LYS B CD  1 
ATOM   1179 C CE  . LYS B 1 55 ? 15.007  -11.469 12.601  1.00 29.14 ? 155 LYS B CE  1 
ATOM   1180 N NZ  . LYS B 1 55 ? 16.022  -11.824 13.635  1.00 30.61 ? 155 LYS B NZ  1 
ATOM   1181 N N   . VAL B 1 56 ? 14.147  -9.067  6.356   1.00 15.88 ? 156 VAL B N   1 
ATOM   1182 C CA  . VAL B 1 56 ? 13.839  -9.875  5.190   1.00 15.22 ? 156 VAL B CA  1 
ATOM   1183 C C   . VAL B 1 56 ? 15.113  -10.226 4.440   1.00 14.90 ? 156 VAL B C   1 
ATOM   1184 O O   . VAL B 1 56 ? 16.177  -9.650  4.695   1.00 15.05 ? 156 VAL B O   1 
ATOM   1185 C CB  . VAL B 1 56 ? 12.887  -9.128  4.225   1.00 14.85 ? 156 VAL B CB  1 
ATOM   1186 C CG1 . VAL B 1 56 ? 11.554  -8.865  4.909   1.00 15.68 ? 156 VAL B CG1 1 
ATOM   1187 C CG2 . VAL B 1 56 ? 13.521  -7.815  3.778   1.00 15.40 ? 156 VAL B CG2 1 
ATOM   1188 N N   . ARG B 1 57 ? 14.993  -11.176 3.519   1.00 14.13 ? 157 ARG B N   1 
ATOM   1189 C CA  . ARG B 1 57 ? 16.117  -11.609 2.705   1.00 13.81 ? 157 ARG B CA  1 
ATOM   1190 C C   . ARG B 1 57 ? 15.949  -10.969 1.332   1.00 14.16 ? 157 ARG B C   1 
ATOM   1191 O O   . ARG B 1 57 ? 14.884  -11.053 0.734   1.00 13.31 ? 157 ARG B O   1 
ATOM   1192 C CB  . ARG B 1 57 ? 16.125  -13.136 2.582   1.00 15.22 ? 157 ARG B CB  1 
ATOM   1193 C CG  . ARG B 1 57 ? 16.061  -13.853 3.927   1.00 16.82 ? 157 ARG B CG  1 
ATOM   1194 C CD  . ARG B 1 57 ? 16.602  -15.277 3.847   1.00 18.41 ? 157 ARG B CD  1 
ATOM   1195 N NE  . ARG B 1 57 ? 15.907  -16.108 2.868   1.00 20.04 ? 157 ARG B NE  1 
ATOM   1196 C CZ  . ARG B 1 57 ? 14.681  -16.599 3.029   1.00 20.90 ? 157 ARG B CZ  1 
ATOM   1197 N NH1 . ARG B 1 57 ? 13.997  -16.346 4.136   1.00 22.64 ? 157 ARG B NH1 1 
ATOM   1198 N NH2 . ARG B 1 57 ? 14.140  -17.344 2.079   1.00 21.57 ? 157 ARG B NH2 1 
ATOM   1199 N N   . GLN B 1 58 ? 16.997  -10.322 0.836   1.00 13.38 ? 158 GLN B N   1 
ATOM   1200 C CA  . GLN B 1 58 ? 16.914  -9.672  -0.466  1.00 14.26 ? 158 GLN B CA  1 
ATOM   1201 C C   . GLN B 1 58 ? 17.561  -10.491 -1.568  1.00 14.39 ? 158 GLN B C   1 
ATOM   1202 O O   . GLN B 1 58 ? 18.741  -10.838 -1.479  1.00 15.10 ? 158 GLN B O   1 
ATOM   1203 C CB  . GLN B 1 58 ? 17.583  -8.293  -0.411  1.00 14.65 ? 158 GLN B CB  1 
ATOM   1204 C CG  . GLN B 1 58 ? 17.549  -7.536  -1.738  1.00 17.08 ? 158 GLN B CG  1 
ATOM   1205 C CD  . GLN B 1 58 ? 18.273  -6.203  -1.663  1.00 18.05 ? 158 GLN B CD  1 
ATOM   1206 O OE1 . GLN B 1 58 ? 18.057  -5.426  -0.740  1.00 19.99 ? 158 GLN B OE1 1 
ATOM   1207 N NE2 . GLN B 1 58 ? 19.131  -5.934  -2.640  1.00 19.91 ? 158 GLN B NE2 1 
ATOM   1208 N N   . TYR B 1 59 ? 16.781  -10.809 -2.600  1.00 14.17 ? 159 TYR B N   1 
ATOM   1209 C CA  . TYR B 1 59 ? 17.290  -11.545 -3.749  1.00 14.84 ? 159 TYR B CA  1 
ATOM   1210 C C   . TYR B 1 59 ? 17.209  -10.615 -4.949  1.00 15.80 ? 159 TYR B C   1 
ATOM   1211 O O   . TYR B 1 59 ? 16.189  -9.954  -5.159  1.00 15.81 ? 159 TYR B O   1 
ATOM   1212 C CB  . TYR B 1 59 ? 16.456  -12.799 -4.029  1.00 14.09 ? 159 TYR B CB  1 
ATOM   1213 C CG  . TYR B 1 59 ? 16.526  -13.844 -2.943  1.00 14.43 ? 159 TYR B CG  1 
ATOM   1214 C CD1 . TYR B 1 59 ? 15.720  -13.752 -1.809  1.00 14.15 ? 159 TYR B CD1 1 
ATOM   1215 C CD2 . TYR B 1 59 ? 17.405  -14.927 -3.046  1.00 14.32 ? 159 TYR B CD2 1 
ATOM   1216 C CE1 . TYR B 1 59 ? 15.781  -14.712 -0.802  1.00 15.52 ? 159 TYR B CE1 1 
ATOM   1217 C CE2 . TYR B 1 59 ? 17.475  -15.893 -2.042  1.00 15.19 ? 159 TYR B CE2 1 
ATOM   1218 C CZ  . TYR B 1 59 ? 16.658  -15.778 -0.925  1.00 15.69 ? 159 TYR B CZ  1 
ATOM   1219 O OH  . TYR B 1 59 ? 16.719  -16.723 0.072   1.00 17.67 ? 159 TYR B OH  1 
ATOM   1220 N N   . ASP B 1 60 ? 18.271  -10.558 -5.742  1.00 16.85 ? 160 ASP B N   1 
ATOM   1221 C CA  . ASP B 1 60 ? 18.259  -9.685  -6.909  1.00 17.73 ? 160 ASP B CA  1 
ATOM   1222 C C   . ASP B 1 60 ? 18.085  -10.415 -8.233  1.00 17.91 ? 160 ASP B C   1 
ATOM   1223 O O   . ASP B 1 60 ? 18.377  -11.610 -8.351  1.00 16.62 ? 160 ASP B O   1 
ATOM   1224 C CB  . ASP B 1 60 ? 19.539  -8.855  -6.972  1.00 20.04 ? 160 ASP B CB  1 
ATOM   1225 C CG  . ASP B 1 60 ? 19.678  -7.910  -5.800  1.00 22.47 ? 160 ASP B CG  1 
ATOM   1226 O OD1 . ASP B 1 60 ? 18.682  -7.245  -5.447  1.00 24.73 ? 160 ASP B OD1 1 
ATOM   1227 O OD2 . ASP B 1 60 ? 20.788  -7.821  -5.240  1.00 24.69 ? 160 ASP B OD2 1 
ATOM   1228 N N   . GLN B 1 61 ? 17.602  -9.669  -9.220  1.00 17.76 ? 161 GLN B N   1 
ATOM   1229 C CA  . GLN B 1 61 ? 17.386  -10.169 -10.570 1.00 18.61 ? 161 GLN B CA  1 
ATOM   1230 C C   . GLN B 1 61 ? 16.553  -11.437 -10.611 1.00 18.22 ? 161 GLN B C   1 
ATOM   1231 O O   . GLN B 1 61 ? 16.925  -12.427 -11.246 1.00 17.74 ? 161 GLN B O   1 
ATOM   1232 C CB  . GLN B 1 61 ? 18.732  -10.403 -11.258 1.00 20.91 ? 161 GLN B CB  1 
ATOM   1233 C CG  . GLN B 1 61 ? 18.881  -9.650  -12.565 1.00 24.05 ? 161 GLN B CG  1 
ATOM   1234 C CD  . GLN B 1 61 ? 20.295  -9.709  -13.104 1.00 25.16 ? 161 GLN B CD  1 
ATOM   1235 O OE1 . GLN B 1 61 ? 21.250  -9.365  -12.403 1.00 26.81 ? 161 GLN B OE1 1 
ATOM   1236 N NE2 . GLN B 1 61 ? 20.439  -10.142 -14.350 1.00 26.04 ? 161 GLN B NE2 1 
ATOM   1237 N N   . ILE B 1 62 ? 15.411  -11.389 -9.937  1.00 17.36 ? 162 ILE B N   1 
ATOM   1238 C CA  . ILE B 1 62 ? 14.495  -12.515 -9.879  1.00 17.02 ? 162 ILE B CA  1 
ATOM   1239 C C   . ILE B 1 62 ? 13.408  -12.340 -10.930 1.00 17.30 ? 162 ILE B C   1 
ATOM   1240 O O   . ILE B 1 62 ? 12.838  -11.258 -11.067 1.00 16.33 ? 162 ILE B O   1 
ATOM   1241 C CB  . ILE B 1 62 ? 13.826  -12.610 -8.492  1.00 17.01 ? 162 ILE B CB  1 
ATOM   1242 C CG1 . ILE B 1 62 ? 14.886  -12.881 -7.418  1.00 16.75 ? 162 ILE B CG1 1 
ATOM   1243 C CG2 . ILE B 1 62 ? 12.746  -13.682 -8.504  1.00 17.03 ? 162 ILE B CG2 1 
ATOM   1244 C CD1 . ILE B 1 62 ? 15.715  -14.129 -7.659  1.00 17.32 ? 162 ILE B CD1 1 
ATOM   1245 N N   . LEU B 1 63 ? 13.126  -13.406 -11.670 1.00 18.24 ? 163 LEU B N   1 
ATOM   1246 C CA  . LEU B 1 63 ? 12.093  -13.365 -12.697 1.00 20.05 ? 163 LEU B CA  1 
ATOM   1247 C C   . LEU B 1 63 ? 10.740  -13.575 -12.029 1.00 20.15 ? 163 LEU B C   1 
ATOM   1248 O O   . LEU B 1 63 ? 10.546  -14.525 -11.274 1.00 20.25 ? 163 LEU B O   1 
ATOM   1249 C CB  . LEU B 1 63 ? 12.327  -14.466 -13.736 1.00 21.90 ? 163 LEU B CB  1 
ATOM   1250 C CG  . LEU B 1 63 ? 12.011  -14.146 -15.202 1.00 24.76 ? 163 LEU B CG  1 
ATOM   1251 C CD1 . LEU B 1 63 ? 12.259  -15.392 -16.043 1.00 25.64 ? 163 LEU B CD1 1 
ATOM   1252 C CD2 . LEU B 1 63 ? 10.576  -13.679 -15.362 1.00 25.42 ? 163 LEU B CD2 1 
ATOM   1253 N N   . ILE B 1 64 ? 9.806   -12.677 -12.300 1.00 20.26 ? 164 ILE B N   1 
ATOM   1254 C CA  . ILE B 1 64 ? 8.480   -12.783 -11.725 1.00 20.87 ? 164 ILE B CA  1 
ATOM   1255 C C   . ILE B 1 64 ? 7.468   -12.284 -12.740 1.00 20.43 ? 164 ILE B C   1 
ATOM   1256 O O   . ILE B 1 64 ? 7.645   -11.225 -13.339 1.00 20.51 ? 164 ILE B O   1 
ATOM   1257 C CB  . ILE B 1 64 ? 8.378   -11.965 -10.409 1.00 21.45 ? 164 ILE B CB  1 
ATOM   1258 C CG1 . ILE B 1 64 ? 6.937   -11.974 -9.896  1.00 22.06 ? 164 ILE B CG1 1 
ATOM   1259 C CG2 . ILE B 1 64 ? 8.881   -10.549 -10.631 1.00 22.15 ? 164 ILE B CG2 1 
ATOM   1260 C CD1 . ILE B 1 64 ? 6.779   -11.302 -8.543  1.00 23.45 ? 164 ILE B CD1 1 
ATOM   1261 N N   . GLU B 1 65 ? 6.422   -13.070 -12.952 1.00 20.92 ? 165 GLU B N   1 
ATOM   1262 C CA  . GLU B 1 65 ? 5.382   -12.701 -13.898 1.00 21.67 ? 165 GLU B CA  1 
ATOM   1263 C C   . GLU B 1 65 ? 4.191   -12.170 -13.112 1.00 21.60 ? 165 GLU B C   1 
ATOM   1264 O O   . GLU B 1 65 ? 3.666   -12.844 -12.231 1.00 21.75 ? 165 GLU B O   1 
ATOM   1265 C CB  . GLU B 1 65 ? 4.989   -13.920 -14.738 1.00 23.61 ? 165 GLU B CB  1 
ATOM   1266 C CG  . GLU B 1 65 ? 3.960   -13.638 -15.816 1.00 27.03 ? 165 GLU B CG  1 
ATOM   1267 C CD  . GLU B 1 65 ? 3.896   -14.738 -16.865 1.00 29.04 ? 165 GLU B CD  1 
ATOM   1268 O OE1 . GLU B 1 65 ? 2.965   -14.708 -17.699 1.00 31.55 ? 165 GLU B OE1 1 
ATOM   1269 O OE2 . GLU B 1 65 ? 4.778   -15.625 -16.863 1.00 29.76 ? 165 GLU B OE2 1 
ATOM   1270 N N   . ILE B 1 66 ? 3.777   -10.951 -13.427 1.00 22.14 ? 166 ILE B N   1 
ATOM   1271 C CA  . ILE B 1 66 ? 2.662   -10.325 -12.730 1.00 23.30 ? 166 ILE B CA  1 
ATOM   1272 C C   . ILE B 1 66 ? 1.495   -10.113 -13.677 1.00 24.79 ? 166 ILE B C   1 
ATOM   1273 O O   . ILE B 1 66 ? 1.588   -9.340  -14.627 1.00 24.37 ? 166 ILE B O   1 
ATOM   1274 C CB  . ILE B 1 66 ? 3.081   -8.965  -12.147 1.00 22.60 ? 166 ILE B CB  1 
ATOM   1275 C CG1 . ILE B 1 66 ? 4.308   -9.148  -11.252 1.00 22.72 ? 166 ILE B CG1 1 
ATOM   1276 C CG2 . ILE B 1 66 ? 1.924   -8.356  -11.358 1.00 22.94 ? 166 ILE B CG2 1 
ATOM   1277 C CD1 . ILE B 1 66 ? 4.989   -7.852  -10.876 1.00 24.00 ? 166 ILE B CD1 1 
ATOM   1278 N N   . CYS B 1 67 ? 0.399   -10.812 -13.410 1.00 26.77 ? 167 CYS B N   1 
ATOM   1279 C CA  . CYS B 1 67 ? -0.795  -10.706 -14.229 1.00 29.27 ? 167 CYS B CA  1 
ATOM   1280 C C   . CYS B 1 67 ? -0.420  -10.817 -15.707 1.00 29.06 ? 167 CYS B C   1 
ATOM   1281 O O   . CYS B 1 67 ? -0.960  -10.106 -16.552 1.00 29.67 ? 167 CYS B O   1 
ATOM   1282 C CB  . CYS B 1 67 ? -1.495  -9.371  -13.946 1.00 30.78 ? 167 CYS B CB  1 
ATOM   1283 S SG  . CYS B 1 67 ? -3.263  -9.370  -14.291 1.00 37.67 ? 167 CYS B SG  1 
ATOM   1284 N N   . GLY B 1 68 ? 0.521   -11.707 -16.008 1.00 28.89 ? 168 GLY B N   1 
ATOM   1285 C CA  . GLY B 1 68 ? 0.937   -11.903 -17.387 1.00 28.50 ? 168 GLY B CA  1 
ATOM   1286 C C   . GLY B 1 68 ? 2.167   -11.138 -17.844 1.00 28.01 ? 168 GLY B C   1 
ATOM   1287 O O   . GLY B 1 68 ? 2.809   -11.530 -18.820 1.00 28.45 ? 168 GLY B O   1 
ATOM   1288 N N   . HIS B 1 69 ? 2.496   -10.047 -17.159 1.00 26.79 ? 169 HIS B N   1 
ATOM   1289 C CA  . HIS B 1 69 ? 3.662   -9.240  -17.521 1.00 26.29 ? 169 HIS B CA  1 
ATOM   1290 C C   . HIS B 1 69 ? 4.925   -9.753  -16.841 1.00 25.15 ? 169 HIS B C   1 
ATOM   1291 O O   . HIS B 1 69 ? 4.958   -9.914  -15.623 1.00 24.16 ? 169 HIS B O   1 
ATOM   1292 C CB  . HIS B 1 69 ? 3.446   -7.777  -17.118 1.00 26.84 ? 169 HIS B CB  1 
ATOM   1293 C CG  . HIS B 1 69 ? 2.314   -7.112  -17.836 1.00 28.44 ? 169 HIS B CG  1 
ATOM   1294 N ND1 . HIS B 1 69 ? 1.015   -7.566  -17.761 1.00 29.47 ? 169 HIS B ND1 1 
ATOM   1295 C CD2 . HIS B 1 69 ? 2.289   -6.031  -18.649 1.00 28.94 ? 169 HIS B CD2 1 
ATOM   1296 C CE1 . HIS B 1 69 ? 0.239   -6.794  -18.499 1.00 29.23 ? 169 HIS B CE1 1 
ATOM   1297 N NE2 . HIS B 1 69 ? 0.987   -5.855  -19.049 1.00 29.69 ? 169 HIS B NE2 1 
ATOM   1298 N N   . LYS B 1 70 ? 5.967   -10.002 -17.626 1.00 24.29 ? 170 LYS B N   1 
ATOM   1299 C CA  . LYS B 1 70 ? 7.221   -10.478 -17.062 1.00 23.86 ? 170 LYS B CA  1 
ATOM   1300 C C   . LYS B 1 70 ? 8.040   -9.318  -16.520 1.00 22.31 ? 170 LYS B C   1 
ATOM   1301 O O   . LYS B 1 70 ? 8.182   -8.274  -17.164 1.00 22.15 ? 170 LYS B O   1 
ATOM   1302 C CB  . LYS B 1 70 ? 8.042   -11.235 -18.109 1.00 25.62 ? 170 LYS B CB  1 
ATOM   1303 C CG  . LYS B 1 70 ? 7.421   -12.542 -18.561 1.00 28.51 ? 170 LYS B CG  1 
ATOM   1304 C CD  . LYS B 1 70 ? 8.322   -13.266 -19.550 1.00 30.28 ? 170 LYS B CD  1 
ATOM   1305 C CE  . LYS B 1 70 ? 7.643   -14.508 -20.107 1.00 31.77 ? 170 LYS B CE  1 
ATOM   1306 N NZ  . LYS B 1 70 ? 7.304   -15.487 -19.036 1.00 33.56 ? 170 LYS B NZ  1 
ATOM   1307 N N   . ALA B 1 71 ? 8.567   -9.508  -15.319 1.00 19.80 ? 171 ALA B N   1 
ATOM   1308 C CA  . ALA B 1 71 ? 9.387   -8.505  -14.673 1.00 17.97 ? 171 ALA B CA  1 
ATOM   1309 C C   . ALA B 1 71 ? 10.605  -9.220  -14.117 1.00 17.17 ? 171 ALA B C   1 
ATOM   1310 O O   . ALA B 1 71 ? 10.554  -10.414 -13.821 1.00 17.56 ? 171 ALA B O   1 
ATOM   1311 C CB  . ALA B 1 71 ? 8.614   -7.836  -13.546 1.00 17.84 ? 171 ALA B CB  1 
ATOM   1312 N N   . ILE B 1 72 ? 11.709  -8.497  -14.004 1.00 15.37 ? 172 ILE B N   1 
ATOM   1313 C CA  . ILE B 1 72 ? 12.927  -9.069  -13.454 1.00 14.72 ? 172 ILE B CA  1 
ATOM   1314 C C   . ILE B 1 72 ? 13.490  -8.033  -12.507 1.00 14.24 ? 172 ILE B C   1 
ATOM   1315 O O   . ILE B 1 72 ? 13.928  -6.968  -12.932 1.00 14.19 ? 172 ILE B O   1 
ATOM   1316 C CB  . ILE B 1 72 ? 13.977  -9.369  -14.539 1.00 13.81 ? 172 ILE B CB  1 
ATOM   1317 C CG1 . ILE B 1 72 ? 13.422  -10.388 -15.538 1.00 14.06 ? 172 ILE B CG1 1 
ATOM   1318 C CG2 . ILE B 1 72 ? 15.246  -9.900  -13.883 1.00 14.30 ? 172 ILE B CG2 1 
ATOM   1319 C CD1 . ILE B 1 72 ? 14.419  -10.786 -16.629 1.00 13.94 ? 172 ILE B CD1 1 
ATOM   1320 N N   . GLY B 1 73 ? 13.467  -8.335  -11.216 1.00 13.86 ? 173 GLY B N   1 
ATOM   1321 C CA  . GLY B 1 73 ? 13.977  -7.377  -10.262 1.00 13.89 ? 173 GLY B CA  1 
ATOM   1322 C C   . GLY B 1 73 ? 14.223  -7.932  -8.883  1.00 14.19 ? 173 GLY B C   1 
ATOM   1323 O O   . GLY B 1 73 ? 14.297  -9.148  -8.677  1.00 14.32 ? 173 GLY B O   1 
ATOM   1324 N N   . THR B 1 74 ? 14.349  -7.017  -7.933  1.00 13.67 ? 174 THR B N   1 
ATOM   1325 C CA  . THR B 1 74 ? 14.609  -7.372  -6.551  1.00 13.72 ? 174 THR B CA  1 
ATOM   1326 C C   . THR B 1 74 ? 13.350  -7.822  -5.842  1.00 12.98 ? 174 THR B C   1 
ATOM   1327 O O   . THR B 1 74 ? 12.315  -7.169  -5.918  1.00 12.99 ? 174 THR B O   1 
ATOM   1328 C CB  . THR B 1 74 ? 15.210  -6.180  -5.798  1.00 14.17 ? 174 THR B CB  1 
ATOM   1329 O OG1 . THR B 1 74 ? 16.457  -5.824  -6.409  1.00 16.48 ? 174 THR B OG1 1 
ATOM   1330 C CG2 . THR B 1 74 ? 15.444  -6.530  -4.333  1.00 14.76 ? 174 THR B CG2 1 
ATOM   1331 N N   . VAL B 1 75 ? 13.448  -8.952  -5.157  1.00 12.62 ? 175 VAL B N   1 
ATOM   1332 C CA  . VAL B 1 75 ? 12.323  -9.490  -4.417  1.00 13.04 ? 175 VAL B CA  1 
ATOM   1333 C C   . VAL B 1 75 ? 12.784  -9.763  -2.998  1.00 12.71 ? 175 VAL B C   1 
ATOM   1334 O O   . VAL B 1 75 ? 13.847  -10.349 -2.781  1.00 13.57 ? 175 VAL B O   1 
ATOM   1335 C CB  . VAL B 1 75 ? 11.823  -10.813 -5.032  1.00 13.79 ? 175 VAL B CB  1 
ATOM   1336 C CG1 . VAL B 1 75 ? 10.700  -11.391 -4.184  1.00 15.44 ? 175 VAL B CG1 1 
ATOM   1337 C CG2 . VAL B 1 75 ? 11.338  -10.574 -6.450  1.00 14.03 ? 175 VAL B CG2 1 
ATOM   1338 N N   . LEU B 1 76 ? 11.990  -9.318  -2.033  1.00 12.50 ? 176 LEU B N   1 
ATOM   1339 C CA  . LEU B 1 76 ? 12.304  -9.535  -0.630  1.00 11.91 ? 176 LEU B CA  1 
ATOM   1340 C C   . LEU B 1 76 ? 11.464  -10.699 -0.125  1.00 12.40 ? 176 LEU B C   1 
ATOM   1341 O O   . LEU B 1 76 ? 10.329  -10.887 -0.554  1.00 11.35 ? 176 LEU B O   1 
ATOM   1342 C CB  . LEU B 1 76 ? 11.986  -8.276  0.179   1.00 11.37 ? 176 LEU B CB  1 
ATOM   1343 C CG  . LEU B 1 76 ? 12.641  -7.007  -0.362  1.00 12.14 ? 176 LEU B CG  1 
ATOM   1344 C CD1 . LEU B 1 76 ? 12.227  -5.806  0.487   1.00 12.36 ? 176 LEU B CD1 1 
ATOM   1345 C CD2 . LEU B 1 76 ? 14.159  -7.187  -0.372  1.00 11.93 ? 176 LEU B CD2 1 
ATOM   1346 N N   . VAL B 1 77 ? 12.035  -11.493 0.776   1.00 12.52 ? 177 VAL B N   1 
ATOM   1347 C CA  . VAL B 1 77 ? 11.317  -12.627 1.333   1.00 13.34 ? 177 VAL B CA  1 
ATOM   1348 C C   . VAL B 1 77 ? 11.388  -12.536 2.845   1.00 13.67 ? 177 VAL B C   1 
ATOM   1349 O O   . VAL B 1 77 ? 12.466  -12.395 3.419   1.00 13.07 ? 177 VAL B O   1 
ATOM   1350 C CB  . VAL B 1 77 ? 11.935  -13.969 0.894   1.00 13.77 ? 177 VAL B CB  1 
ATOM   1351 C CG1 . VAL B 1 77 ? 11.163  -15.121 1.525   1.00 14.91 ? 177 VAL B CG1 1 
ATOM   1352 C CG2 . VAL B 1 77 ? 11.906  -14.083 -0.630  1.00 14.67 ? 177 VAL B CG2 1 
ATOM   1353 N N   . GLY B 1 78 ? 10.236  -12.618 3.491   1.00 14.27 ? 178 GLY B N   1 
ATOM   1354 C CA  . GLY B 1 78 ? 10.227  -12.530 4.934   1.00 15.19 ? 178 GLY B CA  1 
ATOM   1355 C C   . GLY B 1 78 ? 8.849   -12.734 5.513   1.00 15.75 ? 178 GLY B C   1 
ATOM   1356 O O   . GLY B 1 78 ? 7.906   -13.074 4.794   1.00 15.45 ? 178 GLY B O   1 
ATOM   1357 N N   . PRO B 1 79 ? 8.700   -12.507 6.824   1.00 16.12 ? 179 PRO B N   1 
ATOM   1358 C CA  . PRO B 1 79 ? 7.432   -12.666 7.534   1.00 16.37 ? 179 PRO B CA  1 
ATOM   1359 C C   . PRO B 1 79 ? 6.381   -11.603 7.242   1.00 16.05 ? 179 PRO B C   1 
ATOM   1360 O O   . PRO B 1 79 ? 5.858   -10.965 8.153   1.00 16.83 ? 179 PRO B O   1 
ATOM   1361 C CB  . PRO B 1 79 ? 7.869   -12.675 8.995   1.00 16.12 ? 179 PRO B CB  1 
ATOM   1362 C CG  . PRO B 1 79 ? 9.019   -11.725 8.994   1.00 16.77 ? 179 PRO B CG  1 
ATOM   1363 C CD  . PRO B 1 79 ? 9.784   -12.137 7.755   1.00 16.59 ? 179 PRO B CD  1 
ATOM   1364 N N   . THR B 1 80 ? 6.079   -11.403 5.965   1.00 15.71 ? 180 THR B N   1 
ATOM   1365 C CA  . THR B 1 80 ? 5.066   -10.432 5.584   1.00 14.79 ? 180 THR B CA  1 
ATOM   1366 C C   . THR B 1 80 ? 3.705   -11.111 5.714   1.00 14.77 ? 180 THR B C   1 
ATOM   1367 O O   . THR B 1 80 ? 3.582   -12.309 5.472   1.00 15.10 ? 180 THR B O   1 
ATOM   1368 C CB  . THR B 1 80 ? 5.263   -9.953  4.129   1.00 14.20 ? 180 THR B CB  1 
ATOM   1369 O OG1 . THR B 1 80 ? 4.179   -9.092  3.763   1.00 13.74 ? 180 THR B OG1 1 
ATOM   1370 C CG2 . THR B 1 80 ? 5.316   -11.137 3.172   1.00 13.91 ? 180 THR B CG2 1 
ATOM   1371 N N   . PRO B 1 81 ? 2.669   -10.361 6.113   1.00 14.76 ? 181 PRO B N   1 
ATOM   1372 C CA  . PRO B 1 81 ? 1.328   -10.941 6.265   1.00 15.13 ? 181 PRO B CA  1 
ATOM   1373 C C   . PRO B 1 81 ? 0.712   -11.397 4.949   1.00 15.81 ? 181 PRO B C   1 
ATOM   1374 O O   . PRO B 1 81 ? -0.150  -12.279 4.936   1.00 16.16 ? 181 PRO B O   1 
ATOM   1375 C CB  . PRO B 1 81 ? 0.525   -9.808  6.903   1.00 15.12 ? 181 PRO B CB  1 
ATOM   1376 C CG  . PRO B 1 81 ? 1.554   -9.011  7.625   1.00 15.76 ? 181 PRO B CG  1 
ATOM   1377 C CD  . PRO B 1 81 ? 2.701   -8.988  6.641   1.00 15.23 ? 181 PRO B CD  1 
ATOM   1378 N N   . VAL B 1 82 ? 1.152   -10.789 3.847   1.00 15.32 ? 182 VAL B N   1 
ATOM   1379 C CA  . VAL B 1 82 ? 0.646   -11.119 2.514   1.00 14.99 ? 182 VAL B CA  1 
ATOM   1380 C C   . VAL B 1 82 ? 1.714   -10.815 1.471   1.00 14.19 ? 182 VAL B C   1 
ATOM   1381 O O   . VAL B 1 82 ? 2.645   -10.056 1.738   1.00 13.71 ? 182 VAL B O   1 
ATOM   1382 C CB  . VAL B 1 82 ? -0.613  -10.287 2.150   1.00 16.22 ? 182 VAL B CB  1 
ATOM   1383 C CG1 . VAL B 1 82 ? -1.771  -10.642 3.067   1.00 18.39 ? 182 VAL B CG1 1 
ATOM   1384 C CG2 . VAL B 1 82 ? -0.298  -8.803  2.250   1.00 17.06 ? 182 VAL B CG2 1 
ATOM   1385 N N   . ASN B 1 83 ? 1.588   -11.413 0.290   1.00 13.45 ? 183 ASN B N   1 
ATOM   1386 C CA  . ASN B 1 83 ? 2.541   -11.159 -0.783  1.00 12.44 ? 183 ASN B CA  1 
ATOM   1387 C C   . ASN B 1 83 ? 2.259   -9.761  -1.302  1.00 12.43 ? 183 ASN B C   1 
ATOM   1388 O O   . ASN B 1 83 ? 1.117   -9.428  -1.612  1.00 12.35 ? 183 ASN B O   1 
ATOM   1389 C CB  . ASN B 1 83 ? 2.383   -12.181 -1.910  1.00 12.61 ? 183 ASN B CB  1 
ATOM   1390 C CG  . ASN B 1 83 ? 2.775   -13.580 -1.476  1.00 12.90 ? 183 ASN B CG  1 
ATOM   1391 O OD1 . ASN B 1 83 ? 3.780   -13.760 -0.798  1.00 13.68 ? 183 ASN B OD1 1 
ATOM   1392 N ND2 . ASN B 1 83 ? 1.990   -14.576 -1.876  1.00 12.99 ? 183 ASN B ND2 1 
ATOM   1393 N N   . ILE B 1 84 ? 3.307   -8.950  -1.389  1.00 11.95 ? 184 ILE B N   1 
ATOM   1394 C CA  . ILE B 1 84 ? 3.177   -7.568  -1.822  1.00 12.40 ? 184 ILE B CA  1 
ATOM   1395 C C   . ILE B 1 84 ? 4.021   -7.214  -3.040  1.00 12.23 ? 184 ILE B C   1 
ATOM   1396 O O   . ILE B 1 84 ? 5.235   -7.399  -3.035  1.00 12.53 ? 184 ILE B O   1 
ATOM   1397 C CB  . ILE B 1 84 ? 3.593   -6.613  -0.677  1.00 12.74 ? 184 ILE B CB  1 
ATOM   1398 C CG1 . ILE B 1 84 ? 2.643   -6.778  0.510   1.00 13.77 ? 184 ILE B CG1 1 
ATOM   1399 C CG2 . ILE B 1 84 ? 3.612   -5.168  -1.171  1.00 13.50 ? 184 ILE B CG2 1 
ATOM   1400 C CD1 . ILE B 1 84 ? 3.102   -6.035  1.757   1.00 15.37 ? 184 ILE B CD1 1 
ATOM   1401 N N   . ILE B 1 85 ? 3.373   -6.696  -4.078  1.00 11.70 ? 185 ILE B N   1 
ATOM   1402 C CA  . ILE B 1 85 ? 4.092   -6.263  -5.265  1.00 11.31 ? 185 ILE B CA  1 
ATOM   1403 C C   . ILE B 1 85 ? 4.232   -4.757  -5.073  1.00 11.73 ? 185 ILE B C   1 
ATOM   1404 O O   . ILE B 1 85 ? 3.239   -4.022  -5.112  1.00 11.15 ? 185 ILE B O   1 
ATOM   1405 C CB  . ILE B 1 85 ? 3.300   -6.538  -6.553  1.00 11.69 ? 185 ILE B CB  1 
ATOM   1406 C CG1 . ILE B 1 85 ? 2.982   -8.036  -6.661  1.00 12.18 ? 185 ILE B CG1 1 
ATOM   1407 C CG2 . ILE B 1 85 ? 4.093   -6.047  -7.756  1.00 11.65 ? 185 ILE B CG2 1 
ATOM   1408 C CD1 . ILE B 1 85 ? 4.200   -8.946  -6.619  1.00 12.64 ? 185 ILE B CD1 1 
ATOM   1409 N N   . GLY B 1 86 ? 5.464   -4.310  -4.845  1.00 10.95 ? 186 GLY B N   1 
ATOM   1410 C CA  . GLY B 1 86 ? 5.719   -2.900  -4.609  1.00 11.66 ? 186 GLY B CA  1 
ATOM   1411 C C   . GLY B 1 86 ? 6.065   -2.067  -5.827  1.00 10.39 ? 186 GLY B C   1 
ATOM   1412 O O   . GLY B 1 86 ? 6.086   -2.562  -6.948  1.00 10.61 ? 186 GLY B O   1 
ATOM   1413 N N   . ARG B 1 87 ? 6.353   -0.791  -5.596  1.00 10.66 ? 187 ARG B N   1 
ATOM   1414 C CA  . ARG B 1 87 ? 6.655   0.129   -6.686  1.00 11.02 ? 187 ARG B CA  1 
ATOM   1415 C C   . ARG B 1 87 ? 7.812   -0.290  -7.582  1.00 10.75 ? 187 ARG B C   1 
ATOM   1416 O O   . ARG B 1 87 ? 7.791   -0.003  -8.778  1.00 10.90 ? 187 ARG B O   1 
ATOM   1417 C CB  . ARG B 1 87 ? 6.901   1.545   -6.139  1.00 11.08 ? 187 ARG B CB  1 
ATOM   1418 C CG  . ARG B 1 87 ? 5.638   2.201   -5.582  1.00 12.03 ? 187 ARG B CG  1 
ATOM   1419 C CD  . ARG B 1 87 ? 5.814   3.690   -5.256  1.00 13.04 ? 187 ARG B CD  1 
ATOM   1420 N NE  . ARG B 1 87 ? 6.857   3.911   -4.260  1.00 13.80 ? 187 ARG B NE  1 
ATOM   1421 C CZ  . ARG B 1 87 ? 8.103   4.282   -4.544  1.00 14.32 ? 187 ARG B CZ  1 
ATOM   1422 N NH1 . ARG B 1 87 ? 8.474   4.492   -5.802  1.00 14.46 ? 187 ARG B NH1 1 
ATOM   1423 N NH2 . ARG B 1 87 ? 8.983   4.421   -3.566  1.00 14.67 ? 187 ARG B NH2 1 
ATOM   1424 N N   . ASN B 1 88 ? 8.806   -0.978  -7.028  1.00 10.67 ? 188 ASN B N   1 
ATOM   1425 C CA  . ASN B 1 88 ? 9.942   -1.385  -7.845  1.00 12.20 ? 188 ASN B CA  1 
ATOM   1426 C C   . ASN B 1 88 ? 9.503   -2.251  -9.026  1.00 12.82 ? 188 ASN B C   1 
ATOM   1427 O O   . ASN B 1 88 ? 10.083  -2.164  -10.104 1.00 13.11 ? 188 ASN B O   1 
ATOM   1428 C CB  . ASN B 1 88 ? 11.005  -2.110  -7.004  1.00 13.10 ? 188 ASN B CB  1 
ATOM   1429 C CG  . ASN B 1 88 ? 10.584  -3.506  -6.587  1.00 12.98 ? 188 ASN B CG  1 
ATOM   1430 O OD1 . ASN B 1 88 ? 9.542   -3.698  -5.954  1.00 12.36 ? 188 ASN B OD1 1 
ATOM   1431 N ND2 . ASN B 1 88 ? 11.401  -4.495  -6.939  1.00 12.98 ? 188 ASN B ND2 1 
ATOM   1432 N N   . LEU B 1 89 ? 8.470   -3.069  -8.839  1.00 12.38 ? 189 LEU B N   1 
ATOM   1433 C CA  . LEU B 1 89 ? 7.994   -3.911  -9.933  1.00 12.72 ? 189 LEU B CA  1 
ATOM   1434 C C   . LEU B 1 89 ? 6.775   -3.311  -10.623 1.00 12.84 ? 189 LEU B C   1 
ATOM   1435 O O   . LEU B 1 89 ? 6.530   -3.569  -11.799 1.00 13.36 ? 189 LEU B O   1 
ATOM   1436 C CB  . LEU B 1 89 ? 7.672   -5.325  -9.435  1.00 13.17 ? 189 LEU B CB  1 
ATOM   1437 C CG  . LEU B 1 89 ? 8.871   -6.080  -8.846  1.00 14.63 ? 189 LEU B CG  1 
ATOM   1438 C CD1 . LEU B 1 89 ? 8.461   -7.498  -8.493  1.00 15.64 ? 189 LEU B CD1 1 
ATOM   1439 C CD2 . LEU B 1 89 ? 10.024  -6.089  -9.843  1.00 15.55 ? 189 LEU B CD2 1 
ATOM   1440 N N   . LEU B 1 90 ? 6.001   -2.515  -9.895  1.00 12.69 ? 190 LEU B N   1 
ATOM   1441 C CA  . LEU B 1 90 ? 4.837   -1.884  -10.493 1.00 12.98 ? 190 LEU B CA  1 
ATOM   1442 C C   . LEU B 1 90 ? 5.296   -0.989  -11.648 1.00 14.06 ? 190 LEU B C   1 
ATOM   1443 O O   . LEU B 1 90 ? 4.627   -0.899  -12.677 1.00 14.22 ? 190 LEU B O   1 
ATOM   1444 C CB  . LEU B 1 90 ? 4.077   -1.065  -9.447  1.00 13.20 ? 190 LEU B CB  1 
ATOM   1445 C CG  . LEU B 1 90 ? 3.348   -1.905  -8.389  1.00 12.57 ? 190 LEU B CG  1 
ATOM   1446 C CD1 . LEU B 1 90 ? 2.685   -1.000  -7.375  1.00 12.38 ? 190 LEU B CD1 1 
ATOM   1447 C CD2 . LEU B 1 90 ? 2.312   -2.790  -9.071  1.00 13.57 ? 190 LEU B CD2 1 
ATOM   1448 N N   . THR B 1 91 ? 6.449   -0.346  -11.484 1.00 14.51 ? 191 THR B N   1 
ATOM   1449 C CA  . THR B 1 91 ? 6.971   0.519   -12.538 1.00 15.19 ? 191 THR B CA  1 
ATOM   1450 C C   . THR B 1 91 ? 7.423   -0.294  -13.746 1.00 15.41 ? 191 THR B C   1 
ATOM   1451 O O   . THR B 1 91 ? 7.350   0.176   -14.882 1.00 14.52 ? 191 THR B O   1 
ATOM   1452 C CB  . THR B 1 91 ? 8.159   1.378   -12.049 1.00 15.62 ? 191 THR B CB  1 
ATOM   1453 O OG1 . THR B 1 91 ? 9.152   0.539   -11.446 1.00 16.14 ? 191 THR B OG1 1 
ATOM   1454 C CG2 . THR B 1 91 ? 7.688   2.419   -11.049 1.00 16.13 ? 191 THR B CG2 1 
ATOM   1455 N N   . GLN B 1 92 ? 7.884   -1.518  -13.510 1.00 15.35 ? 192 GLN B N   1 
ATOM   1456 C CA  . GLN B 1 92 ? 8.329   -2.357  -14.615 1.00 16.41 ? 192 GLN B CA  1 
ATOM   1457 C C   . GLN B 1 92 ? 7.180   -2.781  -15.512 1.00 17.11 ? 192 GLN B C   1 
ATOM   1458 O O   . GLN B 1 92 ? 7.369   -3.002  -16.708 1.00 18.20 ? 192 GLN B O   1 
ATOM   1459 C CB  . GLN B 1 92 ? 9.059   -3.601  -14.098 1.00 16.40 ? 192 GLN B CB  1 
ATOM   1460 C CG  . GLN B 1 92 ? 10.486  -3.334  -13.683 1.00 16.65 ? 192 GLN B CG  1 
ATOM   1461 C CD  . GLN B 1 92 ? 11.302  -4.602  -13.571 1.00 16.05 ? 192 GLN B CD  1 
ATOM   1462 O OE1 . GLN B 1 92 ? 11.095  -5.557  -14.326 1.00 16.43 ? 192 GLN B OE1 1 
ATOM   1463 N NE2 . GLN B 1 92 ? 12.251  -4.612  -12.647 1.00 16.68 ? 192 GLN B NE2 1 
ATOM   1464 N N   . ILE B 1 93 ? 5.984   -2.895  -14.948 1.00 16.76 ? 193 ILE B N   1 
ATOM   1465 C CA  . ILE B 1 93 ? 4.840   -3.298  -15.748 1.00 17.57 ? 193 ILE B CA  1 
ATOM   1466 C C   . ILE B 1 93 ? 4.036   -2.098  -16.239 1.00 17.06 ? 193 ILE B C   1 
ATOM   1467 O O   . ILE B 1 93 ? 2.984   -2.256  -16.856 1.00 18.13 ? 193 ILE B O   1 
ATOM   1468 C CB  . ILE B 1 93 ? 3.919   -4.257  -14.975 1.00 17.68 ? 193 ILE B CB  1 
ATOM   1469 C CG1 . ILE B 1 93 ? 3.417   -3.591  -13.696 1.00 18.74 ? 193 ILE B CG1 1 
ATOM   1470 C CG2 . ILE B 1 93 ? 4.671   -5.537  -14.647 1.00 18.39 ? 193 ILE B CG2 1 
ATOM   1471 C CD1 . ILE B 1 93 ? 2.359   -4.399  -12.981 1.00 20.24 ? 193 ILE B CD1 1 
ATOM   1472 N N   . GLY B 1 94 ? 4.537   -0.900  -15.957 1.00 17.31 ? 194 GLY B N   1 
ATOM   1473 C CA  . GLY B 1 94 ? 3.875   0.313   -16.412 1.00 17.44 ? 194 GLY B CA  1 
ATOM   1474 C C   . GLY B 1 94 ? 2.596   0.671   -15.686 1.00 17.46 ? 194 GLY B C   1 
ATOM   1475 O O   . GLY B 1 94 ? 1.692   1.279   -16.261 1.00 17.50 ? 194 GLY B O   1 
ATOM   1476 N N   . CYS B 1 95 ? 2.525   0.309   -14.413 1.00 16.89 ? 195 CYS B N   1 
ATOM   1477 C CA  . CYS B 1 95 ? 1.344   0.583   -13.611 1.00 17.21 ? 195 CYS B CA  1 
ATOM   1478 C C   . CYS B 1 95 ? 1.295   2.024   -13.106 1.00 17.08 ? 195 CYS B C   1 
ATOM   1479 O O   . CYS B 1 95 ? 2.288   2.554   -12.605 1.00 17.98 ? 195 CYS B O   1 
ATOM   1480 C CB  . CYS B 1 95 ? 1.305   -0.384  -12.424 1.00 18.39 ? 195 CYS B CB  1 
ATOM   1481 S SG  . CYS B 1 95 ? -0.189  -0.271  -11.452 1.00 21.21 ? 195 CYS B SG  1 
ATOM   1482 N N   . THR B 1 96 ? 0.138   2.662   -13.254 1.00 16.31 ? 196 THR B N   1 
ATOM   1483 C CA  . THR B 1 96 ? -0.047  4.028   -12.782 1.00 16.38 ? 196 THR B CA  1 
ATOM   1484 C C   . THR B 1 96 ? -1.359  4.133   -12.016 1.00 16.58 ? 196 THR B C   1 
ATOM   1485 O O   . THR B 1 96 ? -2.231  3.271   -12.141 1.00 16.64 ? 196 THR B O   1 
ATOM   1486 C CB  . THR B 1 96 ? -0.097  5.055   -13.950 1.00 16.78 ? 196 THR B CB  1 
ATOM   1487 O OG1 . THR B 1 96 ? -1.204  4.754   -14.810 1.00 16.49 ? 196 THR B OG1 1 
ATOM   1488 C CG2 . THR B 1 96 ? 1.194   5.024   -14.749 1.00 17.25 ? 196 THR B CG2 1 
ATOM   1489 N N   . LEU B 1 97 ? -1.477  5.184   -11.212 1.00 16.42 ? 197 LEU B N   1 
ATOM   1490 C CA  . LEU B 1 97 ? -2.690  5.461   -10.454 1.00 17.64 ? 197 LEU B CA  1 
ATOM   1491 C C   . LEU B 1 97 ? -3.407  6.544   -11.240 1.00 17.35 ? 197 LEU B C   1 
ATOM   1492 O O   . LEU B 1 97 ? -2.776  7.500   -11.688 1.00 18.36 ? 197 LEU B O   1 
ATOM   1493 C CB  . LEU B 1 97 ? -2.358  5.992   -9.061  1.00 17.84 ? 197 LEU B CB  1 
ATOM   1494 C CG  . LEU B 1 97 ? -2.017  4.967   -7.985  1.00 18.18 ? 197 LEU B CG  1 
ATOM   1495 C CD1 . LEU B 1 97 ? -1.575  5.687   -6.722  1.00 18.59 ? 197 LEU B CD1 1 
ATOM   1496 C CD2 . LEU B 1 97 ? -3.239  4.106   -7.708  1.00 18.62 ? 197 LEU B CD2 1 
ATOM   1497 N N   . ASN B 1 98 ? -4.717  6.401   -11.402 1.00 18.19 ? 198 ASN B N   1 
ATOM   1498 C CA  . ASN B 1 98 ? -5.494  7.371   -12.164 1.00 19.15 ? 198 ASN B CA  1 
ATOM   1499 C C   . ASN B 1 98 ? -6.812  7.755   -11.510 1.00 19.86 ? 198 ASN B C   1 
ATOM   1500 O O   . ASN B 1 98 ? -7.472  6.928   -10.881 1.00 18.89 ? 198 ASN B O   1 
ATOM   1501 C CB  . ASN B 1 98 ? -5.788  6.807   -13.555 1.00 19.58 ? 198 ASN B CB  1 
ATOM   1502 C CG  . ASN B 1 98 ? -4.530  6.525   -14.344 1.00 21.17 ? 198 ASN B CG  1 
ATOM   1503 O OD1 . ASN B 1 98 ? -4.012  7.396   -15.039 1.00 22.87 ? 198 ASN B OD1 1 
ATOM   1504 N ND2 . ASN B 1 98 ? -4.020  5.310   -14.222 1.00 21.30 ? 198 ASN B ND2 1 
ATOM   1505 N N   . PHE B 1 99 ? -7.182  9.022   -11.667 1.00 21.11 ? 199 PHE B N   1 
ATOM   1506 C CA  . PHE B 1 99 ? -8.448  9.533   -11.147 1.00 22.84 ? 199 PHE B CA  1 
ATOM   1507 C C   . PHE B 1 99 ? -8.735  10.919  -11.712 1.00 23.33 ? 199 PHE B C   1 
ATOM   1508 O O   . PHE B 1 99 ? -9.889  11.379  -11.607 1.00 23.57 ? 199 PHE B O   1 
ATOM   1509 C CB  . PHE B 1 99 ? -8.465  9.566   -9.610  1.00 23.59 ? 199 PHE B CB  1 
ATOM   1510 C CG  . PHE B 1 99 ? -7.418  10.448  -8.990  1.00 24.46 ? 199 PHE B CG  1 
ATOM   1511 C CD1 . PHE B 1 99 ? -6.146  9.955   -8.717  1.00 25.18 ? 199 PHE B CD1 1 
ATOM   1512 C CD2 . PHE B 1 99 ? -7.718  11.760  -8.634  1.00 25.12 ? 199 PHE B CD2 1 
ATOM   1513 C CE1 . PHE B 1 99 ? -5.189  10.754  -8.091  1.00 25.24 ? 199 PHE B CE1 1 
ATOM   1514 C CE2 . PHE B 1 99 ? -6.769  12.566  -8.010  1.00 25.50 ? 199 PHE B CE2 1 
ATOM   1515 C CZ  . PHE B 1 99 ? -5.502  12.060  -7.737  1.00 25.51 ? 199 PHE B CZ  1 
ATOM   1516 O OXT . PHE B 1 99 ? -7.798  11.530  -12.259 1.00 24.76 ? 199 PHE B OXT 1 
HETATM 1517 C C01 . BEG C 2 .  ? -0.702  -5.425  3.763   1.00 16.71 ? 501 BEG A C01 1 
HETATM 1518 C C02 . BEG C 2 .  ? -2.038  -5.826  3.501   1.00 17.16 ? 501 BEG A C02 1 
HETATM 1519 C C03 . BEG C 2 .  ? -2.816  -6.559  4.427   1.00 18.56 ? 501 BEG A C03 1 
HETATM 1520 C C04 . BEG C 2 .  ? -2.253  -6.922  5.674   1.00 17.81 ? 501 BEG A C04 1 
HETATM 1521 C C05 . BEG C 2 .  ? -0.921  -6.548  5.969   1.00 17.98 ? 501 BEG A C05 1 
HETATM 1522 C C06 . BEG C 2 .  ? -0.157  -5.813  5.025   1.00 17.88 ? 501 BEG A C06 1 
HETATM 1523 C C07 . BEG C 2 .  ? 3.596   2.919   4.809   1.00 19.56 ? 501 BEG A C07 1 
HETATM 1524 C C08 . BEG C 2 .  ? 4.088   2.704   6.133   1.00 20.75 ? 501 BEG A C08 1 
HETATM 1525 C C09 . BEG C 2 .  ? 5.387   3.097   6.542   1.00 20.57 ? 501 BEG A C09 1 
HETATM 1526 C C10 . BEG C 2 .  ? 6.244   3.740   5.615   1.00 20.37 ? 501 BEG A C10 1 
HETATM 1527 C C11 . BEG C 2 .  ? 5.784   3.980   4.298   1.00 20.47 ? 501 BEG A C11 1 
HETATM 1528 C C12 . BEG C 2 .  ? 4.481   3.575   3.906   1.00 20.23 ? 501 BEG A C12 1 
HETATM 1529 C C13 . BEG C 2 .  ? 2.231   2.363   4.401   1.00 19.50 ? 501 BEG A C13 1 
HETATM 1530 O O14 . BEG C 2 .  ? 2.111   0.950   4.571   1.00 18.69 ? 501 BEG A O14 1 
HETATM 1531 C C23 . BEG C 2 .  ? 0.037   -4.552  2.753   1.00 17.57 ? 501 BEG A C23 1 
HETATM 1532 O O22 . BEG C 2 .  ? 0.706   -3.441  3.344   1.00 17.43 ? 501 BEG A O22 1 
HETATM 1533 C C15 . BEG C 2 .  ? 2.730   0.211   3.510   1.00 16.68 ? 501 BEG A C15 1 
HETATM 1534 C C16 . BEG C 2 .  ? 2.036   -1.117  3.336   1.00 17.37 ? 501 BEG A C16 1 
HETATM 1535 C C17 . BEG C 2 .  ? 0.565   -0.978  3.134   1.00 17.54 ? 501 BEG A C17 1 
HETATM 1536 O O24 . BEG C 2 .  ? 0.428   -0.690  1.749   1.00 17.08 ? 501 BEG A O24 1 
HETATM 1537 C C18 . BEG C 2 .  ? -0.143  -2.284  3.521   1.00 16.43 ? 501 BEG A C18 1 
HETATM 1538 C C19 . BEG C 2 .  ? -0.732  -2.303  4.926   1.00 15.74 ? 501 BEG A C19 1 
HETATM 1539 O O20 . BEG C 2 .  ? -0.034  -2.220  5.934   1.00 15.85 ? 501 BEG A O20 1 
HETATM 1540 N N21 . BEG C 2 .  ? -2.101  -2.460  5.013   1.00 13.93 ? 501 BEG A N21 1 
HETATM 1541 C C25 . BEG C 2 .  ? 4.103   -0.223  3.954   1.00 15.73 ? 501 BEG A C25 1 
HETATM 1542 O O26 . BEG C 2 .  ? 4.278   -0.820  5.011   1.00 16.50 ? 501 BEG A O26 1 
HETATM 1543 N N27 . BEG C 2 .  ? 5.162   0.094   3.128   1.00 13.98 ? 501 BEG A N27 1 
HETATM 1544 C C28 . BEG C 2 .  ? 6.539   -0.256  3.414   1.00 13.60 ? 501 BEG A C28 1 
HETATM 1545 C C29 . BEG C 2 .  ? 7.005   -1.468  2.655   1.00 14.30 ? 501 BEG A C29 1 
HETATM 1546 C C30 . BEG C 2 .  ? 8.359   -1.343  2.272   1.00 14.91 ? 501 BEG A C30 1 
HETATM 1547 C C31 . BEG C 2 .  ? 6.277   -2.631  2.297   1.00 14.61 ? 501 BEG A C31 1 
HETATM 1548 C C32 . BEG C 2 .  ? 6.924   -3.668  1.561   1.00 15.46 ? 501 BEG A C32 1 
HETATM 1549 C C33 . BEG C 2 .  ? 8.290   -3.532  1.187   1.00 15.55 ? 501 BEG A C33 1 
HETATM 1550 C C34 . BEG C 2 .  ? 7.608   0.777   3.012   1.00 13.85 ? 501 BEG A C34 1 
HETATM 1551 O O35 . BEG C 2 .  ? 7.157   1.406   1.821   1.00 13.10 ? 501 BEG A O35 1 
HETATM 1552 C C36 . BEG C 2 .  ? 9.019   -2.363  1.541   1.00 15.32 ? 501 BEG A C36 1 
HETATM 1553 C C37 . BEG C 2 .  ? 8.903   -0.029  2.741   1.00 14.18 ? 501 BEG A C37 1 
HETATM 1554 C C38 . BEG C 2 .  ? -2.876  -2.511  6.242   1.00 14.18 ? 501 BEG A C38 1 
HETATM 1555 C C39 . BEG C 2 .  ? -3.478  -1.185  6.628   1.00 14.71 ? 501 BEG A C39 1 
HETATM 1556 C C40 . BEG C 2 .  ? -4.766  -1.353  7.198   1.00 15.26 ? 501 BEG A C40 1 
HETATM 1557 C C41 . BEG C 2 .  ? -2.940  0.122   6.484   1.00 15.21 ? 501 BEG A C41 1 
HETATM 1558 C C42 . BEG C 2 .  ? -3.699  1.250   6.921   1.00 16.49 ? 501 BEG A C42 1 
HETATM 1559 C C43 . BEG C 2 .  ? -4.990  1.063   7.494   1.00 16.60 ? 501 BEG A C43 1 
HETATM 1560 C C44 . BEG C 2 .  ? -4.138  -3.400  6.194   1.00 14.38 ? 501 BEG A C44 1 
HETATM 1561 O O45 . BEG C 2 .  ? -4.671  -3.295  4.882   1.00 12.28 ? 501 BEG A O45 1 
HETATM 1562 C C46 . BEG C 2 .  ? -5.533  -0.242  7.637   1.00 16.17 ? 501 BEG A C46 1 
HETATM 1563 C C47 . BEG C 2 .  ? -5.127  -2.808  7.229   1.00 14.54 ? 501 BEG A C47 1 
HETATM 1564 O O   . HOH D 3 .  ? -15.303 4.302   4.982   1.00 11.87 ? 301 HOH A O   1 
HETATM 1565 O O   . HOH D 3 .  ? -5.769  -3.210  -0.130  1.00 18.70 ? 303 HOH A O   1 
HETATM 1566 O O   . HOH D 3 .  ? -17.573 10.089  -0.731  1.00 19.30 ? 312 HOH A O   1 
HETATM 1567 O O   . HOH D 3 .  ? -13.761 4.011   -7.805  1.00 20.12 ? 313 HOH A O   1 
HETATM 1568 O O   . HOH D 3 .  ? -10.505 4.233   7.581   1.00 19.95 ? 318 HOH A O   1 
HETATM 1569 O O   . HOH D 3 .  ? -4.943  -4.674  2.015   1.00 24.14 ? 319 HOH A O   1 
HETATM 1570 O O   . HOH D 3 .  ? -9.823  6.115   -12.806 1.00 23.89 ? 320 HOH A O   1 
HETATM 1571 O O   . HOH D 3 .  ? -17.100 11.341  -3.189  1.00 25.49 ? 321 HOH A O   1 
HETATM 1572 O O   . HOH D 3 .  ? 4.123   8.333   17.845  1.00 53.69 ? 322 HOH A O   1 
HETATM 1573 O O   . HOH D 3 .  ? 6.624   9.204   -10.103 1.00 26.10 ? 323 HOH A O   1 
HETATM 1574 O O   . HOH D 3 .  ? -14.631 1.812   -0.539  1.00 22.32 ? 326 HOH A O   1 
HETATM 1575 O O   . HOH D 3 .  ? -15.680 15.925  8.758   1.00 28.82 ? 327 HOH A O   1 
HETATM 1576 O O   . HOH D 3 .  ? -5.958  -4.953  10.323  1.00 25.14 ? 329 HOH A O   1 
HETATM 1577 O O   . HOH D 3 .  ? -12.835 -0.005  -0.517  1.00 30.71 ? 337 HOH A O   1 
HETATM 1578 O O   . HOH D 3 .  ? 1.185   10.222  15.562  1.00 29.01 ? 338 HOH A O   1 
HETATM 1579 O O   . HOH D 3 .  ? -4.187  -6.310  8.710   1.00 23.13 ? 339 HOH A O   1 
HETATM 1580 O O   . HOH D 3 .  ? -16.419 5.364   15.314  1.00 38.92 ? 340 HOH A O   1 
HETATM 1581 O O   . HOH D 3 .  ? 9.832   8.489   -3.308  1.00 28.24 ? 345 HOH A O   1 
HETATM 1582 O O   . HOH D 3 .  ? 4.377   9.208   -7.527  1.00 33.33 ? 346 HOH A O   1 
HETATM 1583 O O   . HOH D 3 .  ? -12.560 20.634  1.772   1.00 45.30 ? 350 HOH A O   1 
HETATM 1584 O O   . HOH D 3 .  ? -13.004 5.743   -12.297 1.00 41.51 ? 352 HOH A O   1 
HETATM 1585 O O   . HOH D 3 .  ? 6.028   11.084  10.803  1.00 61.29 ? 354 HOH A O   1 
HETATM 1586 O O   . HOH D 3 .  ? 1.929   16.132  6.537   1.00 36.77 ? 355 HOH A O   1 
HETATM 1587 O O   . HOH D 3 .  ? 2.451   -1.918  6.850   1.00 12.85 ? 356 HOH A O   1 
HETATM 1588 O O   . HOH D 3 .  ? 1.468   9.499   18.236  1.00 30.23 ? 358 HOH A O   1 
HETATM 1589 O O   . HOH D 3 .  ? -0.172  0.826   19.233  1.00 27.39 ? 359 HOH A O   1 
HETATM 1590 O O   . HOH D 3 .  ? -15.513 16.670  11.980  1.00 60.46 ? 360 HOH A O   1 
HETATM 1591 O O   . HOH D 3 .  ? 5.940   4.039   0.749   1.00 32.46 ? 361 HOH A O   1 
HETATM 1592 O O   . HOH D 3 .  ? 1.690   -6.319  16.972  1.00 37.23 ? 364 HOH A O   1 
HETATM 1593 O O   . HOH D 3 .  ? -14.223 1.926   6.234   1.00 35.39 ? 365 HOH A O   1 
HETATM 1594 O O   . HOH D 3 .  ? -8.267  -3.379  8.752   1.00 48.20 ? 368 HOH A O   1 
HETATM 1595 O O   . HOH D 3 .  ? 4.916   -8.484  9.659   1.00 33.28 ? 369 HOH A O   1 
HETATM 1596 O O   . HOH D 3 .  ? -15.573 10.273  -8.339  1.00 36.40 ? 371 HOH A O   1 
HETATM 1597 O O   . HOH D 3 .  ? -17.128 8.959   14.556  1.00 36.02 ? 372 HOH A O   1 
HETATM 1598 O O   . HOH D 3 .  ? -1.752  17.184  -4.071  1.00 39.50 ? 373 HOH A O   1 
HETATM 1599 O O   . HOH D 3 .  ? 6.907   9.605   2.406   1.00 37.93 ? 381 HOH A O   1 
HETATM 1600 O O   . HOH D 3 .  ? -1.631  13.809  -14.818 1.00 40.29 ? 382 HOH A O   1 
HETATM 1601 O O   . HOH D 3 .  ? -12.873 13.338  19.541  1.00 47.46 ? 385 HOH A O   1 
HETATM 1602 O O   . HOH D 3 .  ? -17.405 0.897   -0.022  1.00 34.21 ? 391 HOH A O   1 
HETATM 1603 O O   . HOH D 3 .  ? -17.763 6.522   7.784   1.00 30.32 ? 394 HOH A O   1 
HETATM 1604 O O   . HOH D 3 .  ? -11.881 -0.887  2.434   1.00 29.04 ? 396 HOH A O   1 
HETATM 1605 O O   . HOH D 3 .  ? 2.818   11.717  5.648   1.00 32.03 ? 398 HOH A O   1 
HETATM 1606 O O   . HOH D 3 .  ? -5.000  7.469   18.442  1.00 32.59 ? 399 HOH A O   1 
HETATM 1607 O O   . HOH D 3 .  ? -6.919  18.379  -1.274  1.00 38.37 ? 403 HOH A O   1 
HETATM 1608 O O   . HOH D 3 .  ? 1.910   10.939  -15.453 1.00 46.89 ? 406 HOH A O   1 
HETATM 1609 O O   . HOH D 3 .  ? 5.423   -5.140  16.790  1.00 50.11 ? 407 HOH A O   1 
HETATM 1610 O O   . HOH D 3 .  ? -14.058 -1.406  19.448  1.00 33.68 ? 408 HOH A O   1 
HETATM 1611 O O   . HOH D 3 .  ? 11.999  4.290   -8.767  1.00 42.09 ? 409 HOH A O   1 
HETATM 1612 O O   . HOH D 3 .  ? 7.795   -5.183  14.053  1.00 37.61 ? 416 HOH A O   1 
HETATM 1613 O O   . HOH D 3 .  ? -12.561 0.963   9.917   1.00 39.28 ? 418 HOH A O   1 
HETATM 1614 O O   . HOH D 3 .  ? -20.012 6.669   14.514  1.00 46.64 ? 421 HOH A O   1 
HETATM 1615 O O   . HOH D 3 .  ? -12.665 17.582  7.408   1.00 34.00 ? 426 HOH A O   1 
HETATM 1616 O O   . HOH D 3 .  ? -11.839 18.755  4.546   1.00 35.47 ? 430 HOH A O   1 
HETATM 1617 O O   . HOH D 3 .  ? -6.610  -8.194  11.310  1.00 36.17 ? 433 HOH A O   1 
HETATM 1618 O O   . HOH D 3 .  ? 2.977   9.107   13.809  1.00 37.66 ? 434 HOH A O   1 
HETATM 1619 O O   . HOH E 3 .  ? 13.989  -3.995  -8.652  1.00 13.59 ? 302 HOH B O   1 
HETATM 1620 O O   . HOH E 3 .  ? 5.191   3.933   -2.077  1.00 16.95 ? 304 HOH B O   1 
HETATM 1621 O O   . HOH E 3 .  ? -16.059 2.660   -9.793  1.00 19.41 ? 305 HOH B O   1 
HETATM 1622 O O   . HOH E 3 .  ? -11.647 2.275   -7.328  1.00 15.77 ? 306 HOH B O   1 
HETATM 1623 O O   . HOH E 3 .  ? -12.605 -3.716  -6.986  1.00 21.33 ? 307 HOH B O   1 
HETATM 1624 O O   . HOH E 3 .  ? 16.557  -6.785  -13.768 1.00 18.78 ? 308 HOH B O   1 
HETATM 1625 O O   . HOH E 3 .  ? 4.517   4.181   -12.857 1.00 23.63 ? 309 HOH B O   1 
HETATM 1626 O O   . HOH E 3 .  ? 17.451  -6.876  -9.052  1.00 19.80 ? 310 HOH B O   1 
HETATM 1627 O O   . HOH E 3 .  ? 11.878  -5.471  -3.702  1.00 15.48 ? 311 HOH B O   1 
HETATM 1628 O O   . HOH E 3 .  ? 10.939  -17.117 -11.133 1.00 23.94 ? 314 HOH B O   1 
HETATM 1629 O O   . HOH E 3 .  ? 12.972  -2.365  -10.743 1.00 29.08 ? 315 HOH B O   1 
HETATM 1630 O O   . HOH E 3 .  ? -12.947 -3.951  0.655   1.00 45.34 ? 316 HOH B O   1 
HETATM 1631 O O   . HOH E 3 .  ? -0.853  -12.865 -0.587  1.00 22.09 ? 317 HOH B O   1 
HETATM 1632 O O   . HOH E 3 .  ? 4.195   -14.739 6.318   1.00 30.88 ? 324 HOH B O   1 
HETATM 1633 O O   . HOH E 3 .  ? 11.458  1.512   -10.340 1.00 30.83 ? 325 HOH B O   1 
HETATM 1634 O O   . HOH E 3 .  ? 18.539  -7.008  8.427   1.00 35.57 ? 328 HOH B O   1 
HETATM 1635 O O   . HOH E 3 .  ? 25.037  -12.037 -0.344  1.00 25.98 ? 330 HOH B O   1 
HETATM 1636 O O   . HOH E 3 .  ? 6.295   -16.196 5.615   1.00 31.57 ? 331 HOH B O   1 
HETATM 1637 O O   . HOH E 3 .  ? -9.289  -4.554  -6.669  1.00 26.65 ? 332 HOH B O   1 
HETATM 1638 O O   . HOH E 3 .  ? -0.609  2.954   -16.933 1.00 27.87 ? 333 HOH B O   1 
HETATM 1639 O O   . HOH E 3 .  ? 10.956  1.548   -5.405  1.00 28.89 ? 334 HOH B O   1 
HETATM 1640 O O   . HOH E 3 .  ? -5.675  -10.449 0.724   1.00 39.79 ? 335 HOH B O   1 
HETATM 1641 O O   . HOH E 3 .  ? 20.867  -10.011 -2.987  1.00 29.81 ? 336 HOH B O   1 
HETATM 1642 O O   . HOH E 3 .  ? 18.965  -14.382 -9.247  1.00 43.05 ? 341 HOH B O   1 
HETATM 1643 O O   . HOH E 3 .  ? -3.601  -12.531 0.017   1.00 28.33 ? 342 HOH B O   1 
HETATM 1644 O O   . HOH E 3 .  ? 8.517   -18.925 -12.989 1.00 34.49 ? 343 HOH B O   1 
HETATM 1645 O O   . HOH E 3 .  ? 2.348   -17.278 -0.854  1.00 27.53 ? 344 HOH B O   1 
HETATM 1646 O O   . HOH E 3 .  ? -2.695  -13.765 -14.547 1.00 56.12 ? 347 HOH B O   1 
HETATM 1647 O O   . HOH E 3 .  ? 7.868   1.500   10.673  1.00 27.88 ? 348 HOH B O   1 
HETATM 1648 O O   . HOH E 3 .  ? 11.622  0.456   5.298   1.00 29.36 ? 349 HOH B O   1 
HETATM 1649 O O   . HOH E 3 .  ? -17.797 -3.650  -5.985  1.00 50.81 ? 351 HOH B O   1 
HETATM 1650 O O   . HOH E 3 .  ? 14.621  -25.449 -1.532  1.00 50.94 ? 353 HOH B O   1 
HETATM 1651 O O   . HOH E 3 .  ? -0.602  -17.139 -2.616  1.00 26.51 ? 357 HOH B O   1 
HETATM 1652 O O   . HOH E 3 .  ? 1.064   -13.880 -13.943 1.00 30.26 ? 362 HOH B O   1 
HETATM 1653 O O   . HOH E 3 .  ? 5.600   -10.703 10.879  1.00 35.91 ? 363 HOH B O   1 
HETATM 1654 O O   . HOH E 3 .  ? -11.228 -3.830  -11.068 1.00 36.54 ? 367 HOH B O   1 
HETATM 1655 O O   . HOH E 3 .  ? 15.546  -3.632  -2.047  1.00 34.26 ? 370 HOH B O   1 
HETATM 1656 O O   . HOH E 3 .  ? 6.392   -0.093  16.950  1.00 51.97 ? 374 HOH B O   1 
HETATM 1657 O O   . HOH E 3 .  ? 1.223   0.984   -19.050 1.00 50.80 ? 375 HOH B O   1 
HETATM 1658 O O   . HOH E 3 .  ? 10.129  2.505   -8.157  1.00 34.12 ? 376 HOH B O   1 
HETATM 1659 O O   . HOH E 3 .  ? 20.737  -3.577  5.034   1.00 48.41 ? 377 HOH B O   1 
HETATM 1660 O O   . HOH E 3 .  ? -5.582  -8.594  6.852   1.00 45.22 ? 378 HOH B O   1 
HETATM 1661 O O   . HOH E 3 .  ? 5.684   -16.444 -1.198  1.00 26.26 ? 379 HOH B O   1 
HETATM 1662 O O   . HOH E 3 .  ? 8.035   -16.354 -13.491 1.00 40.70 ? 380 HOH B O   1 
HETATM 1663 O O   . HOH E 3 .  ? -15.041 -4.838  -7.307  1.00 45.00 ? 383 HOH B O   1 
HETATM 1664 O O   . HOH E 3 .  ? -12.173 10.620  -10.646 1.00 34.66 ? 384 HOH B O   1 
HETATM 1665 O O   . HOH E 3 .  ? 12.198  3.050   -3.142  1.00 46.29 ? 386 HOH B O   1 
HETATM 1666 O O   . HOH E 3 .  ? -2.669  -12.040 6.485   1.00 40.95 ? 387 HOH B O   1 
HETATM 1667 O O   . HOH E 3 .  ? 10.688  -15.703 6.888   1.00 60.03 ? 388 HOH B O   1 
HETATM 1668 O O   . HOH E 3 .  ? 8.844   -0.541  16.420  1.00 45.88 ? 389 HOH B O   1 
HETATM 1669 O O   . HOH E 3 .  ? 9.055   3.544   8.790   1.00 37.82 ? 390 HOH B O   1 
HETATM 1670 O O   . HOH E 3 .  ? -11.232 -7.301  -0.513  1.00 26.10 ? 392 HOH B O   1 
HETATM 1671 O O   . HOH E 3 .  ? 14.618  -16.006 -11.281 1.00 29.17 ? 393 HOH B O   1 
HETATM 1672 O O   . HOH E 3 .  ? -6.246  -14.181 -10.539 1.00 52.20 ? 395 HOH B O   1 
HETATM 1673 O O   . HOH E 3 .  ? 11.660  -9.927  11.505  1.00 32.94 ? 397 HOH B O   1 
HETATM 1674 O O   . HOH E 3 .  ? 23.338  -14.812 -6.223  1.00 41.95 ? 400 HOH B O   1 
HETATM 1675 O O   . HOH E 3 .  ? -9.708  -9.103  -4.138  1.00 27.30 ? 401 HOH B O   1 
HETATM 1676 O O   . HOH E 3 .  ? 9.936   -2.626  15.038  1.00 36.65 ? 402 HOH B O   1 
HETATM 1677 O O   . HOH E 3 .  ? 13.319  -17.868 -9.161  1.00 39.59 ? 404 HOH B O   1 
HETATM 1678 O O   . HOH E 3 .  ? 1.206   -23.393 -8.950  1.00 33.47 ? 405 HOH B O   1 
HETATM 1679 O O   . HOH E 3 .  ? 19.876  -4.839  7.403   1.00 40.60 ? 410 HOH B O   1 
HETATM 1680 O O   . HOH E 3 .  ? -4.348  -12.075 -12.137 1.00 29.80 ? 411 HOH B O   1 
HETATM 1681 O O   . HOH E 3 .  ? 17.830  -9.784  7.027   1.00 27.93 ? 412 HOH B O   1 
HETATM 1682 O O   . HOH E 3 .  ? -9.561  -6.668  -8.051  1.00 40.88 ? 413 HOH B O   1 
HETATM 1683 O O   . HOH E 3 .  ? 20.434  -12.471 -5.283  1.00 30.82 ? 414 HOH B O   1 
HETATM 1684 O O   . HOH E 3 .  ? 20.764  -8.261  9.842   1.00 45.14 ? 415 HOH B O   1 
HETATM 1685 O O   . HOH E 3 .  ? 8.301   -11.722 12.352  1.00 36.09 ? 417 HOH B O   1 
HETATM 1686 O O   . HOH E 3 .  ? 12.895  -12.378 9.334   1.00 44.96 ? 419 HOH B O   1 
HETATM 1687 O O   . HOH E 3 .  ? -9.717  -4.133  -17.249 1.00 45.08 ? 420 HOH B O   1 
HETATM 1688 O O   . HOH E 3 .  ? 17.359  -15.539 -11.288 1.00 45.33 ? 422 HOH B O   1 
HETATM 1689 O O   . HOH E 3 .  ? -5.839  9.576   -15.903 1.00 42.61 ? 423 HOH B O   1 
HETATM 1690 O O   . HOH E 3 .  ? 18.532  -18.790 -0.265  1.00 28.57 ? 424 HOH B O   1 
HETATM 1691 O O   . HOH E 3 .  ? 9.606   2.291   5.791   1.00 36.76 ? 425 HOH B O   1 
HETATM 1692 O O   . HOH E 3 .  ? 1.775   -2.496  -19.104 1.00 33.07 ? 427 HOH B O   1 
HETATM 1693 O O   . HOH E 3 .  ? 5.776   -9.348  -20.428 1.00 38.29 ? 428 HOH B O   1 
HETATM 1694 O O   . HOH E 3 .  ? 18.215  -2.227  5.528   1.00 33.91 ? 429 HOH B O   1 
HETATM 1695 O O   . HOH E 3 .  ? 20.239  -4.853  1.175   1.00 40.39 ? 431 HOH B O   1 
HETATM 1696 O O   . HOH E 3 .  ? -4.743  -14.200 -1.814  1.00 38.41 ? 432 HOH B O   1 
# 
